data_3OTK
#
_entry.id   3OTK
#
_cell.length_a   73.874
_cell.length_b   101.020
_cell.length_c   136.612
_cell.angle_alpha   90.00
_cell.angle_beta   93.42
_cell.angle_gamma   90.00
#
_symmetry.space_group_name_H-M   'P 1 21 1'
#
loop_
_entity.id
_entity.type
_entity.pdbx_description
1 polymer 'Beta-1,3-galactosyl-O-glycosyl-glycoprotein beta-1,6-N-acetylglucosaminyltransferase'
2 branched 2-acetamido-2-deoxy-beta-D-glucopyranose-(1-4)-[alpha-L-fucopyranose-(1-6)]2-acetamido-2-deoxy-beta-D-glucopyranose
3 non-polymer HEPTANE-1,2,3-TRIOL
4 non-polymer 'SODIUM ION'
5 non-polymer 2-acetamido-2-deoxy-beta-D-glucopyranose
6 non-polymer "URIDINE-5'-DIPHOSPHATE"
7 water water
#
_entity_poly.entity_id   1
_entity_poly.type   'polypeptide(L)'
_entity_poly.pdbx_seq_one_letter_code
;PEFFSVRHLELAGDDPYSNVNCTKILQGDPEEIQKVKLEILTVQFKKRPRWTPHDYINMTRDCASFIRTRKYIVEPLTKE
EVGFPIAYSIVVHHKIEMLDRLLRAIYMPQNFYCIHVDRKAEESFLAAVQGIASCFDNVFVASQLESVVYASWTRVKADL
NCMKDLYRMNANWKYLINLSGMDFPIKTNLEIVRKLKCSTGENNLETEKMPPNKEERWKKRYAVVDGKLTNTGIVKAPPP
LKTPLFSGSAYFVVTREYVGYVLENENIQKLMEWAQDTYSPDEFLWATIQRIPEVPGSFPSSNKYDLSDMNAIARFVKWQ
YFEGDVSNGAPYPPCSGVHVRSVCVFGAGDLSWMLRQHHLFANKFDMDVDPFAIQCLDEHLRRKALENLEH
;
_entity_poly.pdbx_strand_id   A,B,C,D
#
# COMPACT_ATOMS: atom_id res chain seq x y z
N ASN A 19 56.83 45.06 1.31
CA ASN A 19 58.09 44.29 1.07
C ASN A 19 57.87 42.79 0.85
N VAL A 20 56.80 42.25 1.39
CA VAL A 20 56.46 40.85 1.16
C VAL A 20 55.55 40.77 -0.06
N ASN A 21 55.92 39.92 -1.01
CA ASN A 21 55.08 39.70 -2.18
C ASN A 21 54.02 38.65 -1.87
N CYS A 22 52.79 39.09 -1.63
CA CYS A 22 51.73 38.17 -1.21
C CYS A 22 51.33 37.22 -2.34
N THR A 23 51.42 37.70 -3.57
CA THR A 23 51.26 36.83 -4.74
C THR A 23 52.22 35.63 -4.73
N LYS A 24 53.48 35.85 -4.40
CA LYS A 24 54.43 34.73 -4.34
C LYS A 24 54.08 33.82 -3.16
N ILE A 25 53.71 34.43 -2.05
CA ILE A 25 53.29 33.64 -0.89
C ILE A 25 52.11 32.71 -1.21
N LEU A 26 51.06 33.26 -1.83
CA LEU A 26 49.88 32.47 -2.17
C LEU A 26 50.12 31.40 -3.22
N GLN A 27 51.16 31.57 -4.04
CA GLN A 27 51.55 30.53 -4.98
C GLN A 27 52.44 29.49 -4.33
N GLY A 28 53.02 29.83 -3.18
CA GLY A 28 53.83 28.88 -2.41
C GLY A 28 55.31 28.95 -2.73
N ASP A 29 55.78 30.11 -3.18
CA ASP A 29 57.19 30.32 -3.51
C ASP A 29 58.05 30.15 -2.27
N PRO A 30 58.89 29.11 -2.25
CA PRO A 30 59.77 28.80 -1.12
C PRO A 30 60.68 29.97 -0.71
N GLU A 31 61.17 30.73 -1.69
CA GLU A 31 62.04 31.87 -1.38
C GLU A 31 61.29 32.97 -0.64
N GLU A 32 60.10 33.33 -1.12
CA GLU A 32 59.31 34.35 -0.44
C GLU A 32 58.90 33.89 0.96
N ILE A 33 58.57 32.60 1.07
CA ILE A 33 58.20 32.01 2.35
C ILE A 33 59.37 32.06 3.31
N GLN A 34 60.54 31.61 2.83
CA GLN A 34 61.74 31.71 3.64
C GLN A 34 61.98 33.16 4.07
N LYS A 35 61.72 34.10 3.18
CA LYS A 35 61.95 35.50 3.51
C LYS A 35 61.08 35.95 4.65
N VAL A 36 59.83 35.49 4.68
CA VAL A 36 58.93 35.77 5.80
C VAL A 36 59.45 35.11 7.07
N LYS A 37 59.81 33.84 6.98
CA LYS A 37 60.35 33.12 8.14
C LYS A 37 61.54 33.84 8.79
N LEU A 38 62.39 34.43 7.97
CA LEU A 38 63.57 35.13 8.48
C LEU A 38 63.19 36.46 9.09
N GLU A 39 62.27 37.18 8.46
CA GLU A 39 61.83 38.47 8.97
C GLU A 39 61.20 38.33 10.37
N ILE A 40 60.47 37.24 10.56
CA ILE A 40 59.79 36.94 11.83
C ILE A 40 60.79 36.80 12.97
N LEU A 41 62.01 36.42 12.62
CA LEU A 41 63.05 36.15 13.63
C LEU A 41 63.77 37.41 14.12
N THR A 42 63.67 38.50 13.36
CA THR A 42 64.39 39.73 13.69
C THR A 42 63.95 40.38 14.99
N VAL A 43 64.89 41.06 15.65
CA VAL A 43 64.61 41.89 16.82
C VAL A 43 63.62 43.02 16.49
N GLN A 44 63.82 43.63 15.32
CA GLN A 44 62.95 44.69 14.83
C GLN A 44 61.48 44.24 14.64
N PHE A 45 61.28 42.98 14.28
CA PHE A 45 59.93 42.50 14.07
C PHE A 45 59.21 42.30 15.39
N LYS A 46 59.90 41.73 16.37
CA LYS A 46 59.25 41.40 17.63
C LYS A 46 58.98 42.62 18.50
N LYS A 47 59.57 43.74 18.13
CA LYS A 47 59.38 44.97 18.87
C LYS A 47 58.37 45.90 18.19
N ARG A 48 57.86 45.46 17.03
CA ARG A 48 56.90 46.26 16.27
C ARG A 48 55.74 46.78 17.12
N PRO A 49 55.29 48.01 16.86
CA PRO A 49 54.24 48.65 17.68
C PRO A 49 52.87 48.03 17.43
N ARG A 50 52.20 47.64 18.51
CA ARG A 50 50.91 46.95 18.42
C ARG A 50 49.77 47.85 18.92
N TRP A 51 48.59 47.71 18.31
CA TRP A 51 47.39 48.39 18.80
C TRP A 51 46.88 47.79 20.10
N THR A 52 46.40 48.65 20.99
CA THR A 52 45.90 48.23 22.28
C THR A 52 44.38 48.27 22.29
N PRO A 53 43.73 47.55 23.24
CA PRO A 53 42.29 47.69 23.42
C PRO A 53 41.89 49.14 23.68
N HIS A 54 42.77 49.92 24.30
CA HIS A 54 42.51 51.34 24.52
C HIS A 54 42.51 52.13 23.23
N ASP A 55 43.36 51.73 22.28
CA ASP A 55 43.36 52.37 20.96
C ASP A 55 42.00 52.18 20.29
N TYR A 56 41.43 51.00 20.45
CA TYR A 56 40.12 50.67 19.87
C TYR A 56 38.95 51.42 20.50
N ILE A 57 39.01 51.59 21.82
CA ILE A 57 38.03 52.38 22.53
C ILE A 57 38.10 53.80 21.98
N ASN A 58 39.31 54.32 21.86
CA ASN A 58 39.53 55.61 21.22
C ASN A 58 38.98 55.65 19.78
N MET A 59 39.54 54.84 18.87
CA MET A 59 39.16 54.88 17.46
C MET A 59 37.65 54.76 17.20
N THR A 60 36.95 53.99 18.04
CA THR A 60 35.53 53.71 17.78
C THR A 60 34.56 54.78 18.31
N ARG A 61 35.09 55.81 18.96
CA ARG A 61 34.27 56.97 19.34
C ARG A 61 33.67 57.63 18.10
N ASP A 62 34.42 57.58 17.00
CA ASP A 62 34.03 58.19 15.74
C ASP A 62 33.86 57.05 14.76
N CYS A 63 32.65 56.50 14.72
CA CYS A 63 32.39 55.32 13.94
C CYS A 63 32.63 55.55 12.45
N ALA A 64 32.28 56.74 11.96
CA ALA A 64 32.43 57.02 10.54
C ALA A 64 33.90 56.91 10.16
N SER A 65 34.75 57.52 10.97
CA SER A 65 36.18 57.49 10.74
C SER A 65 36.79 56.10 10.94
N PHE A 66 36.26 55.34 11.89
CA PHE A 66 36.74 53.99 12.13
C PHE A 66 36.45 53.10 10.93
N ILE A 67 35.21 53.14 10.46
CA ILE A 67 34.82 52.35 9.30
C ILE A 67 35.66 52.70 8.06
N ARG A 68 35.86 53.98 7.82
CA ARG A 68 36.63 54.46 6.67
C ARG A 68 38.09 54.02 6.78
N THR A 69 38.71 54.39 7.90
CA THR A 69 40.10 54.07 8.21
C THR A 69 40.37 52.57 8.12
N ARG A 70 39.56 51.78 8.79
CA ARG A 70 39.78 50.33 8.79
C ARG A 70 39.24 49.67 7.51
N LYS A 71 38.55 50.43 6.67
CA LYS A 71 38.06 49.91 5.38
C LYS A 71 37.02 48.80 5.48
N TYR A 72 36.04 48.94 6.35
CA TYR A 72 34.94 48.00 6.33
C TYR A 72 34.10 48.24 5.07
N ILE A 73 33.41 47.19 4.64
CA ILE A 73 32.57 47.26 3.47
C ILE A 73 31.17 47.69 3.88
N VAL A 74 30.74 48.85 3.40
CA VAL A 74 29.48 49.45 3.85
C VAL A 74 28.28 49.15 2.96
N GLU A 75 28.53 48.51 1.82
CA GLU A 75 27.46 48.22 0.88
C GLU A 75 27.57 46.80 0.36
N PRO A 76 26.44 46.12 0.18
CA PRO A 76 26.55 44.75 -0.31
C PRO A 76 27.12 44.77 -1.71
N LEU A 77 27.81 43.69 -2.09
CA LEU A 77 28.54 43.66 -3.36
C LEU A 77 27.74 43.11 -4.53
N THR A 78 26.82 42.18 -4.26
CA THR A 78 25.91 41.68 -5.29
C THR A 78 24.52 41.48 -4.71
N LYS A 79 23.53 41.49 -5.59
CA LYS A 79 22.16 41.21 -5.20
C LYS A 79 22.03 39.75 -4.76
N GLU A 80 22.77 38.86 -5.40
CA GLU A 80 22.78 37.48 -4.95
C GLU A 80 23.10 37.41 -3.45
N GLU A 81 24.14 38.13 -3.03
CA GLU A 81 24.53 38.17 -1.62
C GLU A 81 23.48 38.82 -0.72
N VAL A 82 22.93 39.95 -1.15
CA VAL A 82 21.83 40.63 -0.43
C VAL A 82 20.66 39.70 -0.09
N GLY A 83 20.30 38.84 -1.05
CA GLY A 83 19.20 37.90 -0.88
C GLY A 83 19.56 36.65 -0.08
N PHE A 84 20.79 36.57 0.40
CA PHE A 84 21.21 35.42 1.21
C PHE A 84 21.96 35.85 2.48
N PRO A 85 21.21 36.37 3.47
CA PRO A 85 21.86 36.81 4.71
C PRO A 85 22.40 35.66 5.55
N ILE A 86 23.56 35.88 6.16
CA ILE A 86 24.22 34.91 6.99
C ILE A 86 24.36 35.44 8.42
N ALA A 87 24.18 34.57 9.40
CA ALA A 87 24.41 34.96 10.79
C ALA A 87 25.72 34.37 11.28
N TYR A 88 26.41 35.12 12.13
CA TYR A 88 27.63 34.64 12.73
C TYR A 88 27.58 34.76 14.24
N SER A 89 28.07 33.75 14.92
CA SER A 89 28.24 33.77 16.37
C SER A 89 29.74 33.73 16.59
N ILE A 90 30.29 34.67 17.36
CA ILE A 90 31.74 34.76 17.50
C ILE A 90 32.07 34.82 18.98
N VAL A 91 32.80 33.81 19.44
CA VAL A 91 33.12 33.64 20.83
C VAL A 91 34.58 34.07 21.03
N VAL A 92 34.80 35.11 21.85
CA VAL A 92 36.13 35.70 21.95
C VAL A 92 36.46 35.97 23.40
N HIS A 93 37.73 36.20 23.70
CA HIS A 93 38.15 36.49 25.06
C HIS A 93 39.37 37.39 25.13
N HIS A 94 40.09 37.50 24.02
CA HIS A 94 41.28 38.35 24.01
C HIS A 94 41.68 38.71 22.58
N LYS A 95 42.81 39.38 22.42
CA LYS A 95 43.37 39.73 21.10
C LYS A 95 42.44 40.55 20.21
N ILE A 96 42.29 41.82 20.57
CA ILE A 96 41.32 42.70 19.91
C ILE A 96 41.67 42.93 18.45
N GLU A 97 42.97 42.99 18.12
CA GLU A 97 43.39 43.22 16.76
C GLU A 97 43.00 42.08 15.82
N MET A 98 43.09 40.85 16.31
CA MET A 98 42.70 39.69 15.53
CA MET A 98 42.72 39.68 15.52
C MET A 98 41.21 39.68 15.31
N LEU A 99 40.46 40.14 16.31
CA LEU A 99 39.02 40.19 16.19
C LEU A 99 38.60 41.22 15.13
N ASP A 100 39.23 42.38 15.15
CA ASP A 100 38.92 43.44 14.21
C ASP A 100 39.27 42.99 12.78
N ARG A 101 40.43 42.35 12.61
CA ARG A 101 40.80 41.77 11.31
C ARG A 101 39.80 40.72 10.86
N LEU A 102 39.40 39.83 11.76
CA LEU A 102 38.41 38.80 11.40
C LEU A 102 37.08 39.46 11.03
N LEU A 103 36.61 40.37 11.87
CA LEU A 103 35.32 41.02 11.61
C LEU A 103 35.34 41.77 10.28
N ARG A 104 36.40 42.54 10.04
CA ARG A 104 36.52 43.24 8.77
C ARG A 104 36.49 42.31 7.57
N ALA A 105 37.12 41.14 7.69
CA ALA A 105 37.20 40.19 6.59
C ALA A 105 35.84 39.59 6.25
N ILE A 106 34.97 39.45 7.25
CA ILE A 106 33.69 38.79 7.01
C ILE A 106 32.51 39.73 7.01
N TYR A 107 32.74 41.01 7.30
CA TYR A 107 31.66 41.97 7.48
C TYR A 107 30.88 42.32 6.20
N MET A 108 29.57 42.12 6.25
CA MET A 108 28.71 42.66 5.18
C MET A 108 27.49 43.28 5.84
N PRO A 109 26.96 44.36 5.25
CA PRO A 109 25.81 45.03 5.83
C PRO A 109 24.56 44.16 5.95
N GLN A 110 24.43 43.15 5.08
CA GLN A 110 23.23 42.33 5.05
C GLN A 110 23.28 41.14 6.04
N ASN A 111 24.45 40.88 6.62
CA ASN A 111 24.60 39.75 7.55
C ASN A 111 24.35 40.17 9.00
N PHE A 112 24.42 39.24 9.94
CA PHE A 112 24.29 39.54 11.36
C PHE A 112 25.45 38.96 12.15
N TYR A 113 25.91 39.71 13.16
CA TYR A 113 27.07 39.32 13.93
C TYR A 113 26.84 39.48 15.44
N CYS A 114 26.82 38.36 16.15
CA CYS A 114 26.70 38.34 17.60
C CYS A 114 28.06 37.99 18.21
N ILE A 115 28.60 38.86 19.03
CA ILE A 115 29.86 38.58 19.66
C ILE A 115 29.68 38.26 21.14
N HIS A 116 30.13 37.06 21.52
CA HIS A 116 30.15 36.66 22.91
C HIS A 116 31.53 36.94 23.50
N VAL A 117 31.61 37.86 24.45
CA VAL A 117 32.83 38.16 25.13
C VAL A 117 32.83 37.41 26.46
N ASP A 118 33.91 36.70 26.74
CA ASP A 118 34.04 35.93 27.94
C ASP A 118 33.87 36.85 29.14
N ARG A 119 33.07 36.42 30.10
CA ARG A 119 32.80 37.24 31.27
C ARG A 119 34.06 37.54 32.04
N LYS A 120 35.06 36.64 31.95
CA LYS A 120 36.38 36.81 32.59
C LYS A 120 37.35 37.70 31.80
N ALA A 121 36.95 38.16 30.62
CA ALA A 121 37.91 38.93 29.81
C ALA A 121 38.28 40.22 30.55
N GLU A 122 39.36 40.87 30.13
CA GLU A 122 39.76 42.17 30.70
C GLU A 122 38.69 43.20 30.40
N GLU A 123 38.45 44.06 31.38
CA GLU A 123 37.58 45.23 31.22
C GLU A 123 37.83 46.00 29.93
N SER A 124 39.09 46.26 29.61
CA SER A 124 39.40 47.09 28.46
C SER A 124 39.08 46.37 27.14
N PHE A 125 39.30 45.05 27.13
CA PHE A 125 38.92 44.26 25.98
C PHE A 125 37.41 44.29 25.74
N LEU A 126 36.62 44.14 26.80
CA LEU A 126 35.16 44.16 26.68
C LEU A 126 34.67 45.51 26.19
N ALA A 127 35.14 46.59 26.83
CA ALA A 127 34.86 47.93 26.30
C ALA A 127 35.27 48.11 24.84
N ALA A 128 36.36 47.49 24.40
CA ALA A 128 36.77 47.67 23.00
C ALA A 128 35.85 46.93 22.05
N VAL A 129 35.44 45.74 22.47
CA VAL A 129 34.47 45.02 21.68
C VAL A 129 33.15 45.79 21.56
N GLN A 130 32.62 46.30 22.67
CA GLN A 130 31.41 47.14 22.65
C GLN A 130 31.56 48.38 21.75
N GLY A 131 32.76 48.95 21.73
CA GLY A 131 33.06 50.07 20.86
C GLY A 131 32.84 49.67 19.42
N ILE A 132 33.49 48.59 19.00
CA ILE A 132 33.40 48.14 17.62
C ILE A 132 31.97 47.85 17.23
N ALA A 133 31.26 47.17 18.13
CA ALA A 133 29.88 46.80 17.89
C ALA A 133 28.94 48.01 17.72
N SER A 134 29.19 49.05 18.50
CA SER A 134 28.34 50.25 18.48
C SER A 134 28.40 50.94 17.11
N CYS A 135 29.40 50.59 16.30
CA CYS A 135 29.56 51.21 14.99
C CYS A 135 28.68 50.59 13.93
N PHE A 136 28.09 49.43 14.22
CA PHE A 136 27.31 48.71 13.22
C PHE A 136 25.97 48.31 13.79
N ASP A 137 24.92 48.52 13.01
CA ASP A 137 23.57 48.15 13.40
C ASP A 137 23.39 46.63 13.45
N ASN A 138 24.23 45.90 12.72
CA ASN A 138 24.12 44.44 12.66
C ASN A 138 25.24 43.67 13.38
N VAL A 139 26.10 44.37 14.11
CA VAL A 139 27.05 43.74 15.02
C VAL A 139 26.62 44.10 16.43
N PHE A 140 26.68 43.15 17.37
CA PHE A 140 26.27 43.43 18.75
C PHE A 140 26.85 42.39 19.71
N VAL A 141 26.91 42.73 20.99
CA VAL A 141 27.39 41.80 21.99
C VAL A 141 26.22 40.93 22.48
N ALA A 142 26.48 39.62 22.64
CA ALA A 142 25.47 38.70 23.17
C ALA A 142 24.83 39.26 24.45
N SER A 143 23.50 39.08 24.55
CA SER A 143 22.71 39.69 25.62
C SER A 143 22.98 38.99 26.97
N GLN A 144 23.62 37.83 26.92
CA GLN A 144 24.03 37.17 28.15
C GLN A 144 25.45 36.64 27.97
N LEU A 145 26.34 37.00 28.88
CA LEU A 145 27.72 36.50 28.80
C LEU A 145 27.97 35.34 29.77
N GLU A 146 28.70 34.34 29.31
CA GLU A 146 29.16 33.26 30.18
C GLU A 146 30.63 33.47 30.53
N SER A 147 31.00 33.01 31.72
CA SER A 147 32.40 32.80 32.03
C SER A 147 32.79 31.45 31.44
N VAL A 148 33.65 31.46 30.43
CA VAL A 148 33.94 30.26 29.67
C VAL A 148 35.16 29.57 30.21
N VAL A 149 34.94 28.39 30.78
CA VAL A 149 36.01 27.51 31.21
C VAL A 149 36.37 26.52 30.09
N TYR A 150 37.64 26.49 29.72
CA TYR A 150 38.13 25.56 28.72
C TYR A 150 37.52 24.15 28.85
N ALA A 151 37.00 23.64 27.73
CA ALA A 151 36.43 22.29 27.65
C ALA A 151 35.12 22.09 28.40
N SER A 152 34.53 23.16 28.90
CA SER A 152 33.29 22.99 29.64
C SER A 152 32.07 23.35 28.80
N TRP A 153 30.91 22.96 29.31
CA TRP A 153 29.62 23.37 28.81
C TRP A 153 29.49 24.88 28.48
N THR A 154 30.08 25.75 29.28
CA THR A 154 29.91 27.19 29.07
C THR A 154 30.41 27.66 27.69
N ARG A 155 31.33 26.91 27.09
CA ARG A 155 31.71 27.17 25.71
C ARG A 155 30.53 26.91 24.75
N VAL A 156 29.80 25.82 24.93
CA VAL A 156 28.60 25.57 24.15
C VAL A 156 27.54 26.64 24.47
N LYS A 157 27.41 26.92 25.75
CA LYS A 157 26.43 27.88 26.25
C LYS A 157 26.60 29.25 25.60
N ALA A 158 27.85 29.68 25.40
CA ALA A 158 28.15 30.92 24.68
C ALA A 158 27.52 30.97 23.27
N ASP A 159 27.67 29.88 22.51
CA ASP A 159 27.05 29.78 21.17
C ASP A 159 25.52 29.76 21.22
N LEU A 160 24.95 29.06 22.19
CA LEU A 160 23.51 29.05 22.41
C LEU A 160 22.96 30.43 22.74
N ASN A 161 23.70 31.19 23.53
CA ASN A 161 23.31 32.55 23.84
C ASN A 161 23.22 33.38 22.57
N CYS A 162 24.23 33.29 21.73
CA CYS A 162 24.21 34.01 20.45
C CYS A 162 23.11 33.49 19.53
N MET A 163 22.91 32.18 19.51
CA MET A 163 21.84 31.59 18.72
C MET A 163 20.50 32.16 19.13
N LYS A 164 20.30 32.31 20.43
CA LYS A 164 19.05 32.84 20.93
C LYS A 164 18.84 34.28 20.42
N ASP A 165 19.84 35.14 20.58
CA ASP A 165 19.75 36.53 20.15
C ASP A 165 19.50 36.64 18.66
N LEU A 166 20.23 35.86 17.87
CA LEU A 166 20.15 35.98 16.43
C LEU A 166 18.81 35.50 15.89
N TYR A 167 18.28 34.43 16.46
CA TYR A 167 17.03 33.86 15.98
C TYR A 167 15.87 34.82 16.25
N ARG A 168 15.97 35.55 17.36
CA ARG A 168 14.97 36.53 17.73
C ARG A 168 15.05 37.83 16.94
N MET A 169 16.26 38.24 16.57
CA MET A 169 16.42 39.58 16.04
C MET A 169 15.98 39.69 14.58
N ASN A 170 16.13 38.61 13.83
CA ASN A 170 15.76 38.62 12.41
C ASN A 170 15.25 37.26 11.94
N ALA A 171 14.23 37.29 11.10
CA ALA A 171 13.59 36.07 10.58
C ALA A 171 14.13 35.59 9.24
N ASN A 172 15.03 36.36 8.64
CA ASN A 172 15.35 36.14 7.23
C ASN A 172 16.74 35.58 6.92
N TRP A 173 17.62 35.51 7.91
CA TRP A 173 18.93 34.92 7.68
C TRP A 173 18.83 33.41 7.40
N LYS A 174 19.77 32.89 6.60
CA LYS A 174 19.64 31.54 6.06
C LYS A 174 20.38 30.50 6.89
N TYR A 175 21.61 30.84 7.25
CA TYR A 175 22.52 29.93 7.91
C TYR A 175 23.24 30.66 9.04
N LEU A 176 23.59 29.88 10.07
CA LEU A 176 24.41 30.36 11.16
C LEU A 176 25.76 29.64 11.08
N ILE A 177 26.81 30.42 11.18
CA ILE A 177 28.17 29.91 11.26
C ILE A 177 28.80 30.41 12.57
N ASN A 178 29.34 29.51 13.38
CA ASN A 178 30.00 29.93 14.61
C ASN A 178 31.50 30.04 14.44
N LEU A 179 32.09 31.03 15.10
CA LEU A 179 33.49 31.29 14.91
C LEU A 179 34.10 31.59 16.24
N SER A 180 35.43 31.56 16.28
CA SER A 180 36.16 32.00 17.46
C SER A 180 37.02 33.18 17.04
N GLY A 181 37.63 33.83 18.01
CA GLY A 181 38.44 35.00 17.74
C GLY A 181 39.67 34.81 16.86
N MET A 182 40.16 33.59 16.74
CA MET A 182 41.39 33.30 15.97
C MET A 182 41.13 32.55 14.66
N ASP A 183 39.89 32.60 14.17
CA ASP A 183 39.53 32.07 12.87
C ASP A 183 39.77 33.10 11.76
N PHE A 184 39.81 32.62 10.53
CA PHE A 184 39.83 33.53 9.40
C PHE A 184 39.19 32.83 8.20
N PRO A 185 38.40 33.56 7.42
CA PRO A 185 37.77 33.01 6.24
C PRO A 185 38.82 32.65 5.19
N ILE A 186 38.53 31.63 4.39
CA ILE A 186 39.39 31.34 3.25
C ILE A 186 38.60 31.40 1.94
N LYS A 187 37.36 31.88 2.06
CA LYS A 187 36.46 32.12 0.93
C LYS A 187 35.84 33.50 1.11
N THR A 188 35.40 34.12 0.02
CA THR A 188 34.69 35.39 0.07
C THR A 188 33.24 35.16 0.51
N ASN A 189 32.54 36.22 0.90
CA ASN A 189 31.16 36.10 1.28
C ASN A 189 30.40 35.45 0.13
N LEU A 190 30.61 35.97 -1.07
CA LEU A 190 29.96 35.42 -2.25
C LEU A 190 30.19 33.91 -2.39
N GLU A 191 31.43 33.46 -2.27
CA GLU A 191 31.71 32.01 -2.37
C GLU A 191 31.05 31.20 -1.23
N ILE A 192 31.02 31.76 -0.02
CA ILE A 192 30.31 31.15 1.09
C ILE A 192 28.82 31.01 0.79
N VAL A 193 28.19 32.10 0.38
CA VAL A 193 26.79 32.06 -0.02
C VAL A 193 26.55 31.00 -1.09
N ARG A 194 27.43 30.90 -2.09
CA ARG A 194 27.22 29.86 -3.12
C ARG A 194 27.35 28.44 -2.57
N LYS A 195 28.34 28.20 -1.71
CA LYS A 195 28.44 26.88 -1.08
C LYS A 195 27.20 26.60 -0.24
N LEU A 196 26.68 27.61 0.46
CA LEU A 196 25.49 27.39 1.28
C LEU A 196 24.24 27.11 0.42
N LYS A 197 24.12 27.81 -0.70
CA LYS A 197 23.04 27.53 -1.65
C LYS A 197 23.13 26.10 -2.14
N CYS A 198 24.36 25.64 -2.37
CA CYS A 198 24.63 24.25 -2.73
C CYS A 198 24.25 23.23 -1.68
N SER A 199 24.12 23.66 -0.42
CA SER A 199 23.78 22.74 0.66
C SER A 199 22.29 22.38 0.65
N THR A 200 21.46 23.20 -0.01
CA THR A 200 20.00 22.96 -0.12
C THR A 200 19.28 22.67 1.21
N GLY A 201 19.36 23.58 2.17
CA GLY A 201 18.66 23.39 3.44
C GLY A 201 19.27 22.32 4.34
N GLU A 202 20.39 21.75 3.94
CA GLU A 202 21.06 20.79 4.78
C GLU A 202 22.14 21.47 5.62
N ASN A 203 22.39 20.94 6.81
CA ASN A 203 23.47 21.46 7.64
C ASN A 203 24.80 20.85 7.20
N ASN A 204 25.90 21.41 7.69
CA ASN A 204 27.19 20.84 7.36
C ASN A 204 28.11 21.03 8.54
N LEU A 205 28.64 19.92 9.02
CA LEU A 205 29.54 19.88 10.16
C LEU A 205 30.06 18.44 10.25
N GLU A 206 31.13 18.26 11.01
CA GLU A 206 31.75 16.97 11.16
C GLU A 206 30.85 16.12 12.03
N THR A 207 30.67 14.86 11.68
CA THR A 207 29.84 14.00 12.50
C THR A 207 30.16 12.56 12.16
N GLU A 208 30.94 11.92 13.03
CA GLU A 208 31.46 10.61 12.76
C GLU A 208 31.18 9.69 13.93
N LYS A 209 31.22 8.38 13.66
CA LYS A 209 31.11 7.38 14.71
C LYS A 209 32.03 7.73 15.87
N MET A 210 31.46 7.69 17.07
CA MET A 210 32.18 7.89 18.31
C MET A 210 33.31 6.87 18.46
N PRO A 211 34.57 7.35 18.41
CA PRO A 211 35.74 6.51 18.70
C PRO A 211 35.78 6.18 20.21
N PRO A 212 36.19 4.94 20.55
CA PRO A 212 36.16 4.48 21.95
C PRO A 212 37.07 5.26 22.91
N ASN A 213 38.03 6.00 22.37
CA ASN A 213 38.95 6.76 23.21
C ASN A 213 38.42 8.15 23.58
N LYS A 214 37.21 8.46 23.11
CA LYS A 214 36.59 9.72 23.49
C LYS A 214 35.47 9.54 24.51
N GLU A 215 35.26 8.30 24.93
CA GLU A 215 34.16 7.92 25.82
C GLU A 215 34.34 8.38 27.26
N GLU A 216 35.56 8.36 27.76
CA GLU A 216 35.82 8.83 29.11
C GLU A 216 35.36 10.29 29.28
N ARG A 217 35.18 10.98 28.16
CA ARG A 217 34.79 12.38 28.20
C ARG A 217 33.31 12.61 28.54
N TRP A 218 32.49 11.60 28.32
CA TRP A 218 31.08 11.76 28.64
C TRP A 218 30.47 10.62 29.45
N LYS A 219 31.23 9.55 29.68
CA LYS A 219 30.80 8.50 30.61
C LYS A 219 30.93 8.94 32.07
N LYS A 220 31.74 9.96 32.32
CA LYS A 220 31.99 10.43 33.68
C LYS A 220 31.57 11.89 33.87
N ARG A 221 31.26 12.22 35.12
CA ARG A 221 30.86 13.56 35.51
C ARG A 221 32.08 14.42 35.74
N TYR A 222 32.11 15.60 35.13
CA TYR A 222 33.21 16.54 35.30
C TYR A 222 32.74 17.75 36.08
N ALA A 223 33.61 18.35 36.90
CA ALA A 223 33.26 19.56 37.65
C ALA A 223 34.37 20.59 37.52
N VAL A 224 34.01 21.86 37.72
CA VAL A 224 35.02 22.90 37.65
C VAL A 224 35.66 23.07 39.04
N VAL A 225 36.95 22.75 39.14
CA VAL A 225 37.66 22.94 40.40
C VAL A 225 38.81 23.94 40.24
N ASP A 226 38.63 25.14 40.80
CA ASP A 226 39.64 26.19 40.72
C ASP A 226 39.86 26.60 39.28
N GLY A 227 38.81 27.12 38.66
CA GLY A 227 38.86 27.53 37.26
C GLY A 227 39.21 26.43 36.26
N LYS A 228 39.23 25.18 36.71
CA LYS A 228 39.66 24.06 35.87
C LYS A 228 38.69 22.86 35.89
N LEU A 229 38.30 22.42 34.71
CA LEU A 229 37.36 21.31 34.59
C LEU A 229 38.05 19.97 34.90
N THR A 230 37.56 19.26 35.91
CA THR A 230 38.18 18.01 36.37
C THR A 230 37.23 16.81 36.45
N ASN A 231 37.77 15.62 36.21
CA ASN A 231 37.01 14.36 36.29
C ASN A 231 36.69 14.01 37.74
N THR A 232 35.41 13.89 38.08
CA THR A 232 35.06 13.56 39.46
C THR A 232 35.11 12.05 39.69
N GLY A 233 34.96 11.31 38.60
CA GLY A 233 34.98 9.85 38.66
C GLY A 233 33.59 9.28 38.80
N ILE A 234 32.60 10.16 38.98
CA ILE A 234 31.21 9.70 39.06
C ILE A 234 30.68 9.28 37.69
N VAL A 235 30.06 8.09 37.67
CA VAL A 235 29.53 7.50 36.45
C VAL A 235 28.19 8.13 36.03
N LYS A 236 28.12 8.65 34.79
CA LYS A 236 26.90 9.29 34.31
C LYS A 236 25.85 8.28 33.89
N ALA A 237 24.58 8.67 33.90
CA ALA A 237 23.52 7.85 33.27
C ALA A 237 23.73 7.83 31.75
N PRO A 238 23.17 6.82 31.06
CA PRO A 238 23.30 6.86 29.59
C PRO A 238 22.64 8.13 29.06
N PRO A 239 23.06 8.59 27.86
CA PRO A 239 22.41 9.77 27.28
C PRO A 239 20.94 9.49 27.00
N PRO A 240 20.10 10.53 27.12
CA PRO A 240 18.66 10.43 26.84
C PRO A 240 18.36 10.48 25.33
N LEU A 241 18.72 9.42 24.61
CA LEU A 241 18.74 9.43 23.15
C LEU A 241 18.54 8.05 22.60
N LYS A 242 17.72 7.92 21.56
CA LYS A 242 17.58 6.66 20.84
C LYS A 242 18.79 6.40 19.94
N THR A 243 19.26 7.46 19.28
CA THR A 243 20.37 7.38 18.35
C THR A 243 21.71 7.42 19.10
N PRO A 244 22.82 7.01 18.45
CA PRO A 244 24.13 7.08 19.08
C PRO A 244 24.65 8.51 19.31
N LEU A 245 25.63 8.65 20.19
CA LEU A 245 26.42 9.86 20.21
C LEU A 245 27.37 9.82 19.00
N PHE A 246 27.61 10.99 18.39
CA PHE A 246 28.59 11.11 17.31
C PHE A 246 29.66 12.10 17.70
N SER A 247 30.81 11.96 17.06
CA SER A 247 31.96 12.75 17.39
C SER A 247 32.13 13.78 16.30
N GLY A 248 32.55 14.99 16.68
CA GLY A 248 32.77 16.05 15.72
C GLY A 248 33.65 17.17 16.24
N SER A 249 33.23 18.41 15.99
CA SER A 249 33.95 19.58 16.41
C SER A 249 32.98 20.64 16.94
N ALA A 250 33.55 21.66 17.59
CA ALA A 250 32.77 22.79 18.06
C ALA A 250 32.14 23.59 16.91
N TYR A 251 32.64 23.42 15.69
CA TYR A 251 32.33 24.31 14.57
C TYR A 251 31.33 23.76 13.55
N PHE A 252 30.34 24.59 13.23
CA PHE A 252 29.23 24.12 12.42
C PHE A 252 28.70 25.20 11.48
N VAL A 253 27.95 24.72 10.50
CA VAL A 253 27.23 25.57 9.59
C VAL A 253 25.84 24.98 9.59
N VAL A 254 24.86 25.75 10.06
CA VAL A 254 23.51 25.22 10.24
C VAL A 254 22.43 26.20 9.84
N THR A 255 21.29 25.69 9.39
CA THR A 255 20.21 26.54 8.94
C THR A 255 19.51 27.21 10.09
N ARG A 256 18.74 28.24 9.78
CA ARG A 256 17.96 28.96 10.79
C ARG A 256 16.91 28.05 11.39
N GLU A 257 16.34 27.19 10.57
CA GLU A 257 15.33 26.24 11.04
C GLU A 257 15.92 25.26 12.06
N TYR A 258 17.17 24.87 11.85
CA TYR A 258 17.85 24.04 12.83
C TYR A 258 18.04 24.78 14.16
N VAL A 259 18.39 26.05 14.07
CA VAL A 259 18.59 26.85 15.27
C VAL A 259 17.29 26.88 16.05
N GLY A 260 16.20 27.11 15.35
CA GLY A 260 14.89 27.22 15.97
C GLY A 260 14.48 25.96 16.69
N TYR A 261 14.72 24.82 16.04
CA TYR A 261 14.31 23.54 16.54
C TYR A 261 15.06 23.22 17.81
N VAL A 262 16.36 23.45 17.75
CA VAL A 262 17.27 23.17 18.84
C VAL A 262 17.01 24.06 20.06
N LEU A 263 16.51 25.26 19.82
CA LEU A 263 16.22 26.16 20.92
C LEU A 263 14.93 25.79 21.64
N GLU A 264 14.02 25.11 20.93
CA GLU A 264 12.68 24.85 21.47
C GLU A 264 12.33 23.37 21.70
N ASN A 265 13.01 22.45 21.01
CA ASN A 265 12.65 21.06 21.13
C ASN A 265 13.01 20.50 22.50
N GLU A 266 12.07 19.79 23.12
CA GLU A 266 12.26 19.24 24.48
C GLU A 266 13.29 18.11 24.62
N ASN A 267 13.30 17.16 23.70
CA ASN A 267 14.32 16.12 23.71
C ASN A 267 15.74 16.68 23.54
N ILE A 268 15.90 17.68 22.66
CA ILE A 268 17.21 18.29 22.48
C ILE A 268 17.63 18.92 23.80
N GLN A 269 16.69 19.56 24.47
CA GLN A 269 16.92 20.21 25.76
C GLN A 269 17.43 19.24 26.83
N LYS A 270 16.80 18.08 26.93
CA LYS A 270 17.24 17.03 27.84
C LYS A 270 18.65 16.57 27.51
N LEU A 271 18.95 16.44 26.22
CA LEU A 271 20.28 16.03 25.81
C LEU A 271 21.29 17.07 26.27
N MET A 272 20.94 18.33 26.10
CA MET A 272 21.84 19.40 26.50
C MET A 272 22.04 19.41 28.00
N GLU A 273 20.97 19.25 28.76
CA GLU A 273 21.10 19.31 30.20
C GLU A 273 21.96 18.14 30.68
N TRP A 274 21.78 16.99 30.06
CA TRP A 274 22.61 15.83 30.33
C TRP A 274 24.09 16.12 29.98
N ALA A 275 24.32 16.95 28.96
CA ALA A 275 25.67 17.20 28.45
C ALA A 275 26.49 18.19 29.28
N GLN A 276 25.83 18.86 30.22
CA GLN A 276 26.46 19.97 30.97
C GLN A 276 27.67 19.59 31.81
N ASP A 277 27.68 18.37 32.32
CA ASP A 277 28.77 17.94 33.18
C ASP A 277 29.75 16.96 32.48
N THR A 278 29.82 17.07 31.15
CA THR A 278 30.78 16.29 30.38
C THR A 278 32.02 17.12 29.96
N TYR A 279 33.04 16.42 29.45
CA TYR A 279 34.25 17.07 28.98
C TYR A 279 34.12 17.44 27.49
N SER A 280 34.36 18.69 27.14
N SER A 280 34.39 18.70 27.19
CA SER A 280 34.30 19.13 25.75
CA SER A 280 34.26 19.28 25.86
C SER A 280 32.99 18.77 25.03
C SER A 280 33.03 18.80 25.10
N PRO A 281 31.84 19.07 25.65
CA PRO A 281 30.55 18.66 25.03
C PRO A 281 30.37 19.18 23.60
N ASP A 282 31.07 20.26 23.28
CA ASP A 282 31.03 20.91 21.97
C ASP A 282 31.49 19.97 20.87
N GLU A 283 32.25 18.95 21.26
CA GLU A 283 32.82 18.04 20.31
C GLU A 283 32.02 16.77 20.08
N PHE A 284 30.82 16.69 20.67
CA PHE A 284 29.88 15.64 20.33
C PHE A 284 28.45 16.14 20.22
N LEU A 285 28.14 17.23 20.92
CA LEU A 285 26.77 17.73 20.96
C LEU A 285 26.19 18.01 19.59
N TRP A 286 26.91 18.79 18.80
CA TRP A 286 26.42 19.18 17.47
C TRP A 286 26.47 18.00 16.52
N ALA A 287 27.59 17.27 16.55
CA ALA A 287 27.74 16.05 15.75
C ALA A 287 26.57 15.09 15.99
N THR A 288 26.08 15.05 17.23
CA THR A 288 25.06 14.08 17.61
C THR A 288 23.65 14.50 17.19
N ILE A 289 23.33 15.76 17.43
CA ILE A 289 22.01 16.32 17.13
C ILE A 289 21.76 16.26 15.63
N GLN A 290 22.85 16.36 14.86
CA GLN A 290 22.81 16.38 13.40
C GLN A 290 22.36 15.03 12.84
N ARG A 291 22.28 14.02 13.71
CA ARG A 291 21.86 12.68 13.24
C ARG A 291 20.56 12.22 13.88
N ILE A 292 19.84 13.13 14.52
CA ILE A 292 18.53 12.80 15.11
C ILE A 292 17.44 13.03 14.06
N PRO A 293 16.59 12.03 13.82
CA PRO A 293 15.53 12.27 12.81
C PRO A 293 14.58 13.41 13.23
N GLU A 294 14.12 14.19 12.26
CA GLU A 294 13.26 15.34 12.55
C GLU A 294 14.03 16.62 12.83
N VAL A 295 15.30 16.53 13.24
CA VAL A 295 16.12 17.74 13.28
C VAL A 295 16.20 18.26 11.84
N PRO A 296 15.80 19.52 11.61
CA PRO A 296 15.91 20.13 10.28
C PRO A 296 17.34 20.10 9.76
N GLY A 297 17.51 19.67 8.52
CA GLY A 297 18.82 19.65 7.89
C GLY A 297 19.74 18.52 8.30
N SER A 298 19.22 17.60 9.13
CA SER A 298 20.00 16.46 9.69
C SER A 298 20.25 15.36 8.65
N PHE A 299 21.19 14.46 8.92
CA PHE A 299 21.41 13.26 8.08
C PHE A 299 20.99 12.04 8.90
N PRO A 300 20.62 10.95 8.22
CA PRO A 300 20.36 9.69 8.90
C PRO A 300 21.58 9.23 9.70
N SER A 301 21.33 8.43 10.73
CA SER A 301 22.38 7.99 11.64
C SER A 301 23.22 6.86 11.03
N SER A 302 22.73 6.24 9.95
CA SER A 302 23.58 5.31 9.19
C SER A 302 25.00 5.89 9.02
N ASN A 303 26.03 5.07 9.21
CA ASN A 303 27.42 5.54 9.10
C ASN A 303 27.88 5.81 7.68
N LYS A 304 27.06 5.42 6.72
CA LYS A 304 27.26 5.79 5.34
C LYS A 304 27.27 7.32 5.13
N TYR A 305 26.53 8.04 5.98
CA TYR A 305 26.44 9.50 5.88
C TYR A 305 27.48 10.24 6.75
N ASP A 306 28.31 9.50 7.48
CA ASP A 306 29.34 10.17 8.32
C ASP A 306 30.16 11.16 7.50
N LEU A 307 30.45 12.30 8.12
CA LEU A 307 31.25 13.36 7.51
C LEU A 307 32.50 13.63 8.34
N SER A 308 33.67 13.41 7.77
CA SER A 308 34.92 13.73 8.44
C SER A 308 35.17 15.24 8.44
N ASP A 309 36.17 15.69 9.22
CA ASP A 309 36.56 17.10 9.22
C ASP A 309 37.00 17.60 7.84
N MET A 310 37.65 16.73 7.07
CA MET A 310 38.07 17.12 5.69
C MET A 310 36.89 17.16 4.69
N ASN A 311 35.91 16.28 4.87
CA ASN A 311 34.75 16.24 3.95
C ASN A 311 33.64 17.25 4.26
N ALA A 312 33.50 17.62 5.54
CA ALA A 312 32.70 18.79 5.89
C ALA A 312 33.42 20.06 5.45
N ILE A 313 32.68 21.15 5.37
CA ILE A 313 33.19 22.44 4.91
C ILE A 313 33.35 23.44 6.05
N ALA A 314 32.86 23.09 7.24
CA ALA A 314 32.81 24.07 8.32
C ALA A 314 34.16 24.73 8.63
N ARG A 315 35.20 23.93 8.86
CA ARG A 315 36.48 24.49 9.36
C ARG A 315 37.67 23.64 8.92
N PHE A 316 38.67 24.28 8.32
CA PHE A 316 39.93 23.59 8.09
C PHE A 316 40.82 23.79 9.32
N VAL A 317 41.27 22.69 9.90
CA VAL A 317 42.16 22.69 11.06
C VAL A 317 43.22 21.61 10.86
N LYS A 318 44.48 21.93 11.15
CA LYS A 318 45.54 20.92 11.10
C LYS A 318 45.91 20.42 12.50
N TRP A 319 45.76 19.12 12.70
CA TRP A 319 46.19 18.48 13.92
C TRP A 319 47.60 17.92 13.77
N GLN A 320 48.45 18.21 14.75
CA GLN A 320 49.89 17.89 14.69
C GLN A 320 50.18 16.44 14.35
N TYR A 321 49.49 15.52 15.02
CA TYR A 321 49.75 14.10 14.82
C TYR A 321 49.28 13.56 13.46
N PHE A 322 48.46 14.32 12.74
CA PHE A 322 48.03 13.94 11.39
C PHE A 322 48.89 14.50 10.25
N GLU A 323 49.60 15.60 10.51
CA GLU A 323 50.39 16.26 9.46
C GLU A 323 51.42 15.32 8.88
N GLY A 324 51.72 15.50 7.60
CA GLY A 324 52.75 14.69 6.97
C GLY A 324 52.75 14.78 5.46
N ASP A 325 53.25 13.72 4.83
CA ASP A 325 53.38 13.67 3.40
C ASP A 325 52.03 13.31 2.77
N VAL A 326 51.39 14.30 2.14
CA VAL A 326 50.07 14.13 1.57
C VAL A 326 50.02 13.08 0.47
N SER A 327 51.09 12.98 -0.32
CA SER A 327 51.20 11.93 -1.33
C SER A 327 51.51 10.55 -0.72
N ASN A 328 51.49 10.47 0.60
CA ASN A 328 51.83 9.23 1.29
C ASN A 328 50.72 8.84 2.26
N GLY A 329 49.64 9.60 2.26
CA GLY A 329 48.49 9.25 3.09
C GLY A 329 48.12 10.25 4.16
N ALA A 330 48.90 11.32 4.31
CA ALA A 330 48.58 12.36 5.30
C ALA A 330 47.43 13.20 4.78
N PRO A 331 46.49 13.60 5.66
CA PRO A 331 45.35 14.40 5.15
C PRO A 331 45.73 15.81 4.74
N TYR A 332 46.92 16.25 5.16
CA TYR A 332 47.38 17.60 4.86
C TYR A 332 48.83 17.71 5.27
N PRO A 333 49.55 18.70 4.70
CA PRO A 333 51.00 18.86 4.88
C PRO A 333 51.33 19.48 6.22
N PRO A 334 52.60 19.37 6.65
CA PRO A 334 53.02 19.90 7.96
C PRO A 334 52.77 21.40 8.16
N CYS A 335 52.55 21.78 9.41
CA CYS A 335 52.41 23.17 9.81
C CYS A 335 53.64 24.01 9.48
N SER A 336 53.43 25.27 9.07
CA SER A 336 54.55 26.22 8.91
C SER A 336 54.57 27.31 9.97
N GLY A 337 53.56 27.35 10.84
CA GLY A 337 53.58 28.32 11.93
C GLY A 337 54.20 27.68 13.16
N VAL A 338 53.41 27.54 14.20
CA VAL A 338 53.78 26.74 15.36
C VAL A 338 52.55 25.99 15.84
N HIS A 339 52.78 24.98 16.65
CA HIS A 339 51.68 24.27 17.25
C HIS A 339 51.34 24.83 18.62
N VAL A 340 50.05 24.98 18.88
CA VAL A 340 49.57 25.27 20.23
C VAL A 340 48.56 24.19 20.59
N ARG A 341 48.86 23.43 21.63
CA ARG A 341 48.01 22.30 22.03
C ARG A 341 47.65 21.49 20.79
N SER A 342 48.67 21.13 20.02
CA SER A 342 48.54 20.17 18.94
C SER A 342 47.88 20.70 17.66
N VAL A 343 47.41 21.95 17.73
CA VAL A 343 46.74 22.60 16.60
C VAL A 343 47.72 23.53 15.90
N CYS A 344 47.80 23.44 14.58
CA CYS A 344 48.65 24.36 13.85
C CYS A 344 48.10 25.78 13.91
N VAL A 345 48.96 26.71 14.30
CA VAL A 345 48.71 28.12 14.11
C VAL A 345 49.45 28.48 12.82
N PHE A 346 48.71 28.92 11.80
CA PHE A 346 49.24 28.97 10.44
C PHE A 346 50.36 29.97 10.21
N GLY A 347 51.37 29.52 9.47
CA GLY A 347 52.41 30.39 8.97
C GLY A 347 52.05 30.71 7.54
N ALA A 348 52.80 31.62 6.95
CA ALA A 348 52.64 31.97 5.54
C ALA A 348 52.85 30.76 4.64
N GLY A 349 53.65 29.81 5.08
CA GLY A 349 53.93 28.65 4.24
C GLY A 349 52.75 27.71 4.10
N ASP A 350 51.74 27.88 4.98
CA ASP A 350 50.57 26.99 4.95
C ASP A 350 49.52 27.38 3.93
N LEU A 351 49.54 28.65 3.50
CA LEU A 351 48.39 29.27 2.83
C LEU A 351 48.08 28.69 1.46
N SER A 352 49.11 28.48 0.67
CA SER A 352 48.96 27.99 -0.70
C SER A 352 48.09 26.74 -0.79
N TRP A 353 48.39 25.76 0.05
CA TRP A 353 47.70 24.50 -0.01
C TRP A 353 46.31 24.67 0.60
N MET A 354 46.27 25.37 1.73
CA MET A 354 45.02 25.70 2.40
C MET A 354 43.95 26.28 1.47
N LEU A 355 44.34 27.16 0.57
CA LEU A 355 43.39 27.87 -0.28
C LEU A 355 42.72 27.02 -1.37
N ARG A 356 43.33 25.87 -1.70
CA ARG A 356 42.75 24.97 -2.68
C ARG A 356 41.66 24.08 -2.06
N GLN A 357 41.55 24.10 -0.74
CA GLN A 357 40.53 23.32 -0.01
C GLN A 357 39.15 24.00 -0.07
N HIS A 358 38.09 23.26 0.24
CA HIS A 358 36.71 23.73 0.06
C HIS A 358 36.10 24.33 1.33
N HIS A 359 36.84 24.29 2.46
CA HIS A 359 36.25 24.78 3.71
C HIS A 359 36.06 26.29 3.66
N LEU A 360 35.16 26.80 4.48
CA LEU A 360 34.80 28.21 4.51
C LEU A 360 35.78 29.01 5.35
N PHE A 361 36.17 28.46 6.50
CA PHE A 361 37.04 29.14 7.45
C PHE A 361 38.16 28.21 7.85
N ALA A 362 39.24 28.78 8.38
CA ALA A 362 40.37 28.01 8.90
C ALA A 362 40.77 28.48 10.31
N ASN A 363 41.40 27.60 11.07
CA ASN A 363 41.73 27.88 12.45
C ASN A 363 43.02 27.13 12.66
N LYS A 364 44.03 27.70 13.34
CA LYS A 364 44.04 29.00 14.02
C LYS A 364 45.01 29.94 13.32
N PHE A 365 44.72 31.24 13.38
CA PHE A 365 45.71 32.23 12.98
C PHE A 365 46.09 33.06 14.22
N ASP A 366 47.17 33.85 14.13
CA ASP A 366 47.65 34.66 15.25
C ASP A 366 48.61 35.78 14.83
N MET A 367 48.17 37.03 14.97
CA MET A 367 49.00 38.18 14.64
C MET A 367 50.35 38.15 15.39
N ASP A 368 50.38 37.50 16.55
CA ASP A 368 51.62 37.43 17.37
C ASP A 368 52.61 36.43 16.81
N VAL A 369 52.14 35.49 16.01
CA VAL A 369 52.98 34.43 15.48
C VAL A 369 53.36 34.72 14.02
N ASP A 370 52.37 34.88 13.15
CA ASP A 370 52.64 35.22 11.76
C ASP A 370 51.55 36.10 11.18
N PRO A 371 51.72 37.42 11.32
CA PRO A 371 50.78 38.40 10.79
C PRO A 371 50.84 38.47 9.27
N PHE A 372 51.89 37.91 8.68
CA PHE A 372 52.03 37.92 7.22
C PHE A 372 51.05 36.95 6.58
N ALA A 373 50.81 35.82 7.23
CA ALA A 373 49.78 34.91 6.78
C ALA A 373 48.43 35.62 6.68
N ILE A 374 48.05 36.31 7.74
CA ILE A 374 46.77 37.03 7.80
C ILE A 374 46.74 38.13 6.76
N GLN A 375 47.82 38.88 6.65
CA GLN A 375 47.86 39.98 5.71
C GLN A 375 47.63 39.54 4.25
N CYS A 376 48.34 38.49 3.83
CA CYS A 376 48.22 37.99 2.47
C CYS A 376 46.85 37.40 2.20
N LEU A 377 46.32 36.70 3.18
CA LEU A 377 45.01 36.09 3.07
C LEU A 377 43.97 37.21 3.01
N ASP A 378 44.11 38.17 3.91
CA ASP A 378 43.24 39.34 3.95
C ASP A 378 43.18 40.06 2.59
N GLU A 379 44.37 40.40 2.07
CA GLU A 379 44.49 41.06 0.76
C GLU A 379 43.90 40.25 -0.38
N HIS A 380 44.31 38.99 -0.48
CA HIS A 380 43.78 38.11 -1.50
C HIS A 380 42.25 38.09 -1.52
N LEU A 381 41.64 37.95 -0.34
CA LEU A 381 40.17 37.88 -0.27
C LEU A 381 39.49 39.19 -0.67
N ARG A 382 40.03 40.32 -0.21
CA ARG A 382 39.48 41.61 -0.59
C ARG A 382 39.62 41.83 -2.09
N ARG A 383 40.80 41.55 -2.65
CA ARG A 383 40.98 41.64 -4.10
C ARG A 383 40.02 40.71 -4.86
N LYS A 384 39.97 39.46 -4.45
CA LYS A 384 39.07 38.51 -5.09
C LYS A 384 37.60 38.96 -5.03
N ALA A 385 37.18 39.52 -3.91
CA ALA A 385 35.78 39.95 -3.75
C ALA A 385 35.45 41.11 -4.68
N LEU A 386 36.33 42.10 -4.71
CA LEU A 386 36.08 43.30 -5.49
C LEU A 386 36.13 43.07 -7.00
N GLU A 387 35.99 41.82 -7.43
CA GLU A 387 35.82 41.50 -8.85
C GLU A 387 34.35 41.19 -9.15
N ASN B 19 -4.47 6.28 -15.98
CA ASN B 19 -5.45 6.45 -14.86
C ASN B 19 -4.81 6.84 -13.53
N VAL B 20 -3.49 6.66 -13.44
CA VAL B 20 -2.74 6.91 -12.20
C VAL B 20 -2.45 8.39 -11.98
N ASN B 21 -2.62 8.87 -10.74
CA ASN B 21 -2.28 10.26 -10.40
C ASN B 21 -0.81 10.39 -10.00
N CYS B 22 0.01 10.92 -10.89
CA CYS B 22 1.46 10.98 -10.69
C CYS B 22 1.87 11.75 -9.43
N THR B 23 1.28 12.92 -9.23
CA THR B 23 1.71 13.80 -8.16
C THR B 23 1.51 13.16 -6.78
N LYS B 24 0.56 12.23 -6.69
CA LYS B 24 0.33 11.49 -5.44
C LYS B 24 1.41 10.43 -5.20
N ILE B 25 1.82 9.74 -6.27
CA ILE B 25 2.96 8.83 -6.19
C ILE B 25 4.18 9.59 -5.69
N LEU B 26 4.41 10.78 -6.26
CA LEU B 26 5.57 11.60 -5.93
C LEU B 26 5.57 12.08 -4.49
N GLN B 27 4.38 12.22 -3.93
CA GLN B 27 4.25 12.66 -2.55
C GLN B 27 4.25 11.49 -1.57
N GLY B 28 4.24 10.27 -2.10
CA GLY B 28 4.31 9.09 -1.25
C GLY B 28 3.00 8.76 -0.54
N ASP B 29 1.89 9.11 -1.17
CA ASP B 29 0.56 8.77 -0.65
C ASP B 29 0.34 7.26 -0.73
N PRO B 30 0.11 6.60 0.42
CA PRO B 30 -0.02 5.14 0.48
C PRO B 30 -1.23 4.59 -0.30
N GLU B 31 -2.25 5.42 -0.45
CA GLU B 31 -3.46 5.05 -1.16
C GLU B 31 -3.14 4.72 -2.62
N GLU B 32 -2.55 5.68 -3.33
CA GLU B 32 -2.20 5.50 -4.74
C GLU B 32 -1.06 4.48 -4.91
N ILE B 33 -0.22 4.35 -3.90
CA ILE B 33 0.83 3.34 -3.96
C ILE B 33 0.20 1.96 -4.15
N GLN B 34 -0.75 1.60 -3.30
CA GLN B 34 -1.44 0.30 -3.44
C GLN B 34 -2.29 0.21 -4.70
N LYS B 35 -3.00 1.27 -5.04
CA LYS B 35 -3.69 1.32 -6.31
C LYS B 35 -2.79 0.78 -7.41
N VAL B 36 -1.63 1.43 -7.58
CA VAL B 36 -0.62 1.02 -8.57
C VAL B 36 -0.13 -0.41 -8.32
N LYS B 37 0.16 -0.71 -7.06
CA LYS B 37 0.58 -2.06 -6.68
C LYS B 37 -0.31 -3.08 -7.36
N LEU B 38 -1.61 -2.84 -7.32
CA LEU B 38 -2.61 -3.77 -7.83
C LEU B 38 -2.63 -3.87 -9.35
N GLU B 39 -2.50 -2.73 -10.02
CA GLU B 39 -2.45 -2.70 -11.48
C GLU B 39 -1.11 -3.20 -12.06
N ILE B 40 -0.12 -3.35 -11.18
CA ILE B 40 1.21 -3.84 -11.58
C ILE B 40 1.19 -5.21 -12.25
N LEU B 41 0.68 -6.21 -11.56
CA LEU B 41 0.68 -7.57 -12.11
C LEU B 41 -0.05 -7.64 -13.45
N THR B 42 -1.22 -7.00 -13.51
CA THR B 42 -2.04 -7.01 -14.71
C THR B 42 -1.44 -6.11 -15.78
N PRO B 49 1.97 -4.15 -25.86
CA PRO B 49 2.26 -2.94 -26.65
C PRO B 49 3.72 -2.48 -26.50
N ARG B 50 4.53 -2.70 -27.53
CA ARG B 50 5.95 -2.38 -27.48
C ARG B 50 6.54 -2.19 -28.88
N TRP B 51 7.52 -1.31 -29.01
CA TRP B 51 8.22 -1.10 -30.28
C TRP B 51 9.47 -1.95 -30.40
N THR B 52 9.72 -2.44 -31.60
CA THR B 52 10.90 -3.26 -31.85
C THR B 52 12.00 -2.41 -32.49
N PRO B 53 13.25 -2.92 -32.47
CA PRO B 53 14.31 -2.28 -33.22
C PRO B 53 13.88 -1.92 -34.65
N HIS B 54 13.21 -2.86 -35.33
CA HIS B 54 12.75 -2.61 -36.69
C HIS B 54 11.85 -1.39 -36.79
N ASP B 55 10.98 -1.19 -35.79
CA ASP B 55 10.12 -0.01 -35.74
C ASP B 55 10.95 1.27 -35.66
N TYR B 56 11.99 1.26 -34.81
CA TYR B 56 12.88 2.41 -34.66
C TYR B 56 13.67 2.67 -35.93
N ILE B 57 14.17 1.62 -36.56
CA ILE B 57 14.81 1.74 -37.87
C ILE B 57 13.87 2.41 -38.90
N ASN B 58 12.61 2.03 -38.88
CA ASN B 58 11.62 2.64 -39.75
C ASN B 58 11.40 4.11 -39.38
N MET B 59 11.08 4.33 -38.12
CA MET B 59 10.67 5.63 -37.61
C MET B 59 11.75 6.71 -37.79
N THR B 60 13.02 6.34 -37.65
CA THR B 60 14.11 7.33 -37.67
C THR B 60 14.53 7.78 -39.06
N ARG B 61 13.87 7.27 -40.11
CA ARG B 61 14.10 7.73 -41.48
C ARG B 61 13.69 9.18 -41.64
N ASP B 62 12.52 9.52 -41.11
CA ASP B 62 12.08 10.90 -41.02
C ASP B 62 12.40 11.43 -39.62
N CYS B 63 13.54 12.08 -39.46
CA CYS B 63 13.99 12.51 -38.15
C CYS B 63 13.16 13.62 -37.53
N ALA B 64 12.65 14.53 -38.36
CA ALA B 64 11.88 15.66 -37.86
C ALA B 64 10.61 15.21 -37.15
N SER B 65 9.90 14.25 -37.74
CA SER B 65 8.67 13.74 -37.13
C SER B 65 8.93 12.83 -35.93
N PHE B 66 10.08 12.15 -35.94
CA PHE B 66 10.49 11.34 -34.80
C PHE B 66 10.76 12.22 -33.58
N ILE B 67 11.54 13.27 -33.81
CA ILE B 67 11.91 14.17 -32.74
C ILE B 67 10.64 14.77 -32.16
N ARG B 68 9.70 15.05 -33.07
CA ARG B 68 8.44 15.68 -32.73
C ARG B 68 7.47 14.77 -31.97
N THR B 69 7.28 13.54 -32.42
CA THR B 69 6.28 12.69 -31.77
C THR B 69 6.80 12.16 -30.43
N ARG B 70 8.10 11.88 -30.36
CA ARG B 70 8.72 11.42 -29.11
C ARG B 70 9.01 12.58 -28.14
N LYS B 71 8.93 13.81 -28.64
CA LYS B 71 8.97 15.00 -27.78
C LYS B 71 10.33 15.27 -27.14
N TYR B 72 11.39 15.11 -27.91
CA TYR B 72 12.71 15.53 -27.47
C TYR B 72 12.78 17.03 -27.36
N ILE B 73 13.61 17.54 -26.45
CA ILE B 73 13.85 18.97 -26.35
C ILE B 73 15.00 19.34 -27.27
N VAL B 74 14.74 20.20 -28.26
CA VAL B 74 15.78 20.53 -29.26
C VAL B 74 16.27 21.98 -29.23
N GLU B 75 15.89 22.70 -28.19
CA GLU B 75 16.38 24.04 -27.92
C GLU B 75 16.80 24.08 -26.47
N PRO B 76 17.91 24.78 -26.18
CA PRO B 76 18.31 24.97 -24.78
C PRO B 76 17.17 25.64 -24.02
N LEU B 77 17.06 25.32 -22.73
CA LEU B 77 16.02 25.88 -21.90
C LEU B 77 16.45 27.19 -21.25
N THR B 78 17.70 27.23 -20.80
CA THR B 78 18.23 28.42 -20.12
C THR B 78 19.64 28.76 -20.60
N LYS B 79 20.03 30.01 -20.39
CA LYS B 79 21.34 30.48 -20.78
C LYS B 79 22.40 29.82 -19.90
N GLU B 80 22.07 29.67 -18.64
CA GLU B 80 22.90 28.96 -17.68
C GLU B 80 23.26 27.55 -18.16
N GLU B 81 22.29 26.81 -18.69
CA GLU B 81 22.55 25.46 -19.20
C GLU B 81 23.43 25.46 -20.46
N VAL B 82 23.25 26.45 -21.33
CA VAL B 82 24.07 26.56 -22.56
C VAL B 82 25.54 26.78 -22.22
N GLY B 83 25.77 27.49 -21.13
CA GLY B 83 27.12 27.76 -20.68
C GLY B 83 27.77 26.60 -19.96
N PHE B 84 27.02 25.51 -19.74
CA PHE B 84 27.58 24.38 -18.99
C PHE B 84 27.25 23.04 -19.63
N PRO B 85 27.99 22.70 -20.69
CA PRO B 85 27.75 21.48 -21.43
C PRO B 85 28.26 20.25 -20.68
N ILE B 86 27.45 19.20 -20.73
CA ILE B 86 27.74 17.91 -20.10
C ILE B 86 27.91 16.84 -21.18
N ALA B 87 28.82 15.91 -20.93
CA ALA B 87 29.03 14.79 -21.85
C ALA B 87 28.61 13.50 -21.15
N TYR B 88 27.95 12.62 -21.90
CA TYR B 88 27.45 11.38 -21.37
C TYR B 88 28.01 10.20 -22.15
N SER B 89 28.33 9.15 -21.42
CA SER B 89 28.79 7.89 -21.99
C SER B 89 27.76 6.86 -21.56
N ILE B 90 27.05 6.27 -22.53
CA ILE B 90 25.94 5.36 -22.24
C ILE B 90 26.23 3.97 -22.75
N VAL B 91 26.30 2.99 -21.84
CA VAL B 91 26.65 1.63 -22.22
C VAL B 91 25.43 0.72 -22.26
N VAL B 92 25.08 0.23 -23.47
CA VAL B 92 23.83 -0.51 -23.65
C VAL B 92 23.96 -1.79 -24.46
N HIS B 93 22.94 -2.65 -24.42
CA HIS B 93 23.01 -3.90 -25.20
C HIS B 93 21.67 -4.46 -25.66
N HIS B 94 20.57 -4.01 -25.10
CA HIS B 94 19.24 -4.39 -25.58
C HIS B 94 18.20 -3.36 -25.19
N LYS B 95 16.93 -3.69 -25.41
CA LYS B 95 15.82 -2.84 -24.99
C LYS B 95 15.94 -1.44 -25.56
N ILE B 96 15.66 -1.33 -26.86
CA ILE B 96 15.76 -0.09 -27.60
C ILE B 96 14.88 0.99 -27.00
N GLU B 97 13.73 0.57 -26.49
CA GLU B 97 12.74 1.50 -25.97
C GLU B 97 13.20 2.11 -24.65
N MET B 98 13.84 1.33 -23.80
N MET B 98 13.84 1.28 -23.84
CA MET B 98 14.35 1.91 -22.56
CA MET B 98 14.48 1.68 -22.58
C MET B 98 15.59 2.80 -22.79
C MET B 98 15.50 2.79 -22.85
N LEU B 99 16.27 2.61 -23.91
CA LEU B 99 17.33 3.54 -24.30
C LEU B 99 16.74 4.86 -24.81
N ASP B 100 15.70 4.77 -25.64
CA ASP B 100 15.06 5.96 -26.17
C ASP B 100 14.52 6.81 -25.03
N ARG B 101 13.87 6.16 -24.06
CA ARG B 101 13.29 6.86 -22.92
C ARG B 101 14.35 7.54 -22.05
N LEU B 102 15.44 6.81 -21.80
CA LEU B 102 16.56 7.37 -21.07
C LEU B 102 17.16 8.56 -21.81
N LEU B 103 17.39 8.40 -23.11
CA LEU B 103 18.04 9.44 -23.90
C LEU B 103 17.19 10.71 -23.96
N ARG B 104 15.89 10.54 -24.14
CA ARG B 104 14.99 11.68 -24.15
C ARG B 104 15.00 12.43 -22.81
N ALA B 105 15.02 11.68 -21.73
CA ALA B 105 15.02 12.23 -20.38
C ALA B 105 16.22 13.12 -20.14
N ILE B 106 17.38 12.74 -20.70
CA ILE B 106 18.62 13.48 -20.46
C ILE B 106 19.07 14.35 -21.63
N TYR B 107 18.41 14.18 -22.79
CA TYR B 107 18.78 14.93 -24.01
C TYR B 107 18.61 16.47 -23.93
N MET B 108 19.69 17.17 -24.28
CA MET B 108 19.68 18.60 -24.46
C MET B 108 20.62 18.83 -25.64
N PRO B 109 20.28 19.80 -26.53
CA PRO B 109 21.08 20.07 -27.73
C PRO B 109 22.49 20.53 -27.42
N GLN B 110 22.74 21.09 -26.24
CA GLN B 110 24.08 21.59 -25.92
C GLN B 110 25.03 20.54 -25.34
N ASN B 111 24.50 19.37 -25.01
CA ASN B 111 25.31 18.31 -24.41
C ASN B 111 25.88 17.36 -25.45
N PHE B 112 26.61 16.34 -25.02
CA PHE B 112 27.17 15.35 -25.96
C PHE B 112 26.91 13.94 -25.44
N TYR B 113 26.52 13.04 -26.34
CA TYR B 113 26.06 11.70 -25.95
C TYR B 113 26.76 10.66 -26.80
N CYS B 114 27.58 9.81 -26.18
CA CYS B 114 28.24 8.72 -26.89
C CYS B 114 27.57 7.44 -26.41
N ILE B 115 27.04 6.66 -27.35
CA ILE B 115 26.41 5.40 -27.01
C ILE B 115 27.31 4.26 -27.42
N HIS B 116 27.75 3.47 -26.44
CA HIS B 116 28.49 2.24 -26.71
C HIS B 116 27.52 1.05 -26.75
N VAL B 117 27.35 0.51 -27.95
CA VAL B 117 26.49 -0.65 -28.15
C VAL B 117 27.32 -1.96 -28.05
N ASP B 118 26.91 -2.90 -27.22
CA ASP B 118 27.71 -4.11 -27.10
C ASP B 118 27.95 -4.73 -28.48
N ARG B 119 29.22 -5.02 -28.78
CA ARG B 119 29.55 -5.66 -30.06
C ARG B 119 28.74 -6.95 -30.30
N LYS B 120 28.22 -7.58 -29.23
CA LYS B 120 27.46 -8.82 -29.35
C LYS B 120 25.96 -8.58 -29.38
N ALA B 121 25.56 -7.32 -29.58
CA ALA B 121 24.14 -6.99 -29.52
C ALA B 121 23.48 -7.44 -30.81
N GLU B 122 22.16 -7.52 -30.81
CA GLU B 122 21.46 -7.81 -32.04
C GLU B 122 21.77 -6.76 -33.12
N GLU B 123 22.01 -7.25 -34.33
CA GLU B 123 22.33 -6.40 -35.47
C GLU B 123 21.27 -5.32 -35.68
N SER B 124 20.02 -5.70 -35.45
CA SER B 124 18.91 -4.78 -35.58
C SER B 124 18.91 -3.77 -34.44
N PHE B 125 19.39 -4.17 -33.27
CA PHE B 125 19.53 -3.22 -32.15
C PHE B 125 20.54 -2.12 -32.47
N LEU B 126 21.72 -2.50 -32.93
CA LEU B 126 22.72 -1.54 -33.38
C LEU B 126 22.14 -0.58 -34.44
N ALA B 127 21.55 -1.12 -35.51
CA ALA B 127 20.97 -0.28 -36.57
C ALA B 127 19.97 0.74 -36.04
N ALA B 128 19.17 0.31 -35.07
CA ALA B 128 18.16 1.17 -34.43
C ALA B 128 18.81 2.28 -33.60
N VAL B 129 19.84 1.93 -32.83
CA VAL B 129 20.61 2.93 -32.08
C VAL B 129 21.25 3.92 -33.04
N GLN B 130 21.81 3.41 -34.14
CA GLN B 130 22.38 4.31 -35.15
C GLN B 130 21.27 5.15 -35.74
N GLY B 131 20.09 4.56 -35.86
CA GLY B 131 18.94 5.28 -36.37
C GLY B 131 18.60 6.47 -35.48
N ILE B 132 18.42 6.20 -34.18
CA ILE B 132 18.20 7.28 -33.22
C ILE B 132 19.37 8.27 -33.26
N ALA B 133 20.59 7.75 -33.17
CA ALA B 133 21.75 8.63 -33.11
C ALA B 133 21.82 9.58 -34.30
N SER B 134 21.29 9.12 -35.44
CA SER B 134 21.27 9.90 -36.69
C SER B 134 20.41 11.14 -36.63
N CYS B 135 19.45 11.20 -35.72
CA CYS B 135 18.54 12.34 -35.65
C CYS B 135 19.11 13.53 -34.89
N PHE B 136 20.29 13.36 -34.31
CA PHE B 136 20.90 14.40 -33.50
C PHE B 136 22.39 14.51 -33.81
N ASP B 137 22.88 15.71 -34.06
CA ASP B 137 24.31 15.92 -34.35
C ASP B 137 25.19 15.66 -33.13
N ASN B 138 24.62 15.73 -31.93
CA ASN B 138 25.42 15.59 -30.71
C ASN B 138 25.29 14.22 -30.05
N VAL B 139 24.70 13.27 -30.77
CA VAL B 139 24.55 11.91 -30.30
C VAL B 139 25.16 11.01 -31.34
N PHE B 140 26.01 10.09 -30.90
CA PHE B 140 26.65 9.18 -31.82
C PHE B 140 26.95 7.86 -31.13
N VAL B 141 27.23 6.85 -31.96
CA VAL B 141 27.64 5.54 -31.50
C VAL B 141 29.17 5.54 -31.45
N ALA B 142 29.75 4.91 -30.43
CA ALA B 142 31.19 4.97 -30.16
C ALA B 142 32.00 4.36 -31.30
N SER B 143 33.22 4.88 -31.51
CA SER B 143 34.04 4.53 -32.67
C SER B 143 34.65 3.14 -32.54
N GLN B 144 34.75 2.66 -31.30
CA GLN B 144 35.15 1.28 -31.03
C GLN B 144 34.15 0.61 -30.11
N LEU B 145 33.70 -0.57 -30.50
CA LEU B 145 32.71 -1.29 -29.74
C LEU B 145 33.34 -2.55 -29.16
N GLU B 146 33.16 -2.76 -27.86
CA GLU B 146 33.72 -3.93 -27.18
C GLU B 146 32.70 -5.02 -27.11
N SER B 147 33.18 -6.23 -26.85
CA SER B 147 32.31 -7.33 -26.45
C SER B 147 32.36 -7.40 -24.93
N VAL B 148 31.31 -6.89 -24.28
CA VAL B 148 31.35 -6.71 -22.84
C VAL B 148 30.99 -7.98 -22.09
N VAL B 149 31.95 -8.47 -21.30
CA VAL B 149 31.76 -9.66 -20.48
C VAL B 149 31.69 -9.27 -19.00
N TYR B 150 30.79 -9.94 -18.28
CA TYR B 150 30.58 -9.66 -16.87
C TYR B 150 31.90 -9.66 -16.06
N ALA B 151 32.08 -8.64 -15.23
CA ALA B 151 33.21 -8.56 -14.30
C ALA B 151 34.56 -8.35 -14.97
N SER B 152 34.55 -8.11 -16.27
CA SER B 152 35.79 -8.01 -17.00
C SER B 152 36.18 -6.58 -17.40
N TRP B 153 37.41 -6.45 -17.83
CA TRP B 153 37.97 -5.21 -18.29
C TRP B 153 37.13 -4.53 -19.40
N THR B 154 36.49 -5.33 -20.24
CA THR B 154 35.72 -4.79 -21.36
C THR B 154 34.63 -3.80 -20.91
N ARG B 155 34.11 -3.99 -19.71
CA ARG B 155 33.13 -3.05 -19.16
C ARG B 155 33.77 -1.67 -18.99
N VAL B 156 34.99 -1.63 -18.50
CA VAL B 156 35.73 -0.40 -18.34
C VAL B 156 36.13 0.19 -19.70
N LYS B 157 36.65 -0.67 -20.56
CA LYS B 157 37.10 -0.29 -21.89
C LYS B 157 35.97 0.37 -22.69
N ALA B 158 34.74 -0.09 -22.46
CA ALA B 158 33.61 0.49 -23.14
C ALA B 158 33.48 1.98 -22.76
N ASP B 159 33.64 2.30 -21.47
CA ASP B 159 33.69 3.69 -21.04
C ASP B 159 34.90 4.47 -21.58
N LEU B 160 36.08 3.84 -21.58
CA LEU B 160 37.25 4.46 -22.20
C LEU B 160 37.04 4.82 -23.67
N ASN B 161 36.49 3.90 -24.44
CA ASN B 161 36.21 4.14 -25.85
C ASN B 161 35.39 5.42 -26.04
N CYS B 162 34.31 5.54 -25.28
CA CYS B 162 33.46 6.72 -25.30
C CYS B 162 34.18 7.99 -24.82
N MET B 163 34.99 7.89 -23.78
CA MET B 163 35.78 9.05 -23.31
C MET B 163 36.69 9.60 -24.39
N LYS B 164 37.34 8.69 -25.09
CA LYS B 164 38.25 9.05 -26.15
C LYS B 164 37.50 9.87 -27.20
N ASP B 165 36.34 9.36 -27.63
CA ASP B 165 35.52 10.08 -28.61
C ASP B 165 35.06 11.46 -28.12
N LEU B 166 34.56 11.53 -26.89
CA LEU B 166 33.96 12.76 -26.37
C LEU B 166 35.02 13.82 -26.16
N TYR B 167 36.19 13.39 -25.72
CA TYR B 167 37.28 14.31 -25.48
C TYR B 167 37.64 15.02 -26.79
N ARG B 168 37.74 14.26 -27.88
CA ARG B 168 38.18 14.85 -29.13
C ARG B 168 37.12 15.49 -30.01
N MET B 169 35.84 15.24 -29.73
CA MET B 169 34.81 15.91 -30.52
C MET B 169 34.57 17.38 -30.13
N ASN B 170 34.72 17.70 -28.84
CA ASN B 170 34.48 19.06 -28.36
C ASN B 170 35.38 19.33 -27.16
N ALA B 171 35.86 20.56 -27.06
CA ALA B 171 36.79 20.93 -26.00
C ALA B 171 36.11 21.70 -24.89
N ASN B 172 34.81 21.93 -25.01
CA ASN B 172 34.16 22.86 -24.13
C ASN B 172 33.20 22.23 -23.09
N TRP B 173 32.89 20.93 -23.20
CA TRP B 173 32.12 20.27 -22.13
C TRP B 173 32.88 20.25 -20.79
N LYS B 174 32.13 20.19 -19.69
CA LYS B 174 32.69 20.40 -18.34
C LYS B 174 32.92 19.10 -17.59
N TYR B 175 31.93 18.23 -17.66
CA TYR B 175 31.90 16.98 -16.93
C TYR B 175 31.42 15.83 -17.78
N LEU B 176 31.92 14.65 -17.47
CA LEU B 176 31.45 13.43 -18.08
C LEU B 176 30.75 12.59 -17.01
N ILE B 177 29.55 12.12 -17.34
CA ILE B 177 28.79 11.20 -16.48
C ILE B 177 28.56 9.95 -17.30
N ASN B 178 28.87 8.79 -16.74
CA ASN B 178 28.63 7.55 -17.47
C ASN B 178 27.36 6.88 -17.02
N LEU B 179 26.66 6.26 -17.95
CA LEU B 179 25.41 5.62 -17.63
C LEU B 179 25.33 4.24 -18.25
N SER B 180 24.33 3.50 -17.80
CA SER B 180 23.98 2.24 -18.43
C SER B 180 22.45 2.27 -18.64
N GLY B 181 21.92 1.20 -19.25
CA GLY B 181 20.56 1.21 -19.78
C GLY B 181 19.44 1.33 -18.76
N MET B 182 19.65 0.74 -17.59
CA MET B 182 18.62 0.74 -16.56
C MET B 182 18.72 1.89 -15.55
N ASP B 183 19.58 2.87 -15.88
CA ASP B 183 19.69 4.11 -15.11
C ASP B 183 18.56 5.05 -15.48
N PHE B 184 18.22 5.95 -14.56
CA PHE B 184 17.33 7.06 -14.88
C PHE B 184 17.72 8.27 -14.03
N PRO B 185 17.66 9.48 -14.61
CA PRO B 185 17.98 10.70 -13.87
C PRO B 185 16.96 10.94 -12.78
N ILE B 186 17.39 11.53 -11.67
CA ILE B 186 16.41 11.98 -10.69
C ILE B 186 16.45 13.49 -10.51
N LYS B 187 17.16 14.15 -11.42
CA LYS B 187 17.32 15.61 -11.42
C LYS B 187 17.18 16.08 -12.87
N THR B 188 16.71 17.31 -13.05
CA THR B 188 16.64 17.91 -14.37
C THR B 188 18.04 18.29 -14.80
N ASN B 189 18.21 18.59 -16.09
CA ASN B 189 19.51 19.02 -16.57
C ASN B 189 20.04 20.27 -15.85
N LEU B 190 19.13 21.22 -15.58
CA LEU B 190 19.51 22.44 -14.88
C LEU B 190 19.94 22.12 -13.44
N GLU B 191 19.19 21.26 -12.76
CA GLU B 191 19.62 20.80 -11.44
C GLU B 191 20.99 20.12 -11.50
N ILE B 192 21.21 19.25 -12.49
CA ILE B 192 22.51 18.59 -12.62
C ILE B 192 23.59 19.64 -12.82
N VAL B 193 23.38 20.54 -13.77
CA VAL B 193 24.33 21.63 -14.03
C VAL B 193 24.68 22.34 -12.75
N ARG B 194 23.69 22.56 -11.89
CA ARG B 194 23.94 23.29 -10.68
C ARG B 194 24.73 22.52 -9.65
N LYS B 195 24.48 21.20 -9.54
CA LYS B 195 25.28 20.42 -8.63
C LYS B 195 26.71 20.36 -9.12
N LEU B 196 26.90 20.31 -10.44
CA LEU B 196 28.26 20.19 -10.96
C LEU B 196 29.05 21.48 -10.77
N LYS B 197 28.39 22.62 -10.93
CA LYS B 197 29.00 23.90 -10.57
C LYS B 197 29.38 23.91 -9.09
N CYS B 198 28.61 23.21 -8.27
CA CYS B 198 28.90 23.13 -6.84
C CYS B 198 30.16 22.32 -6.50
N SER B 199 30.52 21.37 -7.36
CA SER B 199 31.73 20.57 -7.17
C SER B 199 33.03 21.33 -7.46
N THR B 200 32.90 22.49 -8.09
CA THR B 200 34.03 23.36 -8.38
C THR B 200 35.27 22.64 -8.97
N GLY B 201 35.11 21.95 -10.09
CA GLY B 201 36.26 21.31 -10.74
C GLY B 201 36.79 20.03 -10.10
N GLU B 202 36.09 19.53 -9.08
CA GLU B 202 36.45 18.25 -8.51
C GLU B 202 35.59 17.13 -9.07
N ASN B 203 36.15 15.92 -9.10
CA ASN B 203 35.36 14.77 -9.52
C ASN B 203 34.47 14.31 -8.38
N ASN B 204 33.53 13.44 -8.68
CA ASN B 204 32.70 12.92 -7.62
C ASN B 204 32.34 11.50 -7.89
N LEU B 205 32.76 10.61 -7.01
CA LEU B 205 32.45 9.20 -7.17
C LEU B 205 32.78 8.53 -5.86
N GLU B 206 32.20 7.36 -5.67
CA GLU B 206 32.50 6.53 -4.52
C GLU B 206 33.99 6.12 -4.54
N THR B 207 34.66 6.33 -3.42
CA THR B 207 36.02 5.88 -3.27
C THR B 207 36.34 5.72 -1.77
N GLU B 208 36.49 4.46 -1.37
CA GLU B 208 36.63 4.07 0.02
C GLU B 208 37.76 3.09 0.21
N LYS B 209 38.29 3.06 1.44
CA LYS B 209 39.31 2.10 1.82
C LYS B 209 38.94 0.70 1.33
N MET B 210 39.90 -0.01 0.76
CA MET B 210 39.62 -1.33 0.22
C MET B 210 39.29 -2.31 1.36
N PRO B 211 38.16 -3.02 1.28
CA PRO B 211 37.95 -4.12 2.25
C PRO B 211 39.11 -5.12 2.23
N PRO B 212 39.43 -5.70 3.39
CA PRO B 212 40.60 -6.58 3.51
C PRO B 212 40.39 -7.99 2.95
N ASN B 213 39.23 -8.27 2.36
CA ASN B 213 38.97 -9.60 1.82
C ASN B 213 38.81 -9.63 0.31
N LYS B 214 39.29 -8.62 -0.40
CA LYS B 214 39.05 -8.57 -1.84
C LYS B 214 40.27 -8.87 -2.72
N GLU B 215 41.39 -9.21 -2.12
CA GLU B 215 42.65 -9.27 -2.85
C GLU B 215 42.77 -10.33 -3.95
N GLU B 216 42.00 -11.42 -3.89
CA GLU B 216 42.13 -12.45 -4.92
C GLU B 216 41.63 -11.94 -6.25
N ARG B 217 40.96 -10.79 -6.20
CA ARG B 217 40.51 -10.11 -7.39
C ARG B 217 41.65 -9.55 -8.23
N TRP B 218 42.77 -9.19 -7.61
CA TRP B 218 43.88 -8.63 -8.41
C TRP B 218 45.23 -9.27 -8.14
N LYS B 219 45.27 -10.25 -7.25
CA LYS B 219 46.51 -10.95 -7.03
C LYS B 219 46.65 -12.10 -7.98
N LYS B 220 45.55 -12.42 -8.66
CA LYS B 220 45.52 -13.48 -9.65
C LYS B 220 45.04 -12.97 -10.99
N ARG B 221 45.52 -13.60 -12.04
CA ARG B 221 45.21 -13.27 -13.40
C ARG B 221 43.89 -13.94 -13.80
N TYR B 222 42.96 -13.15 -14.34
CA TYR B 222 41.69 -13.69 -14.82
C TYR B 222 41.64 -13.63 -16.35
N ALA B 223 40.96 -14.59 -16.97
CA ALA B 223 40.85 -14.60 -18.42
C ALA B 223 39.49 -15.13 -18.82
N VAL B 224 39.01 -14.70 -19.99
CA VAL B 224 37.68 -15.08 -20.44
C VAL B 224 37.72 -16.43 -21.12
N VAL B 225 36.98 -17.38 -20.55
CA VAL B 225 36.97 -18.77 -21.01
C VAL B 225 35.53 -19.21 -21.19
N ASP B 226 35.17 -19.50 -22.45
CA ASP B 226 33.79 -19.87 -22.79
C ASP B 226 32.82 -18.72 -22.48
N GLY B 227 33.24 -17.50 -22.84
CA GLY B 227 32.45 -16.30 -22.56
C GLY B 227 32.25 -15.99 -21.09
N LYS B 228 33.10 -16.53 -20.22
CA LYS B 228 33.02 -16.25 -18.78
C LYS B 228 34.39 -15.99 -18.14
N LEU B 229 34.48 -14.96 -17.32
CA LEU B 229 35.71 -14.57 -16.64
C LEU B 229 36.09 -15.56 -15.53
N THR B 230 37.26 -16.19 -15.64
CA THR B 230 37.70 -17.22 -14.68
C THR B 230 39.11 -17.01 -14.16
N ASN B 231 39.34 -17.42 -12.93
CA ASN B 231 40.66 -17.40 -12.34
C ASN B 231 41.58 -18.42 -13.04
N THR B 232 42.75 -17.98 -13.50
CA THR B 232 43.70 -18.88 -14.15
C THR B 232 44.64 -19.56 -13.16
N GLY B 233 44.74 -19.02 -11.95
CA GLY B 233 45.67 -19.55 -10.98
C GLY B 233 47.07 -18.96 -11.12
N ILE B 234 47.27 -18.14 -12.14
CA ILE B 234 48.55 -17.49 -12.36
C ILE B 234 48.62 -16.22 -11.52
N VAL B 235 49.68 -16.09 -10.74
CA VAL B 235 49.88 -14.91 -9.89
C VAL B 235 50.14 -13.63 -10.72
N LYS B 236 49.70 -12.50 -10.19
CA LYS B 236 49.97 -11.19 -10.79
C LYS B 236 51.03 -10.43 -9.98
N ALA B 237 51.74 -9.55 -10.68
CA ALA B 237 52.61 -8.58 -10.03
C ALA B 237 51.77 -7.54 -9.30
N PRO B 238 52.38 -6.82 -8.34
CA PRO B 238 51.69 -5.79 -7.57
C PRO B 238 51.26 -4.67 -8.48
N PRO B 239 50.19 -3.94 -8.11
CA PRO B 239 49.83 -2.78 -8.92
C PRO B 239 51.03 -1.84 -9.05
N PRO B 240 51.22 -1.25 -10.22
CA PRO B 240 52.30 -0.30 -10.43
C PRO B 240 51.92 1.09 -9.94
N LEU B 241 51.64 1.23 -8.64
CA LEU B 241 51.40 2.55 -8.07
C LEU B 241 51.86 2.64 -6.63
N LYS B 242 51.96 3.87 -6.13
CA LYS B 242 52.39 4.10 -4.76
C LYS B 242 51.21 4.17 -3.79
N THR B 243 50.07 4.61 -4.27
CA THR B 243 48.91 4.72 -3.39
C THR B 243 48.13 3.41 -3.42
N PRO B 244 47.35 3.13 -2.36
CA PRO B 244 46.60 1.87 -2.32
C PRO B 244 45.54 1.82 -3.41
N LEU B 245 44.99 0.64 -3.64
CA LEU B 245 43.74 0.51 -4.38
C LEU B 245 42.56 0.91 -3.47
N PHE B 246 41.51 1.46 -4.07
CA PHE B 246 40.36 1.89 -3.32
C PHE B 246 39.14 1.21 -3.91
N SER B 247 38.09 1.08 -3.12
CA SER B 247 36.87 0.43 -3.56
C SER B 247 35.87 1.50 -3.96
N GLY B 248 35.09 1.23 -5.00
CA GLY B 248 34.08 2.16 -5.46
C GLY B 248 33.08 1.47 -6.34
N SER B 249 32.72 2.09 -7.45
CA SER B 249 31.73 1.52 -8.35
C SER B 249 32.04 1.90 -9.79
N ALA B 250 31.26 1.38 -10.71
CA ALA B 250 31.43 1.69 -12.13
C ALA B 250 31.04 3.12 -12.51
N TYR B 251 30.39 3.84 -11.58
CA TYR B 251 29.75 5.09 -11.93
C TYR B 251 30.44 6.31 -11.37
N PHE B 252 30.64 7.31 -12.22
CA PHE B 252 31.46 8.43 -11.83
C PHE B 252 30.96 9.73 -12.46
N VAL B 253 31.48 10.84 -11.94
CA VAL B 253 31.22 12.15 -12.51
C VAL B 253 32.58 12.80 -12.48
N VAL B 254 33.17 13.02 -13.66
CA VAL B 254 34.54 13.53 -13.77
C VAL B 254 34.65 14.72 -14.74
N THR B 255 35.61 15.60 -14.47
CA THR B 255 35.84 16.78 -15.30
C THR B 255 36.52 16.38 -16.63
N ARG B 256 36.41 17.23 -17.64
CA ARG B 256 37.08 17.01 -18.91
C ARG B 256 38.60 16.87 -18.73
N GLU B 257 39.15 17.65 -17.80
CA GLU B 257 40.58 17.63 -17.55
C GLU B 257 41.00 16.27 -17.00
N TYR B 258 40.16 15.67 -16.18
CA TYR B 258 40.42 14.33 -15.71
C TYR B 258 40.49 13.36 -16.89
N VAL B 259 39.47 13.40 -17.77
CA VAL B 259 39.46 12.52 -18.94
C VAL B 259 40.73 12.67 -19.78
N GLY B 260 41.08 13.91 -20.15
CA GLY B 260 42.31 14.20 -20.86
C GLY B 260 43.54 13.53 -20.24
N TYR B 261 43.66 13.64 -18.92
CA TYR B 261 44.84 13.18 -18.21
C TYR B 261 44.88 11.64 -18.19
N VAL B 262 43.74 11.03 -17.89
CA VAL B 262 43.59 9.59 -17.85
C VAL B 262 43.83 8.96 -19.23
N LEU B 263 43.54 9.72 -20.27
CA LEU B 263 43.75 9.24 -21.63
C LEU B 263 45.21 9.29 -22.06
N GLU B 264 45.99 10.18 -21.48
CA GLU B 264 47.33 10.44 -21.97
C GLU B 264 48.44 10.09 -21.00
N ASN B 265 48.18 10.21 -19.70
CA ASN B 265 49.21 10.00 -18.72
C ASN B 265 49.76 8.58 -18.70
N GLU B 266 51.09 8.44 -18.78
CA GLU B 266 51.74 7.13 -18.86
C GLU B 266 51.59 6.21 -17.64
N ASN B 267 51.66 6.78 -16.45
CA ASN B 267 51.49 6.00 -15.23
C ASN B 267 50.08 5.43 -15.17
N ILE B 268 49.09 6.23 -15.54
CA ILE B 268 47.70 5.76 -15.53
C ILE B 268 47.56 4.67 -16.58
N GLN B 269 48.18 4.85 -17.73
CA GLN B 269 48.09 3.83 -18.74
C GLN B 269 48.71 2.50 -18.28
N LYS B 270 49.82 2.56 -17.55
CA LYS B 270 50.40 1.34 -16.95
C LYS B 270 49.46 0.69 -15.92
N LEU B 271 48.80 1.52 -15.13
CA LEU B 271 47.84 1.00 -14.15
C LEU B 271 46.67 0.33 -14.88
N MET B 272 46.22 0.96 -15.95
CA MET B 272 45.13 0.39 -16.71
C MET B 272 45.50 -0.90 -17.39
N GLU B 273 46.75 -1.03 -17.85
CA GLU B 273 47.09 -2.28 -18.51
C GLU B 273 47.31 -3.42 -17.52
N TRP B 274 47.85 -3.12 -16.34
CA TRP B 274 47.86 -4.06 -15.22
C TRP B 274 46.44 -4.55 -14.85
N ALA B 275 45.47 -3.62 -14.83
CA ALA B 275 44.08 -3.95 -14.48
C ALA B 275 43.29 -4.84 -15.47
N GLN B 276 43.83 -5.02 -16.68
CA GLN B 276 43.11 -5.74 -17.73
C GLN B 276 42.72 -7.16 -17.39
N ASP B 277 43.55 -7.86 -16.61
CA ASP B 277 43.27 -9.25 -16.26
C ASP B 277 42.89 -9.44 -14.78
N THR B 278 42.23 -8.44 -14.20
CA THR B 278 41.71 -8.53 -12.85
C THR B 278 40.21 -8.81 -12.88
N TYR B 279 39.65 -9.13 -11.72
CA TYR B 279 38.23 -9.39 -11.58
C TYR B 279 37.52 -8.08 -11.20
N SER B 280 36.49 -7.73 -11.97
CA SER B 280 35.70 -6.50 -11.76
C SER B 280 36.51 -5.23 -11.52
N PRO B 281 37.39 -4.88 -12.46
CA PRO B 281 38.19 -3.67 -12.26
C PRO B 281 37.40 -2.35 -12.27
N ASP B 282 36.15 -2.36 -12.69
CA ASP B 282 35.30 -1.16 -12.65
C ASP B 282 34.96 -0.79 -11.20
N GLU B 283 35.05 -1.76 -10.31
CA GLU B 283 34.77 -1.51 -8.89
C GLU B 283 35.98 -1.01 -8.12
N PHE B 284 37.12 -0.84 -8.77
CA PHE B 284 38.27 -0.28 -8.08
C PHE B 284 39.07 0.72 -8.90
N LEU B 285 38.91 0.71 -10.21
CA LEU B 285 39.81 1.50 -11.05
C LEU B 285 39.57 3.00 -10.90
N TRP B 286 38.32 3.40 -11.10
CA TRP B 286 37.99 4.81 -11.01
C TRP B 286 38.22 5.28 -9.60
N ALA B 287 37.81 4.47 -8.63
CA ALA B 287 37.97 4.78 -7.20
C ALA B 287 39.43 5.00 -6.84
N THR B 288 40.32 4.24 -7.44
CA THR B 288 41.75 4.30 -7.14
C THR B 288 42.42 5.47 -7.84
N ILE B 289 42.09 5.69 -9.10
CA ILE B 289 42.69 6.78 -9.87
C ILE B 289 42.32 8.12 -9.24
N GLN B 290 41.11 8.19 -8.68
CA GLN B 290 40.62 9.37 -8.00
C GLN B 290 41.48 9.75 -6.79
N ARG B 291 42.42 8.90 -6.39
CA ARG B 291 43.25 9.18 -5.19
C ARG B 291 44.75 9.28 -5.50
N ILE B 292 45.07 9.29 -6.79
CA ILE B 292 46.44 9.44 -7.23
C ILE B 292 46.84 10.92 -7.27
N PRO B 293 47.95 11.28 -6.62
CA PRO B 293 48.34 12.70 -6.65
C PRO B 293 48.52 13.19 -8.10
N GLU B 294 48.06 14.40 -8.39
CA GLU B 294 48.26 14.98 -9.73
C GLU B 294 47.20 14.64 -10.78
N VAL B 295 46.40 13.59 -10.54
CA VAL B 295 45.15 13.42 -11.26
C VAL B 295 44.26 14.64 -11.00
N PRO B 296 43.82 15.34 -12.07
CA PRO B 296 42.94 16.49 -11.91
C PRO B 296 41.61 16.14 -11.26
N GLY B 297 41.21 16.92 -10.26
CA GLY B 297 39.96 16.68 -9.55
C GLY B 297 40.03 15.60 -8.46
N SER B 298 41.23 15.06 -8.23
CA SER B 298 41.41 13.95 -7.28
C SER B 298 41.39 14.41 -5.81
N PHE B 299 41.24 13.46 -4.88
CA PHE B 299 41.38 13.71 -3.43
C PHE B 299 42.66 13.08 -2.93
N PRO B 300 43.21 13.57 -1.83
CA PRO B 300 44.27 12.81 -1.18
C PRO B 300 43.86 11.39 -0.78
N SER B 301 44.85 10.51 -0.61
CA SER B 301 44.54 9.12 -0.34
C SER B 301 44.21 8.85 1.13
N SER B 302 44.53 9.79 2.02
CA SER B 302 44.08 9.68 3.39
C SER B 302 42.61 9.27 3.45
N ASN B 303 42.24 8.39 4.38
CA ASN B 303 40.87 7.93 4.48
C ASN B 303 39.86 8.94 4.99
N LYS B 304 40.35 10.08 5.44
CA LYS B 304 39.48 11.21 5.79
C LYS B 304 38.74 11.73 4.56
N TYR B 305 39.29 11.45 3.37
CA TYR B 305 38.64 11.89 2.15
C TYR B 305 37.71 10.88 1.53
N ASP B 306 37.63 9.69 2.11
CA ASP B 306 36.78 8.66 1.55
C ASP B 306 35.35 9.16 1.30
N LEU B 307 34.76 8.75 0.18
CA LEU B 307 33.39 9.11 -0.15
C LEU B 307 32.57 7.85 -0.32
N SER B 308 31.51 7.71 0.47
CA SER B 308 30.65 6.54 0.39
C SER B 308 29.69 6.72 -0.77
N ASP B 309 28.93 5.66 -1.07
CA ASP B 309 27.93 5.73 -2.14
C ASP B 309 26.86 6.75 -1.83
N MET B 310 26.53 6.92 -0.55
CA MET B 310 25.53 7.92 -0.11
C MET B 310 26.07 9.34 -0.09
N ASN B 311 27.35 9.50 0.24
CA ASN B 311 27.96 10.86 0.25
C ASN B 311 28.38 11.37 -1.13
N ALA B 312 28.73 10.45 -2.02
CA ALA B 312 28.90 10.77 -3.46
C ALA B 312 27.55 11.12 -4.10
N ILE B 313 27.55 11.77 -5.25
CA ILE B 313 26.30 12.18 -5.95
C ILE B 313 26.07 11.39 -7.23
N ALA B 314 27.03 10.55 -7.61
CA ALA B 314 26.97 9.88 -8.91
C ALA B 314 25.73 8.98 -9.11
N ARG B 315 25.47 8.08 -8.14
CA ARG B 315 24.41 7.10 -8.36
C ARG B 315 23.73 6.65 -7.08
N PHE B 316 22.42 6.85 -7.02
CA PHE B 316 21.65 6.31 -5.93
C PHE B 316 21.23 4.87 -6.23
N VAL B 317 21.64 3.98 -5.35
CA VAL B 317 21.36 2.56 -5.45
C VAL B 317 20.99 2.03 -4.05
N LYS B 318 20.02 1.12 -3.99
CA LYS B 318 19.63 0.48 -2.73
C LYS B 318 20.06 -0.98 -2.70
N TRP B 319 20.78 -1.38 -1.68
CA TRP B 319 21.16 -2.78 -1.53
C TRP B 319 20.26 -3.42 -0.51
N GLN B 320 19.71 -4.58 -0.87
CA GLN B 320 18.72 -5.26 -0.05
C GLN B 320 19.11 -5.40 1.42
N TYR B 321 20.38 -5.72 1.66
CA TYR B 321 20.85 -5.99 2.99
C TYR B 321 21.13 -4.74 3.81
N PHE B 322 20.95 -3.55 3.23
CA PHE B 322 21.06 -2.31 3.99
C PHE B 322 19.70 -1.66 4.24
N GLU B 323 18.70 -2.02 3.44
CA GLU B 323 17.38 -1.42 3.57
C GLU B 323 16.78 -1.65 4.95
N GLY B 324 16.13 -0.63 5.49
CA GLY B 324 15.40 -0.76 6.74
C GLY B 324 14.72 0.52 7.14
N ASP B 325 14.58 0.71 8.44
CA ASP B 325 13.99 1.91 9.02
C ASP B 325 15.04 3.02 9.12
N VAL B 326 14.91 4.04 8.26
CA VAL B 326 15.87 5.13 8.18
C VAL B 326 15.92 5.94 9.47
N SER B 327 14.82 5.94 10.22
CA SER B 327 14.76 6.55 11.54
C SER B 327 15.41 5.68 12.59
N ASN B 328 15.88 4.50 12.17
CA ASN B 328 16.55 3.57 13.07
C ASN B 328 17.82 2.96 12.52
N GLY B 329 18.61 3.74 11.79
CA GLY B 329 19.96 3.33 11.44
C GLY B 329 20.20 2.82 10.02
N ALA B 330 19.14 2.66 9.24
CA ALA B 330 19.29 2.24 7.83
C ALA B 330 19.56 3.45 6.93
N PRO B 331 20.34 3.26 5.85
CA PRO B 331 20.64 4.41 4.97
C PRO B 331 19.48 4.81 4.04
N TYR B 332 18.50 3.92 3.88
CA TYR B 332 17.36 4.17 3.00
C TYR B 332 16.28 3.11 3.28
N PRO B 333 15.04 3.39 2.86
CA PRO B 333 13.89 2.51 3.13
C PRO B 333 13.89 1.25 2.28
N PRO B 334 13.05 0.27 2.65
CA PRO B 334 12.83 -0.96 1.88
C PRO B 334 12.45 -0.71 0.40
N CYS B 335 12.90 -1.60 -0.47
CA CYS B 335 12.51 -1.61 -1.88
C CYS B 335 11.00 -1.78 -2.05
N SER B 336 10.41 -1.01 -2.96
CA SER B 336 9.00 -1.15 -3.27
C SER B 336 8.81 -1.92 -4.56
N GLY B 337 9.92 -2.36 -5.16
CA GLY B 337 9.88 -3.16 -6.38
C GLY B 337 10.40 -4.55 -6.10
N VAL B 338 11.40 -4.98 -6.85
CA VAL B 338 11.95 -6.31 -6.64
C VAL B 338 13.44 -6.16 -6.51
N HIS B 339 14.09 -7.14 -5.89
CA HIS B 339 15.54 -7.19 -5.89
C HIS B 339 16.04 -8.16 -6.94
N VAL B 340 17.02 -7.70 -7.72
CA VAL B 340 17.77 -8.54 -8.64
C VAL B 340 19.22 -8.50 -8.21
N ARG B 341 19.74 -9.64 -7.78
CA ARG B 341 21.10 -9.73 -7.24
C ARG B 341 21.36 -8.69 -6.14
N SER B 342 20.42 -8.58 -5.20
CA SER B 342 20.56 -7.72 -4.03
C SER B 342 20.38 -6.21 -4.34
N VAL B 343 20.22 -5.87 -5.61
CA VAL B 343 20.03 -4.48 -6.01
C VAL B 343 18.54 -4.22 -6.26
N CYS B 344 18.00 -3.16 -5.65
CA CYS B 344 16.59 -2.80 -5.84
C CYS B 344 16.29 -2.29 -7.24
N VAL B 345 15.31 -2.91 -7.89
CA VAL B 345 14.72 -2.37 -9.11
C VAL B 345 13.52 -1.59 -8.61
N PHE B 346 13.53 -0.27 -8.79
CA PHE B 346 12.55 0.56 -8.09
C PHE B 346 11.09 0.35 -8.49
N GLY B 347 10.21 0.46 -7.50
CA GLY B 347 8.78 0.58 -7.74
C GLY B 347 8.29 2.00 -7.46
N ALA B 348 7.05 2.30 -7.84
CA ALA B 348 6.46 3.62 -7.62
C ALA B 348 6.63 4.11 -6.17
N GLY B 349 6.46 3.18 -5.23
CA GLY B 349 6.60 3.50 -3.81
C GLY B 349 7.96 3.99 -3.35
N ASP B 350 8.99 3.86 -4.21
CA ASP B 350 10.36 4.27 -3.88
C ASP B 350 10.65 5.74 -4.21
N LEU B 351 9.92 6.28 -5.18
CA LEU B 351 10.16 7.60 -5.74
C LEU B 351 10.27 8.76 -4.77
N SER B 352 9.33 8.87 -3.84
CA SER B 352 9.18 10.04 -3.02
C SER B 352 10.42 10.30 -2.17
N TRP B 353 10.87 9.29 -1.44
CA TRP B 353 12.06 9.43 -0.59
C TRP B 353 13.29 9.60 -1.48
N MET B 354 13.21 9.04 -2.67
CA MET B 354 14.36 9.00 -3.55
C MET B 354 14.65 10.37 -4.17
N LEU B 355 13.58 11.11 -4.49
CA LEU B 355 13.71 12.43 -5.08
C LEU B 355 14.30 13.48 -4.14
N ARG B 356 14.31 13.19 -2.83
CA ARG B 356 14.84 14.12 -1.84
C ARG B 356 16.34 13.96 -1.66
N GLN B 357 16.92 12.94 -2.28
CA GLN B 357 18.36 12.70 -2.18
C GLN B 357 19.14 13.57 -3.17
N HIS B 358 20.41 13.80 -2.86
CA HIS B 358 21.23 14.70 -3.67
C HIS B 358 21.80 14.06 -4.96
N HIS B 359 21.58 12.75 -5.17
CA HIS B 359 22.19 12.05 -6.32
C HIS B 359 21.60 12.50 -7.66
N LEU B 360 22.38 12.38 -8.72
CA LEU B 360 21.95 12.84 -10.04
C LEU B 360 21.16 11.76 -10.79
N PHE B 361 21.56 10.50 -10.62
CA PHE B 361 20.89 9.39 -11.29
C PHE B 361 20.63 8.29 -10.28
N ALA B 362 19.70 7.41 -10.61
CA ALA B 362 19.43 6.28 -9.76
C ALA B 362 19.39 5.00 -10.59
N ASN B 363 19.62 3.88 -9.92
CA ASN B 363 19.71 2.60 -10.58
C ASN B 363 19.10 1.60 -9.60
N LYS B 364 18.29 0.65 -10.05
CA LYS B 364 17.92 0.51 -11.46
C LYS B 364 16.42 0.56 -11.62
N PHE B 365 15.98 0.80 -12.86
CA PHE B 365 14.55 0.89 -13.17
C PHE B 365 14.28 -0.14 -14.25
N ASP B 366 13.06 -0.67 -14.30
CA ASP B 366 12.68 -1.64 -15.32
C ASP B 366 11.18 -1.58 -15.64
N MET B 367 10.84 -1.47 -16.93
CA MET B 367 9.43 -1.55 -17.37
C MET B 367 8.81 -2.92 -17.07
N ASP B 368 9.59 -3.98 -17.17
CA ASP B 368 9.07 -5.33 -16.89
C ASP B 368 8.83 -5.57 -15.40
N VAL B 369 9.18 -4.59 -14.56
CA VAL B 369 8.98 -4.71 -13.12
C VAL B 369 8.00 -3.65 -12.63
N ASP B 370 8.32 -2.38 -12.89
CA ASP B 370 7.36 -1.31 -12.60
C ASP B 370 7.50 -0.18 -13.62
N PRO B 371 6.59 -0.15 -14.60
CA PRO B 371 6.56 0.88 -15.62
C PRO B 371 6.06 2.22 -15.08
N PHE B 372 5.32 2.19 -13.96
CA PHE B 372 4.72 3.40 -13.43
C PHE B 372 5.77 4.30 -12.79
N ALA B 373 6.69 3.69 -12.06
CA ALA B 373 7.79 4.41 -11.44
C ALA B 373 8.54 5.22 -12.49
N ILE B 374 8.76 4.63 -13.66
CA ILE B 374 9.48 5.34 -14.72
C ILE B 374 8.59 6.42 -15.33
N GLN B 375 7.35 6.06 -15.62
CA GLN B 375 6.40 7.01 -16.19
C GLN B 375 6.24 8.28 -15.33
N CYS B 376 6.01 8.09 -14.04
CA CYS B 376 5.84 9.22 -13.10
C CYS B 376 7.07 10.11 -13.03
N LEU B 377 8.22 9.48 -12.84
CA LEU B 377 9.48 10.20 -12.73
C LEU B 377 9.77 10.95 -14.02
N ASP B 378 9.60 10.27 -15.15
CA ASP B 378 9.80 10.85 -16.47
C ASP B 378 8.92 12.09 -16.64
N GLU B 379 7.62 11.94 -16.31
CA GLU B 379 6.69 13.05 -16.35
C GLU B 379 7.07 14.21 -15.44
N HIS B 380 7.44 13.90 -14.21
CA HIS B 380 7.75 14.90 -13.19
C HIS B 380 8.95 15.76 -13.57
N LEU B 381 10.01 15.13 -14.09
CA LEU B 381 11.20 15.88 -14.49
C LEU B 381 10.95 16.77 -15.70
N ARG B 382 10.21 16.26 -16.68
CA ARG B 382 9.83 17.05 -17.85
C ARG B 382 9.02 18.28 -17.43
N ARG B 383 7.95 18.06 -16.69
CA ARG B 383 7.16 19.18 -16.19
C ARG B 383 8.02 20.16 -15.36
N LYS B 384 8.90 19.62 -14.54
CA LYS B 384 9.73 20.43 -13.64
C LYS B 384 10.70 21.34 -14.41
N ALA B 385 11.24 20.85 -15.52
CA ALA B 385 12.18 21.64 -16.31
C ALA B 385 11.49 22.77 -17.09
N LEU B 386 10.25 22.56 -17.51
CA LEU B 386 9.51 23.58 -18.24
C LEU B 386 8.90 24.60 -17.29
N GLU B 387 9.75 25.43 -16.69
CA GLU B 387 9.33 26.41 -15.69
C GLU B 387 10.14 27.69 -15.81
N ASN C 19 7.65 -24.20 -0.32
CA ASN C 19 8.09 -23.57 0.97
C ASN C 19 7.34 -22.28 1.30
N VAL C 20 6.22 -22.06 0.60
CA VAL C 20 5.35 -20.92 0.86
C VAL C 20 4.30 -21.31 1.90
N ASN C 21 4.14 -20.47 2.94
CA ASN C 21 3.21 -20.77 4.02
C ASN C 21 1.77 -20.52 3.58
N CYS C 22 1.07 -21.57 3.20
CA CYS C 22 -0.29 -21.42 2.68
C CYS C 22 -1.23 -20.93 3.77
N THR C 23 -0.94 -21.34 5.01
CA THR C 23 -1.69 -20.87 6.18
C THR C 23 -1.70 -19.34 6.30
N LYS C 24 -0.55 -18.71 6.05
CA LYS C 24 -0.46 -17.25 6.08
C LYS C 24 -1.21 -16.61 4.92
N ILE C 25 -1.16 -17.25 3.76
CA ILE C 25 -1.89 -16.81 2.58
C ILE C 25 -3.42 -16.86 2.81
N LEU C 26 -3.92 -17.99 3.28
CA LEU C 26 -5.35 -18.13 3.57
C LEU C 26 -5.85 -17.16 4.63
N GLN C 27 -4.96 -16.71 5.51
CA GLN C 27 -5.31 -15.76 6.55
C GLN C 27 -5.35 -14.36 5.98
N GLY C 28 -4.51 -14.10 4.98
CA GLY C 28 -4.50 -12.81 4.32
C GLY C 28 -3.28 -11.98 4.67
N ASP C 29 -2.24 -12.64 5.15
CA ASP C 29 -1.01 -11.95 5.56
C ASP C 29 -0.32 -11.24 4.40
N PRO C 30 -0.26 -9.90 4.46
CA PRO C 30 0.22 -9.02 3.41
C PRO C 30 1.67 -9.30 2.97
N GLU C 31 2.50 -9.76 3.91
CA GLU C 31 3.91 -10.06 3.61
C GLU C 31 4.08 -11.38 2.87
N GLU C 32 3.34 -12.39 3.32
CA GLU C 32 3.40 -13.70 2.66
C GLU C 32 2.85 -13.59 1.25
N ILE C 33 1.85 -12.74 1.07
CA ILE C 33 1.27 -12.49 -0.24
C ILE C 33 2.27 -11.79 -1.14
N GLN C 34 3.00 -10.82 -0.57
CA GLN C 34 3.98 -10.08 -1.35
C GLN C 34 5.10 -11.00 -1.77
N LYS C 35 5.45 -11.94 -0.91
CA LYS C 35 6.48 -12.91 -1.22
C LYS C 35 6.11 -13.67 -2.49
N VAL C 36 4.86 -14.11 -2.56
CA VAL C 36 4.33 -14.83 -3.72
C VAL C 36 4.38 -13.97 -4.98
N LYS C 37 3.83 -12.75 -4.88
CA LYS C 37 3.82 -11.83 -6.00
C LYS C 37 5.16 -11.71 -6.71
N LEU C 38 6.25 -11.95 -5.98
CA LEU C 38 7.57 -12.06 -6.60
C LEU C 38 7.79 -13.52 -7.00
N GLU C 39 8.33 -14.30 -6.05
CA GLU C 39 8.63 -15.72 -6.26
C GLU C 39 7.56 -16.43 -7.08
N PRO C 49 8.13 -26.28 -15.70
CA PRO C 49 7.82 -27.64 -16.15
C PRO C 49 6.34 -27.97 -15.97
N ARG C 50 5.76 -28.67 -16.94
CA ARG C 50 4.37 -29.11 -16.84
C ARG C 50 4.25 -30.58 -17.24
N TRP C 51 3.34 -31.31 -16.60
CA TRP C 51 2.95 -32.59 -17.13
C TRP C 51 2.24 -32.30 -18.43
N THR C 52 2.61 -33.03 -19.47
CA THR C 52 2.05 -32.78 -20.78
C THR C 52 0.92 -33.77 -21.05
N PRO C 53 0.10 -33.53 -22.09
CA PRO C 53 -0.93 -34.53 -22.36
C PRO C 53 -0.37 -35.92 -22.57
N HIS C 54 0.82 -36.01 -23.17
CA HIS C 54 1.50 -37.29 -23.36
C HIS C 54 1.94 -37.97 -22.04
N ASP C 55 2.36 -37.17 -21.06
CA ASP C 55 2.60 -37.73 -19.72
C ASP C 55 1.34 -38.36 -19.11
N TYR C 56 0.19 -37.69 -19.25
CA TYR C 56 -1.09 -38.25 -18.78
C TYR C 56 -1.50 -39.54 -19.52
N ILE C 57 -1.27 -39.58 -20.81
CA ILE C 57 -1.60 -40.78 -21.55
C ILE C 57 -0.80 -41.94 -20.96
N ASN C 58 0.49 -41.69 -20.77
CA ASN C 58 1.40 -42.61 -20.13
C ASN C 58 0.94 -43.01 -18.71
N MET C 59 0.78 -42.02 -17.85
CA MET C 59 0.48 -42.25 -16.45
C MET C 59 -0.83 -43.02 -16.26
N THR C 60 -1.82 -42.75 -17.11
CA THR C 60 -3.12 -43.39 -16.93
C THR C 60 -3.21 -44.83 -17.46
N ARG C 61 -2.12 -45.34 -18.02
CA ARG C 61 -2.05 -46.76 -18.40
C ARG C 61 -2.13 -47.66 -17.19
N ASP C 62 -1.55 -47.20 -16.09
CA ASP C 62 -1.59 -47.91 -14.82
C ASP C 62 -2.46 -47.07 -13.92
N CYS C 63 -3.78 -47.28 -13.99
CA CYS C 63 -4.72 -46.50 -13.23
C CYS C 63 -4.49 -46.58 -11.71
N ALA C 64 -4.06 -47.75 -11.23
CA ALA C 64 -3.91 -47.94 -9.79
C ALA C 64 -2.83 -47.02 -9.27
N SER C 65 -1.73 -46.90 -9.99
CA SER C 65 -0.68 -46.01 -9.51
C SER C 65 -1.03 -44.57 -9.80
N PHE C 66 -1.76 -44.31 -10.88
CA PHE C 66 -2.18 -42.94 -11.18
C PHE C 66 -3.01 -42.39 -10.01
N ILE C 67 -4.01 -43.15 -9.60
CA ILE C 67 -4.90 -42.78 -8.52
C ILE C 67 -4.15 -42.60 -7.18
N ARG C 68 -3.23 -43.51 -6.89
CA ARG C 68 -2.38 -43.49 -5.69
C ARG C 68 -1.44 -42.30 -5.73
N THR C 69 -0.67 -42.23 -6.81
CA THR C 69 0.30 -41.18 -7.05
C THR C 69 -0.33 -39.79 -6.95
N ARG C 70 -1.50 -39.63 -7.57
CA ARG C 70 -2.13 -38.31 -7.67
C ARG C 70 -3.04 -38.01 -6.50
N LYS C 71 -3.28 -39.02 -5.66
CA LYS C 71 -4.01 -38.83 -4.41
C LYS C 71 -5.47 -38.52 -4.58
N TYR C 72 -6.11 -39.17 -5.54
CA TYR C 72 -7.56 -39.14 -5.63
C TYR C 72 -8.15 -39.82 -4.40
N ILE C 73 -9.33 -39.38 -3.98
CA ILE C 73 -10.01 -39.97 -2.84
C ILE C 73 -10.84 -41.15 -3.33
N VAL C 74 -10.61 -42.33 -2.77
CA VAL C 74 -11.23 -43.55 -3.32
C VAL C 74 -12.40 -44.11 -2.51
N GLU C 75 -12.69 -43.49 -1.39
CA GLU C 75 -13.82 -43.87 -0.55
C GLU C 75 -14.59 -42.63 -0.10
N PRO C 76 -15.91 -42.78 0.09
CA PRO C 76 -16.68 -41.64 0.54
C PRO C 76 -16.28 -41.31 1.97
N LEU C 77 -16.34 -40.03 2.33
CA LEU C 77 -15.83 -39.62 3.63
C LEU C 77 -16.87 -39.70 4.74
N THR C 78 -18.16 -39.58 4.39
CA THR C 78 -19.26 -39.69 5.36
C THR C 78 -20.45 -40.46 4.78
N LYS C 79 -21.31 -40.95 5.67
CA LYS C 79 -22.58 -41.54 5.28
C LYS C 79 -23.51 -40.46 4.72
N GLU C 80 -23.32 -39.23 5.17
CA GLU C 80 -24.13 -38.10 4.73
C GLU C 80 -23.91 -37.84 3.23
N GLU C 81 -22.65 -37.93 2.81
CA GLU C 81 -22.27 -37.70 1.42
C GLU C 81 -22.68 -38.85 0.50
N VAL C 82 -22.47 -40.09 0.94
CA VAL C 82 -22.94 -41.25 0.19
C VAL C 82 -24.42 -41.12 -0.17
N GLY C 83 -25.19 -40.58 0.76
CA GLY C 83 -26.62 -40.44 0.59
C GLY C 83 -27.03 -39.25 -0.25
N PHE C 84 -26.06 -38.44 -0.70
CA PHE C 84 -26.38 -37.27 -1.52
C PHE C 84 -25.48 -37.16 -2.75
N PRO C 85 -25.74 -38.02 -3.76
CA PRO C 85 -24.86 -37.96 -4.93
C PRO C 85 -25.06 -36.69 -5.75
N ILE C 86 -23.96 -36.19 -6.31
CA ILE C 86 -23.98 -35.01 -7.15
C ILE C 86 -23.44 -35.34 -8.55
N ALA C 87 -24.02 -34.72 -9.57
CA ALA C 87 -23.49 -34.86 -10.93
C ALA C 87 -22.79 -33.59 -11.39
N TYR C 88 -21.65 -33.75 -12.05
CA TYR C 88 -20.94 -32.64 -12.65
C TYR C 88 -20.86 -32.77 -14.16
N SER C 89 -20.95 -31.66 -14.84
CA SER C 89 -20.73 -31.59 -16.28
C SER C 89 -19.61 -30.60 -16.47
N ILE C 90 -18.52 -31.05 -17.09
CA ILE C 90 -17.30 -30.28 -17.14
C ILE C 90 -16.92 -30.12 -18.59
N VAL C 91 -16.81 -28.87 -19.02
CA VAL C 91 -16.66 -28.54 -20.43
C VAL C 91 -15.26 -27.98 -20.63
N VAL C 92 -14.38 -28.73 -21.28
CA VAL C 92 -12.96 -28.37 -21.32
C VAL C 92 -12.42 -28.39 -22.75
N HIS C 93 -11.24 -27.82 -22.94
CA HIS C 93 -10.65 -27.79 -24.27
C HIS C 93 -9.12 -27.78 -24.26
N HIS C 94 -8.51 -27.55 -23.11
CA HIS C 94 -7.04 -27.56 -23.05
C HIS C 94 -6.56 -27.60 -21.61
N LYS C 95 -5.24 -27.52 -21.40
CA LYS C 95 -4.65 -27.49 -20.06
C LYS C 95 -4.99 -28.73 -19.22
N ILE C 96 -4.38 -29.84 -19.57
CA ILE C 96 -4.68 -31.14 -18.99
C ILE C 96 -4.38 -31.17 -17.50
N GLU C 97 -3.34 -30.45 -17.08
CA GLU C 97 -2.97 -30.42 -15.68
C GLU C 97 -4.01 -29.70 -14.81
N MET C 98 -4.65 -28.65 -15.33
CA MET C 98 -5.70 -27.97 -14.57
C MET C 98 -6.93 -28.85 -14.47
N LEU C 99 -7.22 -29.56 -15.55
CA LEU C 99 -8.37 -30.45 -15.52
C LEU C 99 -8.18 -31.54 -14.45
N ASP C 100 -6.99 -32.12 -14.40
CA ASP C 100 -6.67 -33.14 -13.42
C ASP C 100 -6.77 -32.59 -11.98
N ARG C 101 -6.19 -31.42 -11.73
CA ARG C 101 -6.28 -30.75 -10.44
C ARG C 101 -7.73 -30.51 -10.08
N LEU C 102 -8.48 -29.93 -11.02
CA LEU C 102 -9.88 -29.69 -10.75
C LEU C 102 -10.60 -31.02 -10.40
N LEU C 103 -10.44 -32.02 -11.26
CA LEU C 103 -11.06 -33.33 -11.01
C LEU C 103 -10.62 -33.92 -9.67
N ARG C 104 -9.31 -33.91 -9.39
CA ARG C 104 -8.87 -34.40 -8.09
C ARG C 104 -9.61 -33.70 -6.96
N ALA C 105 -9.74 -32.38 -7.07
CA ALA C 105 -10.34 -31.57 -6.03
C ALA C 105 -11.81 -31.89 -5.81
N ILE C 106 -12.53 -32.28 -6.86
CA ILE C 106 -13.98 -32.48 -6.69
C ILE C 106 -14.40 -33.94 -6.65
N TYR C 107 -13.45 -34.84 -6.93
CA TYR C 107 -13.78 -36.24 -7.12
C TYR C 107 -14.17 -36.96 -5.83
N MET C 108 -15.34 -37.59 -5.86
CA MET C 108 -15.76 -38.55 -4.85
C MET C 108 -16.36 -39.76 -5.59
N PRO C 109 -16.22 -40.96 -5.01
CA PRO C 109 -16.66 -42.18 -5.70
C PRO C 109 -18.18 -42.28 -5.90
N GLN C 110 -18.95 -41.60 -5.06
CA GLN C 110 -20.40 -41.65 -5.16
C GLN C 110 -20.98 -40.62 -6.16
N ASN C 111 -20.14 -39.71 -6.64
CA ASN C 111 -20.62 -38.66 -7.56
C ASN C 111 -20.51 -39.10 -9.01
N PHE C 112 -20.92 -38.24 -9.95
CA PHE C 112 -20.85 -38.55 -11.38
C PHE C 112 -20.24 -37.38 -12.14
N TYR C 113 -19.39 -37.68 -13.11
CA TYR C 113 -18.61 -36.68 -13.82
C TYR C 113 -18.64 -36.95 -15.32
N CYS C 114 -19.28 -36.05 -16.07
CA CYS C 114 -19.26 -36.11 -17.52
C CYS C 114 -18.33 -35.02 -18.03
N ILE C 115 -17.34 -35.38 -18.82
CA ILE C 115 -16.41 -34.41 -19.35
C ILE C 115 -16.66 -34.21 -20.85
N HIS C 116 -16.96 -32.98 -21.22
CA HIS C 116 -17.11 -32.65 -22.64
C HIS C 116 -15.82 -32.03 -23.13
N VAL C 117 -15.16 -32.68 -24.09
CA VAL C 117 -13.97 -32.15 -24.69
C VAL C 117 -14.37 -31.51 -26.02
N ASP C 118 -13.90 -30.30 -26.27
CA ASP C 118 -14.14 -29.62 -27.52
C ASP C 118 -13.65 -30.50 -28.65
N ARG C 119 -14.47 -30.65 -29.67
CA ARG C 119 -14.11 -31.44 -30.83
C ARG C 119 -12.90 -30.89 -31.57
N LYS C 120 -12.58 -29.61 -31.34
CA LYS C 120 -11.44 -28.91 -31.94
C LYS C 120 -10.15 -29.01 -31.12
N ALA C 121 -10.22 -29.65 -29.96
CA ALA C 121 -9.04 -29.72 -29.08
C ALA C 121 -7.99 -30.59 -29.72
N GLU C 122 -6.74 -30.43 -29.29
CA GLU C 122 -5.64 -31.28 -29.75
C GLU C 122 -5.96 -32.76 -29.49
N GLU C 123 -5.60 -33.60 -30.45
CA GLU C 123 -5.82 -35.04 -30.32
C GLU C 123 -5.15 -35.63 -29.09
N SER C 124 -3.99 -35.11 -28.71
CA SER C 124 -3.30 -35.60 -27.51
C SER C 124 -4.07 -35.26 -26.24
N PHE C 125 -4.72 -34.10 -26.25
CA PHE C 125 -5.52 -33.66 -25.11
C PHE C 125 -6.76 -34.55 -24.92
N LEU C 126 -7.49 -34.81 -26.00
CA LEU C 126 -8.62 -35.74 -25.99
C LEU C 126 -8.23 -37.11 -25.48
N ALA C 127 -7.18 -37.69 -26.06
CA ALA C 127 -6.66 -38.97 -25.60
C ALA C 127 -6.20 -38.92 -24.12
N ALA C 128 -5.68 -37.80 -23.67
CA ALA C 128 -5.30 -37.69 -22.27
C ALA C 128 -6.54 -37.69 -21.40
N VAL C 129 -7.56 -36.95 -21.81
CA VAL C 129 -8.81 -36.95 -21.06
C VAL C 129 -9.50 -38.32 -21.01
N GLN C 130 -9.51 -39.03 -22.14
CA GLN C 130 -10.09 -40.38 -22.20
C GLN C 130 -9.31 -41.32 -21.28
N GLY C 131 -8.00 -41.05 -21.17
CA GLY C 131 -7.12 -41.82 -20.32
C GLY C 131 -7.51 -41.63 -18.86
N ILE C 132 -7.74 -40.39 -18.45
CA ILE C 132 -8.13 -40.12 -17.07
C ILE C 132 -9.48 -40.75 -16.77
N ALA C 133 -10.43 -40.59 -17.68
CA ALA C 133 -11.77 -41.13 -17.50
C ALA C 133 -11.79 -42.65 -17.38
N SER C 134 -10.91 -43.32 -18.12
CA SER C 134 -10.81 -44.78 -18.11
C SER C 134 -10.47 -45.31 -16.70
N CYS C 135 -9.99 -44.44 -15.82
CA CYS C 135 -9.58 -44.86 -14.47
C CYS C 135 -10.70 -44.88 -13.44
N PHE C 136 -11.88 -44.41 -13.79
CA PHE C 136 -12.99 -44.30 -12.83
C PHE C 136 -14.29 -44.78 -13.45
N ASP C 137 -15.03 -45.59 -12.71
CA ASP C 137 -16.38 -46.03 -13.05
C ASP C 137 -17.30 -44.88 -13.35
N ASN C 138 -17.11 -43.79 -12.61
CA ASN C 138 -18.04 -42.66 -12.56
C ASN C 138 -17.55 -41.38 -13.26
N VAL C 139 -16.43 -41.46 -13.95
CA VAL C 139 -15.96 -40.35 -14.77
C VAL C 139 -16.03 -40.80 -16.23
N PHE C 140 -16.57 -40.01 -17.12
CA PHE C 140 -16.61 -40.44 -18.52
C PHE C 140 -16.65 -39.25 -19.48
N VAL C 141 -16.27 -39.48 -20.74
CA VAL C 141 -16.39 -38.47 -21.78
C VAL C 141 -17.81 -38.46 -22.37
N ALA C 142 -18.33 -37.26 -22.58
CA ALA C 142 -19.65 -37.07 -23.14
C ALA C 142 -19.81 -37.91 -24.41
N SER C 143 -20.96 -38.58 -24.54
CA SER C 143 -21.21 -39.43 -25.72
C SER C 143 -21.25 -38.61 -27.04
N GLN C 144 -21.49 -37.31 -26.96
CA GLN C 144 -21.46 -36.49 -28.16
C GLN C 144 -20.68 -35.20 -27.94
N LEU C 145 -19.75 -34.90 -28.83
CA LEU C 145 -18.87 -33.77 -28.65
C LEU C 145 -19.19 -32.67 -29.66
N GLU C 146 -19.24 -31.43 -29.17
CA GLU C 146 -19.48 -30.28 -30.02
C GLU C 146 -18.17 -29.58 -30.34
N SER C 147 -18.16 -28.89 -31.47
CA SER C 147 -17.11 -27.95 -31.74
C SER C 147 -17.58 -26.62 -31.16
N VAL C 148 -16.98 -26.23 -30.04
CA VAL C 148 -17.48 -25.11 -29.27
C VAL C 148 -16.90 -23.79 -29.77
N VAL C 149 -17.80 -22.94 -30.28
CA VAL C 149 -17.43 -21.58 -30.69
C VAL C 149 -17.82 -20.61 -29.58
N TYR C 150 -16.87 -19.76 -29.20
CA TYR C 150 -17.06 -18.76 -28.15
C TYR C 150 -18.35 -17.96 -28.37
N ALA C 151 -19.12 -17.80 -27.30
CA ALA C 151 -20.36 -17.03 -27.30
C ALA C 151 -21.50 -17.69 -28.06
N SER C 152 -21.30 -18.93 -28.51
CA SER C 152 -22.29 -19.55 -29.38
C SER C 152 -23.07 -20.62 -28.67
N TRP C 153 -24.23 -20.95 -29.24
CA TRP C 153 -25.07 -22.03 -28.79
C TRP C 153 -24.33 -23.35 -28.48
N THR C 154 -23.26 -23.65 -29.20
CA THR C 154 -22.56 -24.92 -28.97
C THR C 154 -21.98 -25.07 -27.55
N ARG C 155 -21.71 -23.95 -26.89
CA ARG C 155 -21.33 -23.96 -25.49
C ARG C 155 -22.47 -24.51 -24.61
N VAL C 156 -23.70 -24.07 -24.88
CA VAL C 156 -24.85 -24.58 -24.16
C VAL C 156 -25.08 -26.06 -24.50
N LYS C 157 -24.89 -26.38 -25.76
CA LYS C 157 -25.15 -27.72 -26.27
C LYS C 157 -24.16 -28.72 -25.67
N ALA C 158 -22.93 -28.28 -25.43
CA ALA C 158 -21.96 -29.07 -24.67
C ALA C 158 -22.53 -29.50 -23.31
N ASP C 159 -23.17 -28.58 -22.58
CA ASP C 159 -23.81 -28.91 -21.31
C ASP C 159 -25.02 -29.84 -21.45
N LEU C 160 -25.83 -29.63 -22.48
CA LEU C 160 -26.99 -30.48 -22.72
C LEU C 160 -26.59 -31.90 -23.10
N ASN C 161 -25.49 -32.03 -23.81
CA ASN C 161 -24.94 -33.34 -24.11
C ASN C 161 -24.61 -34.10 -22.83
N CYS C 162 -23.85 -33.46 -21.94
CA CYS C 162 -23.59 -34.04 -20.62
C CYS C 162 -24.86 -34.30 -19.82
N MET C 163 -25.79 -33.34 -19.80
CA MET C 163 -27.04 -33.55 -19.08
C MET C 163 -27.78 -34.81 -19.50
N LYS C 164 -27.82 -35.04 -20.80
CA LYS C 164 -28.46 -36.21 -21.36
C LYS C 164 -27.80 -37.51 -20.89
N ASP C 165 -26.47 -37.57 -20.95
CA ASP C 165 -25.76 -38.77 -20.53
C ASP C 165 -25.93 -39.07 -19.05
N LEU C 166 -25.80 -38.01 -18.23
CA LEU C 166 -25.86 -38.18 -16.79
C LEU C 166 -27.26 -38.57 -16.33
N TYR C 167 -28.28 -38.07 -17.01
CA TYR C 167 -29.65 -38.32 -16.60
C TYR C 167 -30.05 -39.76 -16.96
N ARG C 168 -29.51 -40.28 -18.07
CA ARG C 168 -29.70 -41.68 -18.44
C ARG C 168 -28.90 -42.66 -17.59
N MET C 169 -27.69 -42.30 -17.19
CA MET C 169 -26.80 -43.27 -16.55
C MET C 169 -27.23 -43.66 -15.14
N ASN C 170 -27.80 -42.70 -14.41
CA ASN C 170 -28.18 -42.92 -13.01
C ASN C 170 -29.40 -42.11 -12.60
N ALA C 171 -30.28 -42.73 -11.82
CA ALA C 171 -31.53 -42.12 -11.38
C ALA C 171 -31.46 -41.52 -9.98
N ASN C 172 -30.29 -41.58 -9.34
CA ASN C 172 -30.25 -41.24 -7.91
C ASN C 172 -29.45 -40.01 -7.54
N TRP C 173 -28.74 -39.40 -8.48
CA TRP C 173 -28.06 -38.14 -8.18
C TRP C 173 -29.07 -37.01 -7.98
N LYS C 174 -28.73 -36.06 -7.11
CA LYS C 174 -29.68 -35.06 -6.63
C LYS C 174 -29.56 -33.76 -7.40
N TYR C 175 -28.33 -33.32 -7.64
CA TYR C 175 -28.07 -32.02 -8.26
C TYR C 175 -27.03 -32.15 -9.34
N LEU C 176 -27.16 -31.28 -10.35
CA LEU C 176 -26.18 -31.15 -11.40
C LEU C 176 -25.53 -29.79 -11.28
N ILE C 177 -24.20 -29.78 -11.26
CA ILE C 177 -23.41 -28.56 -11.27
C ILE C 177 -22.53 -28.54 -12.50
N ASN C 178 -22.57 -27.47 -13.29
CA ASN C 178 -21.74 -27.41 -14.48
C ASN C 178 -20.46 -26.60 -14.28
N LEU C 179 -19.35 -27.12 -14.78
CA LEU C 179 -18.06 -26.47 -14.62
C LEU C 179 -17.37 -26.35 -15.95
N SER C 180 -16.34 -25.50 -15.96
CA SER C 180 -15.39 -25.42 -17.05
C SER C 180 -14.00 -25.65 -16.46
N GLY C 181 -12.99 -25.71 -17.32
CA GLY C 181 -11.66 -26.10 -16.88
C GLY C 181 -10.92 -25.16 -15.94
N MET C 182 -11.27 -23.88 -15.96
CA MET C 182 -10.61 -22.91 -15.09
C MET C 182 -11.37 -22.56 -13.80
N ASP C 183 -12.36 -23.37 -13.44
CA ASP C 183 -13.06 -23.24 -12.18
C ASP C 183 -12.27 -23.95 -11.09
N PHE C 184 -12.58 -23.67 -9.83
CA PHE C 184 -12.08 -24.48 -8.71
C PHE C 184 -13.10 -24.40 -7.57
N PRO C 185 -13.30 -25.50 -6.83
CA PRO C 185 -14.18 -25.43 -5.66
C PRO C 185 -13.63 -24.53 -4.57
N ILE C 186 -14.52 -23.88 -3.83
CA ILE C 186 -14.10 -23.19 -2.62
C ILE C 186 -14.82 -23.78 -1.42
N LYS C 187 -15.47 -24.91 -1.64
CA LYS C 187 -16.12 -25.64 -0.57
C LYS C 187 -15.72 -27.11 -0.71
N THR C 188 -15.65 -27.86 0.39
CA THR C 188 -15.51 -29.30 0.33
C THR C 188 -16.80 -29.93 -0.17
N ASN C 189 -16.74 -31.19 -0.58
CA ASN C 189 -17.90 -31.93 -1.03
C ASN C 189 -19.00 -31.93 0.04
N LEU C 190 -18.61 -32.15 1.28
CA LEU C 190 -19.58 -32.16 2.38
C LEU C 190 -20.26 -30.79 2.54
N GLU C 191 -19.48 -29.72 2.49
CA GLU C 191 -20.04 -28.35 2.50
C GLU C 191 -21.01 -28.13 1.32
N ILE C 192 -20.62 -28.56 0.11
CA ILE C 192 -21.51 -28.46 -1.05
C ILE C 192 -22.80 -29.23 -0.80
N VAL C 193 -22.68 -30.50 -0.44
CA VAL C 193 -23.83 -31.31 -0.05
C VAL C 193 -24.78 -30.62 0.96
N ARG C 194 -24.24 -29.95 1.97
CA ARG C 194 -25.09 -29.29 2.96
C ARG C 194 -25.81 -28.06 2.43
N LYS C 195 -25.12 -27.23 1.65
CA LYS C 195 -25.82 -26.14 0.98
C LYS C 195 -26.91 -26.68 0.04
N LEU C 196 -26.64 -27.79 -0.64
CA LEU C 196 -27.66 -28.31 -1.55
C LEU C 196 -28.89 -28.78 -0.80
N LYS C 197 -28.69 -29.51 0.30
CA LYS C 197 -29.79 -29.94 1.16
C LYS C 197 -30.58 -28.72 1.66
N CYS C 198 -29.85 -27.63 1.89
CA CYS C 198 -30.44 -26.37 2.34
C CYS C 198 -31.27 -25.70 1.27
N SER C 199 -31.09 -26.10 0.01
CA SER C 199 -31.86 -25.52 -1.07
C SER C 199 -33.23 -26.18 -1.17
N THR C 200 -33.38 -27.31 -0.49
CA THR C 200 -34.63 -28.08 -0.46
C THR C 200 -35.36 -28.22 -1.82
N GLY C 201 -34.75 -28.91 -2.77
CA GLY C 201 -35.37 -29.13 -4.09
C GLY C 201 -35.51 -27.93 -5.02
N GLU C 202 -34.96 -26.79 -4.66
CA GLU C 202 -34.95 -25.64 -5.56
C GLU C 202 -33.61 -25.52 -6.27
N ASN C 203 -33.67 -25.00 -7.48
CA ASN C 203 -32.44 -24.70 -8.23
C ASN C 203 -31.81 -23.43 -7.70
N ASN C 204 -30.56 -23.17 -8.09
CA ASN C 204 -29.89 -21.97 -7.66
C ASN C 204 -28.93 -21.46 -8.73
N LEU C 205 -29.20 -20.25 -9.19
CA LEU C 205 -28.43 -19.67 -10.26
C LEU C 205 -28.88 -18.23 -10.36
N GLU C 206 -28.04 -17.40 -10.96
CA GLU C 206 -28.34 -16.01 -11.18
C GLU C 206 -29.50 -15.87 -12.16
N THR C 207 -30.42 -14.99 -11.85
CA THR C 207 -31.58 -14.77 -12.72
C THR C 207 -32.16 -13.41 -12.38
N GLU C 208 -31.85 -12.43 -13.21
CA GLU C 208 -32.24 -11.06 -12.96
C GLU C 208 -33.00 -10.50 -14.16
N LYS C 209 -33.72 -9.41 -13.94
CA LYS C 209 -34.38 -8.71 -15.03
C LYS C 209 -33.36 -8.40 -16.15
N MET C 210 -33.75 -8.71 -17.38
CA MET C 210 -32.98 -8.41 -18.56
C MET C 210 -32.65 -6.93 -18.62
N PRO C 211 -31.36 -6.58 -18.53
CA PRO C 211 -30.92 -5.20 -18.78
C PRO C 211 -30.98 -4.89 -20.27
N PRO C 212 -31.43 -3.67 -20.62
CA PRO C 212 -31.54 -3.16 -22.00
C PRO C 212 -30.28 -3.30 -22.88
N ASN C 213 -29.09 -3.09 -22.33
CA ASN C 213 -27.89 -3.24 -23.14
C ASN C 213 -27.59 -4.70 -23.54
N LYS C 214 -28.34 -5.66 -23.01
CA LYS C 214 -28.10 -7.05 -23.38
C LYS C 214 -29.02 -7.58 -24.48
N GLU C 215 -29.82 -6.70 -25.06
CA GLU C 215 -30.89 -7.08 -25.97
C GLU C 215 -30.46 -7.34 -27.41
N GLU C 216 -29.49 -6.58 -27.89
CA GLU C 216 -28.99 -6.83 -29.23
C GLU C 216 -28.48 -8.27 -29.38
N ARG C 217 -28.20 -8.93 -28.26
CA ARG C 217 -27.66 -10.29 -28.28
C ARG C 217 -28.68 -11.34 -28.68
N TRP C 218 -29.96 -11.07 -28.41
CA TRP C 218 -30.99 -12.02 -28.73
C TRP C 218 -32.10 -11.47 -29.62
N LYS C 219 -32.01 -10.20 -29.97
CA LYS C 219 -32.95 -9.58 -30.89
C LYS C 219 -32.52 -9.80 -32.35
N LYS C 220 -31.23 -10.07 -32.55
CA LYS C 220 -30.69 -10.31 -33.88
C LYS C 220 -30.13 -11.72 -34.01
N ARG C 221 -30.10 -12.18 -35.25
CA ARG C 221 -29.53 -13.46 -35.65
C ARG C 221 -28.00 -13.38 -35.80
N TYR C 222 -27.30 -14.30 -35.15
CA TYR C 222 -25.85 -14.36 -35.21
C TYR C 222 -25.47 -15.58 -36.03
N ALA C 223 -24.35 -15.50 -36.76
CA ALA C 223 -23.88 -16.61 -37.57
C ALA C 223 -22.39 -16.81 -37.35
N VAL C 224 -21.94 -18.05 -37.47
CA VAL C 224 -20.51 -18.36 -37.38
C VAL C 224 -19.80 -18.09 -38.72
N VAL C 225 -18.90 -17.12 -38.72
CA VAL C 225 -18.13 -16.81 -39.91
C VAL C 225 -16.63 -16.86 -39.64
N ASP C 226 -15.99 -17.92 -40.14
CA ASP C 226 -14.54 -18.08 -39.96
C ASP C 226 -14.25 -18.38 -38.49
N GLY C 227 -14.94 -19.39 -37.96
CA GLY C 227 -14.81 -19.75 -36.54
C GLY C 227 -15.25 -18.66 -35.57
N LYS C 228 -15.84 -17.59 -36.07
CA LYS C 228 -16.21 -16.43 -35.25
C LYS C 228 -17.70 -16.08 -35.33
N LEU C 229 -18.33 -15.89 -34.17
CA LEU C 229 -19.77 -15.57 -34.14
C LEU C 229 -20.07 -14.10 -34.48
N THR C 230 -20.88 -13.90 -35.53
CA THR C 230 -21.11 -12.57 -36.12
C THR C 230 -22.58 -12.16 -36.17
N ASN C 231 -22.87 -10.90 -35.89
CA ASN C 231 -24.23 -10.34 -36.05
C ASN C 231 -24.60 -10.17 -37.52
N THR C 232 -25.52 -10.99 -38.04
CA THR C 232 -25.93 -10.89 -39.43
C THR C 232 -26.83 -9.68 -39.70
N GLY C 233 -27.38 -9.10 -38.64
CA GLY C 233 -28.32 -7.97 -38.76
C GLY C 233 -29.79 -8.34 -38.91
N ILE C 234 -30.09 -9.63 -39.14
CA ILE C 234 -31.48 -10.07 -39.29
C ILE C 234 -32.26 -10.07 -37.96
N VAL C 235 -33.47 -9.53 -37.98
CA VAL C 235 -34.28 -9.38 -36.79
C VAL C 235 -34.98 -10.69 -36.43
N LYS C 236 -34.76 -11.19 -35.21
CA LYS C 236 -35.38 -12.44 -34.78
C LYS C 236 -36.87 -12.26 -34.46
N ALA C 237 -37.62 -13.36 -34.46
CA ALA C 237 -38.97 -13.36 -33.90
C ALA C 237 -38.88 -13.20 -32.38
N PRO C 238 -39.95 -12.72 -31.75
CA PRO C 238 -39.96 -12.71 -30.29
C PRO C 238 -39.82 -14.14 -29.77
N PRO C 239 -39.22 -14.33 -28.59
CA PRO C 239 -39.09 -15.70 -28.08
C PRO C 239 -40.45 -16.37 -27.88
N PRO C 240 -40.47 -17.71 -27.93
CA PRO C 240 -41.72 -18.45 -27.74
C PRO C 240 -42.01 -18.70 -26.25
N LEU C 241 -42.47 -17.66 -25.56
CA LEU C 241 -42.52 -17.65 -24.12
C LEU C 241 -43.53 -16.66 -23.64
N LYS C 242 -44.31 -17.02 -22.61
CA LYS C 242 -45.20 -16.06 -21.94
C LYS C 242 -44.41 -15.17 -20.97
N THR C 243 -43.50 -15.79 -20.23
CA THR C 243 -42.68 -15.08 -19.25
C THR C 243 -41.54 -14.30 -19.92
N PRO C 244 -41.02 -13.27 -19.25
CA PRO C 244 -39.89 -12.48 -19.77
C PRO C 244 -38.63 -13.33 -19.98
N LEU C 245 -37.71 -12.84 -20.81
CA LEU C 245 -36.34 -13.35 -20.74
C LEU C 245 -35.66 -12.78 -19.48
N PHE C 246 -34.84 -13.61 -18.83
CA PHE C 246 -34.05 -13.15 -17.69
C PHE C 246 -32.58 -13.26 -18.02
N SER C 247 -31.77 -12.51 -17.29
CA SER C 247 -30.35 -12.48 -17.55
C SER C 247 -29.60 -13.20 -16.41
N GLY C 248 -28.48 -13.85 -16.74
CA GLY C 248 -27.68 -14.50 -15.73
C GLY C 248 -26.32 -14.97 -16.18
N SER C 249 -26.01 -16.21 -15.85
CA SER C 249 -24.67 -16.74 -16.06
C SER C 249 -24.77 -18.09 -16.74
N ALA C 250 -23.64 -18.57 -17.28
CA ALA C 250 -23.56 -19.92 -17.83
C ALA C 250 -23.64 -21.00 -16.74
N TYR C 251 -23.43 -20.60 -15.49
CA TYR C 251 -23.24 -21.55 -14.41
C TYR C 251 -24.44 -21.72 -13.48
N PHE C 252 -24.82 -22.97 -13.26
CA PHE C 252 -26.02 -23.24 -12.50
C PHE C 252 -25.85 -24.42 -11.54
N VAL C 253 -26.83 -24.56 -10.66
CA VAL C 253 -26.92 -25.69 -9.77
C VAL C 253 -28.39 -26.03 -9.84
N VAL C 254 -28.68 -27.19 -10.43
CA VAL C 254 -30.05 -27.61 -10.72
C VAL C 254 -30.34 -29.05 -10.27
N THR C 255 -31.59 -29.32 -9.91
CA THR C 255 -31.99 -30.66 -9.49
C THR C 255 -32.09 -31.59 -10.68
N ARG C 256 -32.09 -32.89 -10.39
CA ARG C 256 -32.25 -33.89 -11.42
C ARG C 256 -33.61 -33.75 -12.08
N GLU C 257 -34.60 -33.33 -11.31
CA GLU C 257 -35.96 -33.13 -11.83
C GLU C 257 -35.98 -32.04 -12.90
N TYR C 258 -35.27 -30.94 -12.66
CA TYR C 258 -35.12 -29.89 -13.65
C TYR C 258 -34.48 -30.40 -14.95
N VAL C 259 -33.33 -31.08 -14.83
CA VAL C 259 -32.70 -31.72 -15.98
C VAL C 259 -33.70 -32.60 -16.76
N GLY C 260 -34.43 -33.44 -16.06
CA GLY C 260 -35.44 -34.28 -16.70
C GLY C 260 -36.44 -33.44 -17.49
N TYR C 261 -36.94 -32.38 -16.88
CA TYR C 261 -37.97 -31.57 -17.50
C TYR C 261 -37.43 -30.84 -18.73
N VAL C 262 -36.24 -30.29 -18.57
CA VAL C 262 -35.55 -29.55 -19.60
C VAL C 262 -35.25 -30.37 -20.85
N LEU C 263 -35.00 -31.66 -20.67
CA LEU C 263 -34.64 -32.53 -21.78
C LEU C 263 -35.86 -32.98 -22.59
N GLU C 264 -37.04 -33.02 -21.96
N GLU C 264 -37.02 -32.99 -21.93
CA GLU C 264 -38.22 -33.55 -22.65
CA GLU C 264 -38.22 -33.57 -22.52
C GLU C 264 -39.48 -32.69 -22.61
C GLU C 264 -39.25 -32.50 -22.91
N ASN C 265 -39.38 -31.47 -22.08
CA ASN C 265 -40.50 -30.54 -22.22
C ASN C 265 -40.48 -29.80 -23.58
N GLU C 266 -41.62 -29.83 -24.26
CA GLU C 266 -41.75 -29.33 -25.62
C GLU C 266 -41.58 -27.82 -25.72
N ASN C 267 -42.20 -27.09 -24.80
CA ASN C 267 -42.06 -25.63 -24.78
C ASN C 267 -40.61 -25.20 -24.55
N ILE C 268 -39.90 -25.91 -23.68
CA ILE C 268 -38.50 -25.60 -23.44
C ILE C 268 -37.67 -25.87 -24.70
N GLN C 269 -37.99 -26.97 -25.38
CA GLN C 269 -37.37 -27.30 -26.66
C GLN C 269 -37.47 -26.16 -27.65
N LYS C 270 -38.67 -25.62 -27.81
CA LYS C 270 -38.89 -24.50 -28.72
C LYS C 270 -38.05 -23.29 -28.31
N LEU C 271 -37.96 -23.03 -27.01
CA LEU C 271 -37.19 -21.91 -26.52
C LEU C 271 -35.72 -22.13 -26.88
N MET C 272 -35.22 -23.33 -26.60
CA MET C 272 -33.85 -23.67 -26.98
C MET C 272 -33.57 -23.52 -28.49
N GLU C 273 -34.51 -23.92 -29.32
CA GLU C 273 -34.22 -23.86 -30.73
C GLU C 273 -34.23 -22.42 -31.21
N TRP C 274 -35.14 -21.61 -30.66
CA TRP C 274 -35.15 -20.19 -30.93
C TRP C 274 -33.82 -19.55 -30.52
N ALA C 275 -33.22 -20.05 -29.44
CA ALA C 275 -31.99 -19.49 -28.86
C ALA C 275 -30.70 -19.82 -29.62
N GLN C 276 -30.78 -20.76 -30.55
CA GLN C 276 -29.61 -21.29 -31.27
C GLN C 276 -28.75 -20.26 -32.00
N ASP C 277 -29.39 -19.25 -32.56
CA ASP C 277 -28.69 -18.26 -33.35
C ASP C 277 -28.57 -16.92 -32.60
N THR C 278 -28.55 -16.97 -31.26
CA THR C 278 -28.36 -15.74 -30.49
C THR C 278 -26.93 -15.65 -29.98
N TYR C 279 -26.57 -14.51 -29.41
CA TYR C 279 -25.23 -14.31 -28.88
C TYR C 279 -25.18 -14.65 -27.38
N SER C 280 -24.25 -15.53 -27.01
CA SER C 280 -24.12 -15.98 -25.62
C SER C 280 -25.41 -16.41 -24.96
N PRO C 281 -26.13 -17.36 -25.58
CA PRO C 281 -27.42 -17.82 -25.04
C PRO C 281 -27.29 -18.45 -23.64
N ASP C 282 -26.08 -18.86 -23.27
CA ASP C 282 -25.84 -19.43 -21.93
C ASP C 282 -26.09 -18.40 -20.83
N GLU C 283 -26.07 -17.13 -21.21
CA GLU C 283 -26.25 -16.07 -20.24
C GLU C 283 -27.67 -15.53 -20.15
N PHE C 284 -28.60 -16.20 -20.81
CA PHE C 284 -30.03 -15.94 -20.55
C PHE C 284 -30.88 -17.19 -20.52
N LEU C 285 -30.43 -18.25 -21.18
CA LEU C 285 -31.24 -19.46 -21.27
C LEU C 285 -31.54 -20.08 -19.91
N TRP C 286 -30.53 -20.31 -19.10
CA TRP C 286 -30.76 -20.93 -17.80
C TRP C 286 -31.54 -19.97 -16.88
N ALA C 287 -31.19 -18.69 -16.92
CA ALA C 287 -31.86 -17.71 -16.07
C ALA C 287 -33.34 -17.57 -16.41
N THR C 288 -33.68 -17.78 -17.68
CA THR C 288 -35.04 -17.60 -18.16
C THR C 288 -35.88 -18.83 -17.82
N ILE C 289 -35.31 -20.01 -18.01
CA ILE C 289 -36.02 -21.25 -17.72
C ILE C 289 -36.33 -21.39 -16.23
N GLN C 290 -35.43 -20.90 -15.38
CA GLN C 290 -35.63 -20.89 -13.91
C GLN C 290 -36.85 -20.05 -13.46
N ARG C 291 -37.47 -19.31 -14.37
CA ARG C 291 -38.62 -18.48 -14.01
C ARG C 291 -39.91 -18.87 -14.71
N ILE C 292 -39.89 -20.03 -15.37
CA ILE C 292 -41.08 -20.56 -16.04
C ILE C 292 -41.90 -21.40 -15.05
N PRO C 293 -43.20 -21.11 -14.91
CA PRO C 293 -44.00 -21.92 -13.99
C PRO C 293 -43.95 -23.40 -14.41
N GLU C 294 -43.90 -24.30 -13.44
CA GLU C 294 -43.95 -25.74 -13.76
C GLU C 294 -42.59 -26.35 -14.09
N VAL C 295 -41.58 -25.51 -14.32
CA VAL C 295 -40.21 -26.01 -14.25
C VAL C 295 -39.94 -26.36 -12.80
N PRO C 296 -39.51 -27.61 -12.55
CA PRO C 296 -39.12 -28.05 -11.21
C PRO C 296 -38.02 -27.17 -10.62
N GLY C 297 -38.20 -26.78 -9.36
CA GLY C 297 -37.25 -25.93 -8.65
C GLY C 297 -37.22 -24.45 -9.05
N SER C 298 -38.15 -24.04 -9.89
CA SER C 298 -38.16 -22.67 -10.42
C SER C 298 -38.65 -21.67 -9.37
N PHE C 299 -38.43 -20.38 -9.62
CA PHE C 299 -38.99 -19.29 -8.83
C PHE C 299 -40.05 -18.62 -9.69
N PRO C 300 -41.02 -17.93 -9.04
CA PRO C 300 -41.90 -17.08 -9.84
C PRO C 300 -41.16 -15.98 -10.58
N SER C 301 -41.78 -15.47 -11.64
CA SER C 301 -41.14 -14.52 -12.50
C SER C 301 -41.17 -13.12 -11.92
N SER C 302 -41.93 -12.91 -10.84
CA SER C 302 -41.88 -11.65 -10.09
C SER C 302 -40.44 -11.27 -9.77
N ASN C 303 -40.10 -10.00 -9.95
CA ASN C 303 -38.72 -9.54 -9.73
C ASN C 303 -38.28 -9.51 -8.26
N LYS C 304 -39.25 -9.66 -7.37
CA LYS C 304 -38.95 -9.88 -5.96
C LYS C 304 -38.08 -11.11 -5.71
N TYR C 305 -38.17 -12.10 -6.62
CA TYR C 305 -37.34 -13.30 -6.50
C TYR C 305 -36.03 -13.28 -7.29
N ASP C 306 -35.74 -12.16 -7.96
CA ASP C 306 -34.49 -12.06 -8.72
C ASP C 306 -33.31 -12.40 -7.82
N LEU C 307 -32.36 -13.17 -8.34
CA LEU C 307 -31.12 -13.53 -7.64
C LEU C 307 -29.90 -12.99 -8.35
N SER C 308 -29.16 -12.09 -7.73
CA SER C 308 -27.91 -11.60 -8.32
C SER C 308 -26.81 -12.67 -8.29
N ASP C 309 -25.71 -12.42 -9.00
CA ASP C 309 -24.57 -13.34 -8.93
C ASP C 309 -23.99 -13.46 -7.52
N MET C 310 -24.10 -12.40 -6.72
CA MET C 310 -23.61 -12.49 -5.34
C MET C 310 -24.58 -13.26 -4.44
N ASN C 311 -25.87 -13.19 -4.70
CA ASN C 311 -26.87 -13.87 -3.88
C ASN C 311 -27.12 -15.35 -4.23
N ALA C 312 -26.94 -15.71 -5.50
CA ALA C 312 -26.87 -17.11 -5.91
C ALA C 312 -25.57 -17.70 -5.36
N ILE C 313 -25.50 -19.03 -5.27
CA ILE C 313 -24.34 -19.72 -4.72
C ILE C 313 -23.47 -20.38 -5.80
N ALA C 314 -23.91 -20.30 -7.04
CA ALA C 314 -23.28 -21.10 -8.12
C ALA C 314 -21.81 -20.76 -8.38
N ARG C 315 -21.50 -19.48 -8.57
CA ARG C 315 -20.14 -19.12 -8.97
C ARG C 315 -19.71 -17.75 -8.46
N PHE C 316 -18.62 -17.72 -7.69
CA PHE C 316 -17.97 -16.46 -7.39
C PHE C 316 -17.04 -16.02 -8.53
N VAL C 317 -17.37 -14.87 -9.12
CA VAL C 317 -16.60 -14.29 -10.21
C VAL C 317 -16.41 -12.81 -9.86
N LYS C 318 -15.21 -12.28 -10.12
CA LYS C 318 -14.97 -10.85 -9.95
C LYS C 318 -14.87 -10.18 -11.31
N TRP C 319 -15.72 -9.18 -11.53
CA TRP C 319 -15.63 -8.37 -12.73
C TRP C 319 -14.82 -7.10 -12.47
N GLN C 320 -13.92 -6.80 -13.40
CA GLN C 320 -13.02 -5.66 -13.27
C GLN C 320 -13.75 -4.37 -12.92
N TYR C 321 -14.82 -4.07 -13.64
CA TYR C 321 -15.51 -2.82 -13.49
C TYR C 321 -16.31 -2.70 -12.20
N PHE C 322 -16.46 -3.79 -11.45
CA PHE C 322 -17.11 -3.75 -10.13
C PHE C 322 -16.15 -3.71 -8.94
N GLU C 323 -14.91 -4.14 -9.14
CA GLU C 323 -13.94 -4.16 -8.05
C GLU C 323 -13.76 -2.79 -7.44
N GLY C 324 -13.41 -2.76 -6.16
CA GLY C 324 -13.21 -1.49 -5.49
C GLY C 324 -13.19 -1.66 -3.99
N ASP C 325 -13.48 -0.59 -3.28
CA ASP C 325 -13.48 -0.60 -1.82
C ASP C 325 -14.82 -1.15 -1.32
N VAL C 326 -14.78 -2.33 -0.71
CA VAL C 326 -16.00 -2.99 -0.27
C VAL C 326 -16.77 -2.13 0.72
N SER C 327 -16.02 -1.48 1.60
CA SER C 327 -16.62 -0.62 2.63
C SER C 327 -17.19 0.66 2.03
N ASN C 328 -17.09 0.80 0.71
CA ASN C 328 -17.60 1.99 0.04
C ASN C 328 -18.63 1.62 -1.02
N GLY C 329 -19.04 0.36 -1.05
CA GLY C 329 -20.14 -0.03 -1.92
C GLY C 329 -19.77 -0.94 -3.06
N ALA C 330 -18.48 -1.29 -3.17
CA ALA C 330 -18.05 -2.31 -4.13
C ALA C 330 -18.43 -3.71 -3.63
N PRO C 331 -18.89 -4.58 -4.53
CA PRO C 331 -19.31 -5.93 -4.10
C PRO C 331 -18.16 -6.84 -3.68
N TYR C 332 -16.93 -6.47 -4.06
CA TYR C 332 -15.74 -7.22 -3.68
C TYR C 332 -14.47 -6.41 -3.96
N PRO C 333 -13.38 -6.75 -3.27
CA PRO C 333 -12.12 -6.00 -3.36
C PRO C 333 -11.44 -6.21 -4.71
N PRO C 334 -10.46 -5.35 -5.04
CA PRO C 334 -9.69 -5.50 -6.28
C PRO C 334 -8.94 -6.83 -6.43
N CYS C 335 -8.76 -7.23 -7.68
CA CYS C 335 -8.08 -8.47 -8.08
C CYS C 335 -6.58 -8.47 -7.76
N SER C 336 -6.07 -9.61 -7.30
CA SER C 336 -4.65 -9.78 -7.00
C SER C 336 -3.92 -10.59 -8.06
N GLY C 337 -4.64 -11.08 -9.05
CA GLY C 337 -4.02 -11.73 -10.20
C GLY C 337 -4.04 -10.77 -11.36
N VAL C 338 -4.63 -11.18 -12.49
CA VAL C 338 -4.77 -10.32 -13.65
C VAL C 338 -6.16 -10.46 -14.26
N HIS C 339 -6.60 -9.46 -15.00
CA HIS C 339 -7.89 -9.57 -15.67
C HIS C 339 -7.74 -10.09 -17.08
N VAL C 340 -8.62 -11.01 -17.48
CA VAL C 340 -8.72 -11.45 -18.87
C VAL C 340 -10.15 -11.24 -19.33
N ARG C 341 -10.34 -10.33 -20.28
CA ARG C 341 -11.69 -9.97 -20.73
C ARG C 341 -12.51 -9.47 -19.54
N SER C 342 -11.84 -8.66 -18.71
CA SER C 342 -12.47 -8.02 -17.55
C SER C 342 -12.77 -8.95 -16.37
N VAL C 343 -12.50 -10.25 -16.55
CA VAL C 343 -12.74 -11.25 -15.51
C VAL C 343 -11.47 -11.45 -14.71
N CYS C 344 -11.57 -11.38 -13.39
CA CYS C 344 -10.39 -11.58 -12.58
C CYS C 344 -9.93 -13.03 -12.63
N VAL C 345 -8.66 -13.23 -12.95
CA VAL C 345 -8.02 -14.52 -12.80
C VAL C 345 -7.28 -14.43 -11.48
N PHE C 346 -7.71 -15.22 -10.51
CA PHE C 346 -7.30 -15.00 -9.13
C PHE C 346 -5.80 -15.12 -8.85
N GLY C 347 -5.32 -14.31 -7.93
CA GLY C 347 -3.98 -14.47 -7.38
C GLY C 347 -4.13 -14.85 -5.92
N ALA C 348 -3.03 -15.19 -5.27
CA ALA C 348 -3.11 -15.64 -3.88
C ALA C 348 -3.71 -14.59 -2.94
N GLY C 349 -3.60 -13.32 -3.33
CA GLY C 349 -4.12 -12.25 -2.50
C GLY C 349 -5.65 -12.26 -2.42
N ASP C 350 -6.29 -12.92 -3.38
CA ASP C 350 -7.76 -12.96 -3.46
C ASP C 350 -8.40 -13.98 -2.52
N LEU C 351 -7.61 -14.95 -2.07
CA LEU C 351 -8.19 -16.17 -1.49
C LEU C 351 -8.95 -15.98 -0.21
N SER C 352 -8.37 -15.20 0.69
CA SER C 352 -8.89 -15.04 2.04
C SER C 352 -10.32 -14.50 2.09
N TRP C 353 -10.57 -13.44 1.33
CA TRP C 353 -11.87 -12.84 1.28
C TRP C 353 -12.81 -13.82 0.56
N MET C 354 -12.30 -14.40 -0.52
CA MET C 354 -13.07 -15.32 -1.33
C MET C 354 -13.59 -16.51 -0.52
N LEU C 355 -12.79 -16.99 0.42
CA LEU C 355 -13.19 -18.13 1.25
C LEU C 355 -14.28 -17.84 2.27
N ARG C 356 -14.59 -16.57 2.50
CA ARG C 356 -15.65 -16.22 3.41
C ARG C 356 -17.02 -16.17 2.72
N GLN C 357 -17.03 -16.27 1.39
CA GLN C 357 -18.27 -16.21 0.61
C GLN C 357 -19.01 -17.55 0.56
N HIS C 358 -20.30 -17.52 0.25
CA HIS C 358 -21.14 -18.71 0.33
C HIS C 358 -21.12 -19.58 -0.95
N HIS C 359 -20.43 -19.10 -1.99
CA HIS C 359 -20.49 -19.78 -3.29
C HIS C 359 -19.80 -21.13 -3.22
N LEU C 360 -20.19 -22.04 -4.10
CA LEU C 360 -19.64 -23.40 -4.19
C LEU C 360 -18.31 -23.40 -4.99
N PHE C 361 -18.29 -22.67 -6.10
CA PHE C 361 -17.14 -22.63 -6.99
C PHE C 361 -16.73 -21.20 -7.29
N ALA C 362 -15.47 -21.01 -7.69
CA ALA C 362 -14.97 -19.69 -8.13
C ALA C 362 -14.32 -19.80 -9.52
N ASN C 363 -14.31 -18.69 -10.24
CA ASN C 363 -13.74 -18.66 -11.56
C ASN C 363 -13.15 -17.24 -11.74
N LYS C 364 -11.97 -17.06 -12.36
CA LYS C 364 -11.14 -18.07 -13.02
C LYS C 364 -9.83 -18.28 -12.29
N PHE C 365 -9.28 -19.48 -12.40
CA PHE C 365 -7.95 -19.77 -11.89
C PHE C 365 -7.03 -20.17 -13.07
N ASP C 366 -5.73 -19.89 -12.96
CA ASP C 366 -4.78 -20.16 -14.06
C ASP C 366 -3.33 -20.35 -13.58
N MET C 367 -2.80 -21.56 -13.73
CA MET C 367 -1.42 -21.89 -13.34
C MET C 367 -0.40 -20.97 -13.97
N ASP C 368 -0.69 -20.50 -15.18
CA ASP C 368 0.22 -19.62 -15.88
C ASP C 368 0.22 -18.21 -15.29
N VAL C 369 -0.86 -17.87 -14.58
CA VAL C 369 -1.00 -16.56 -13.94
C VAL C 369 -0.53 -16.61 -12.49
N ASP C 370 -1.19 -17.42 -11.67
CA ASP C 370 -0.76 -17.63 -10.29
C ASP C 370 -1.04 -19.05 -9.84
N PRO C 371 -0.02 -19.90 -9.92
CA PRO C 371 -0.10 -21.30 -9.52
C PRO C 371 -0.27 -21.51 -8.01
N PHE C 372 0.14 -20.53 -7.21
CA PHE C 372 0.12 -20.64 -5.75
C PHE C 372 -1.28 -20.46 -5.20
N ALA C 373 -2.09 -19.66 -5.88
CA ALA C 373 -3.49 -19.49 -5.51
C ALA C 373 -4.18 -20.85 -5.52
N ILE C 374 -3.90 -21.64 -6.55
CA ILE C 374 -4.52 -22.95 -6.69
C ILE C 374 -3.95 -23.96 -5.69
N GLN C 375 -2.63 -23.95 -5.52
CA GLN C 375 -1.98 -24.82 -4.54
C GLN C 375 -2.55 -24.65 -3.12
N CYS C 376 -2.67 -23.41 -2.65
CA CYS C 376 -3.14 -23.16 -1.28
C CYS C 376 -4.59 -23.56 -1.10
N LEU C 377 -5.40 -23.26 -2.10
CA LEU C 377 -6.82 -23.62 -2.08
C LEU C 377 -6.98 -25.15 -2.06
N ASP C 378 -6.28 -25.81 -2.98
CA ASP C 378 -6.29 -27.27 -3.07
C ASP C 378 -5.89 -27.89 -1.73
N GLU C 379 -4.77 -27.42 -1.19
CA GLU C 379 -4.30 -27.81 0.14
C GLU C 379 -5.32 -27.59 1.23
N HIS C 380 -5.78 -26.33 1.36
CA HIS C 380 -6.78 -26.02 2.36
C HIS C 380 -8.00 -26.95 2.31
N LEU C 381 -8.55 -27.18 1.12
CA LEU C 381 -9.77 -27.99 0.98
C LEU C 381 -9.56 -29.47 1.28
N ARG C 382 -8.40 -30.00 0.88
CA ARG C 382 -8.06 -31.39 1.20
C ARG C 382 -7.94 -31.52 2.70
N ARG C 383 -7.15 -30.65 3.30
CA ARG C 383 -6.96 -30.63 4.74
C ARG C 383 -8.30 -30.52 5.47
N LYS C 384 -9.14 -29.58 5.05
CA LYS C 384 -10.43 -29.39 5.70
C LYS C 384 -11.33 -30.62 5.57
N ALA C 385 -11.32 -31.25 4.40
CA ALA C 385 -12.16 -32.42 4.17
C ALA C 385 -11.68 -33.57 5.04
N LEU C 386 -10.38 -33.82 5.02
CA LEU C 386 -9.80 -34.95 5.72
C LEU C 386 -10.06 -34.90 7.22
N GLU C 387 -10.42 -33.73 7.74
CA GLU C 387 -10.83 -33.62 9.14
C GLU C 387 -12.32 -33.88 9.30
N ASN D 19 -65.67 -30.91 12.39
CA ASN D 19 -65.97 -31.50 11.05
C ASN D 19 -65.08 -30.94 9.92
N VAL D 20 -64.36 -29.86 10.23
CA VAL D 20 -63.40 -29.27 9.28
C VAL D 20 -62.20 -30.19 9.09
N ASN D 21 -61.94 -30.62 7.86
CA ASN D 21 -60.79 -31.48 7.60
C ASN D 21 -59.52 -30.67 7.27
N CYS D 22 -58.68 -30.50 8.28
CA CYS D 22 -57.43 -29.73 8.17
C CYS D 22 -56.54 -30.20 7.04
N THR D 23 -56.44 -31.52 6.90
CA THR D 23 -55.63 -32.11 5.83
C THR D 23 -56.07 -31.60 4.46
N LYS D 24 -57.37 -31.57 4.21
CA LYS D 24 -57.86 -31.01 2.96
C LYS D 24 -57.55 -29.51 2.83
N ILE D 25 -57.66 -28.75 3.91
CA ILE D 25 -57.30 -27.34 3.87
C ILE D 25 -55.83 -27.15 3.44
N LEU D 26 -54.92 -27.88 4.08
CA LEU D 26 -53.48 -27.79 3.79
C LEU D 26 -53.11 -28.21 2.37
N GLN D 27 -53.86 -29.17 1.82
CA GLN D 27 -53.66 -29.60 0.45
C GLN D 27 -54.32 -28.63 -0.52
N GLY D 28 -55.11 -27.70 0.01
CA GLY D 28 -55.70 -26.66 -0.81
C GLY D 28 -56.94 -27.10 -1.57
N ASP D 29 -57.69 -28.03 -0.97
CA ASP D 29 -58.96 -28.48 -1.55
C ASP D 29 -60.03 -27.38 -1.58
N PRO D 30 -60.45 -26.98 -2.78
CA PRO D 30 -61.40 -25.88 -2.97
C PRO D 30 -62.72 -26.04 -2.19
N GLU D 31 -63.29 -27.25 -2.20
CA GLU D 31 -64.55 -27.50 -1.49
C GLU D 31 -64.42 -27.31 0.00
N GLU D 32 -63.35 -27.83 0.60
CA GLU D 32 -63.12 -27.57 2.03
C GLU D 32 -62.92 -26.09 2.30
N ILE D 33 -62.15 -25.43 1.44
CA ILE D 33 -61.92 -24.01 1.62
C ILE D 33 -63.26 -23.26 1.60
N GLN D 34 -64.11 -23.57 0.62
CA GLN D 34 -65.47 -23.00 0.56
C GLN D 34 -66.30 -23.39 1.80
N LYS D 35 -66.18 -24.63 2.24
CA LYS D 35 -66.87 -25.06 3.45
C LYS D 35 -66.45 -24.20 4.65
N VAL D 36 -65.16 -24.17 4.93
CA VAL D 36 -64.61 -23.37 6.02
C VAL D 36 -65.04 -21.92 5.93
N LYS D 37 -65.01 -21.40 4.70
CA LYS D 37 -65.34 -20.00 4.43
C LYS D 37 -66.74 -19.63 4.93
N LEU D 38 -67.71 -20.52 4.70
CA LEU D 38 -69.08 -20.29 5.16
C LEU D 38 -69.20 -20.56 6.65
N GLU D 39 -68.52 -21.60 7.12
CA GLU D 39 -68.62 -21.98 8.53
C GLU D 39 -68.13 -20.91 9.51
N ILE D 40 -67.20 -20.06 9.10
CA ILE D 40 -66.70 -19.01 10.00
C ILE D 40 -67.69 -17.85 10.18
N LEU D 41 -68.64 -17.74 9.25
CA LEU D 41 -69.73 -16.78 9.37
C LEU D 41 -70.82 -17.26 10.33
N THR D 42 -70.61 -18.45 10.88
CA THR D 42 -71.61 -19.16 11.69
C THR D 42 -71.15 -19.32 13.14
N VAL D 43 -72.09 -19.42 14.08
CA VAL D 43 -71.73 -19.61 15.49
C VAL D 43 -71.11 -20.98 15.76
N PRO D 49 -66.38 -19.85 23.95
CA PRO D 49 -65.73 -19.82 25.25
C PRO D 49 -64.27 -19.35 25.16
N ARG D 50 -64.07 -18.10 24.75
CA ARG D 50 -62.73 -17.52 24.66
C ARG D 50 -62.25 -17.09 26.03
N TRP D 51 -60.94 -17.21 26.28
CA TRP D 51 -60.38 -16.95 27.61
C TRP D 51 -59.91 -15.51 27.83
N THR D 52 -60.11 -15.05 29.06
CA THR D 52 -59.76 -13.69 29.45
C THR D 52 -58.50 -13.70 30.33
N PRO D 53 -57.81 -12.56 30.40
CA PRO D 53 -56.68 -12.43 31.31
C PRO D 53 -56.94 -13.02 32.71
N HIS D 54 -58.10 -12.73 33.27
CA HIS D 54 -58.41 -13.23 34.61
C HIS D 54 -58.49 -14.75 34.68
N ASP D 55 -58.94 -15.37 33.60
CA ASP D 55 -58.91 -16.83 33.48
C ASP D 55 -57.49 -17.38 33.53
N TYR D 56 -56.57 -16.73 32.81
CA TYR D 56 -55.16 -17.11 32.82
C TYR D 56 -54.54 -16.88 34.17
N ILE D 57 -54.86 -15.77 34.80
CA ILE D 57 -54.39 -15.50 36.15
C ILE D 57 -54.78 -16.64 37.08
N ASN D 58 -56.00 -17.14 36.92
CA ASN D 58 -56.47 -18.30 37.68
C ASN D 58 -55.74 -19.58 37.25
N MET D 59 -55.78 -19.88 35.95
CA MET D 59 -55.21 -21.11 35.43
C MET D 59 -53.72 -21.29 35.77
N THR D 60 -52.94 -20.20 35.71
CA THR D 60 -51.47 -20.32 35.82
C THR D 60 -50.94 -20.42 37.25
N ARG D 61 -51.84 -20.51 38.23
CA ARG D 61 -51.44 -20.74 39.61
C ARG D 61 -50.91 -22.17 39.75
N ASP D 62 -51.66 -23.13 39.21
CA ASP D 62 -51.23 -24.51 39.12
C ASP D 62 -50.51 -24.70 37.78
N CYS D 63 -49.21 -24.43 37.76
CA CYS D 63 -48.45 -24.47 36.52
C CYS D 63 -48.34 -25.87 35.92
N ALA D 64 -48.13 -26.86 36.78
CA ALA D 64 -48.11 -28.25 36.33
C ALA D 64 -49.32 -28.64 35.49
N SER D 65 -50.52 -28.25 35.93
CA SER D 65 -51.73 -28.61 35.20
C SER D 65 -51.99 -27.69 34.00
N PHE D 66 -51.59 -26.43 34.12
CA PHE D 66 -51.66 -25.52 33.01
C PHE D 66 -50.81 -26.03 31.86
N ILE D 67 -49.60 -26.47 32.16
CA ILE D 67 -48.71 -27.00 31.14
C ILE D 67 -49.29 -28.27 30.52
N ARG D 68 -49.86 -29.11 31.37
CA ARG D 68 -50.39 -30.40 30.96
C ARG D 68 -51.59 -30.27 30.05
N THR D 69 -52.52 -29.40 30.41
CA THR D 69 -53.78 -29.32 29.70
C THR D 69 -53.61 -28.48 28.45
N ARG D 70 -52.65 -27.56 28.46
CA ARG D 70 -52.36 -26.77 27.28
C ARG D 70 -51.48 -27.54 26.29
N LYS D 71 -50.76 -28.54 26.80
CA LYS D 71 -49.94 -29.43 25.95
C LYS D 71 -48.68 -28.76 25.41
N TYR D 72 -48.02 -27.97 26.26
CA TYR D 72 -46.73 -27.40 25.93
C TYR D 72 -45.69 -28.52 25.91
N ILE D 73 -44.76 -28.48 24.96
CA ILE D 73 -43.67 -29.44 24.93
C ILE D 73 -42.70 -29.05 26.04
N VAL D 74 -42.40 -29.96 26.96
CA VAL D 74 -41.46 -29.59 28.03
C VAL D 74 -40.18 -30.41 28.08
N GLU D 75 -40.01 -31.28 27.09
CA GLU D 75 -38.78 -32.04 26.89
C GLU D 75 -38.39 -31.83 25.45
N PRO D 76 -37.08 -31.70 25.17
CA PRO D 76 -36.61 -31.46 23.80
C PRO D 76 -36.95 -32.67 22.94
N LEU D 77 -37.08 -32.44 21.63
CA LEU D 77 -37.47 -33.52 20.73
C LEU D 77 -36.27 -34.25 20.14
N THR D 78 -35.23 -33.50 19.79
CA THR D 78 -34.05 -34.10 19.21
C THR D 78 -32.79 -33.48 19.79
N LYS D 79 -31.72 -34.25 19.70
CA LYS D 79 -30.40 -33.87 20.13
C LYS D 79 -29.95 -32.66 19.32
N GLU D 80 -30.22 -32.69 18.02
CA GLU D 80 -29.93 -31.58 17.13
C GLU D 80 -30.53 -30.22 17.58
N GLU D 81 -31.80 -30.20 18.01
CA GLU D 81 -32.40 -28.94 18.48
C GLU D 81 -31.82 -28.49 19.82
N VAL D 82 -31.51 -29.43 20.70
CA VAL D 82 -30.88 -29.10 21.98
C VAL D 82 -29.57 -28.37 21.76
N GLY D 83 -28.91 -28.72 20.67
CA GLY D 83 -27.61 -28.16 20.34
C GLY D 83 -27.67 -26.82 19.66
N PHE D 84 -28.89 -26.33 19.40
CA PHE D 84 -29.08 -25.09 18.66
C PHE D 84 -30.22 -24.24 19.25
N PRO D 85 -29.95 -23.59 20.39
CA PRO D 85 -30.98 -22.79 21.04
C PRO D 85 -31.24 -21.50 20.29
N ILE D 86 -32.51 -21.10 20.30
CA ILE D 86 -32.97 -19.90 19.65
C ILE D 86 -33.54 -18.98 20.72
N ALA D 87 -33.36 -17.69 20.54
CA ALA D 87 -33.96 -16.72 21.43
C ALA D 87 -35.04 -15.97 20.66
N TYR D 88 -36.14 -15.69 21.35
CA TYR D 88 -37.26 -14.97 20.79
C TYR D 88 -37.58 -13.72 21.61
N SER D 89 -37.86 -12.64 20.87
CA SER D 89 -38.38 -11.39 21.41
C SER D 89 -39.83 -11.29 20.95
N ILE D 90 -40.77 -11.23 21.89
CA ILE D 90 -42.18 -11.17 21.52
C ILE D 90 -42.84 -9.90 22.02
N VAL D 91 -43.27 -9.05 21.09
CA VAL D 91 -43.82 -7.75 21.45
C VAL D 91 -45.34 -7.79 21.35
N VAL D 92 -46.02 -7.59 22.48
CA VAL D 92 -47.49 -7.79 22.58
C VAL D 92 -48.22 -6.71 23.38
N HIS D 93 -49.54 -6.65 23.25
CA HIS D 93 -50.28 -5.61 23.97
C HIS D 93 -51.72 -6.01 24.29
N HIS D 94 -52.23 -7.06 23.66
CA HIS D 94 -53.58 -7.58 23.98
C HIS D 94 -53.77 -9.02 23.49
N LYS D 95 -54.98 -9.54 23.63
CA LYS D 95 -55.30 -10.87 23.11
C LYS D 95 -54.46 -12.01 23.74
N ILE D 96 -54.71 -12.24 25.02
CA ILE D 96 -53.95 -13.20 25.80
C ILE D 96 -53.99 -14.63 25.25
N GLU D 97 -55.13 -15.05 24.70
CA GLU D 97 -55.21 -16.39 24.14
C GLU D 97 -54.41 -16.56 22.85
N MET D 98 -54.37 -15.53 22.02
CA MET D 98 -53.54 -15.51 20.81
CA MET D 98 -53.54 -15.62 20.82
C MET D 98 -52.06 -15.68 21.18
N LEU D 99 -51.68 -15.05 22.28
CA LEU D 99 -50.31 -15.11 22.76
C LEU D 99 -49.97 -16.49 23.31
N ASP D 100 -50.88 -17.03 24.10
CA ASP D 100 -50.72 -18.37 24.64
C ASP D 100 -50.53 -19.37 23.49
N ARG D 101 -51.45 -19.36 22.53
CA ARG D 101 -51.34 -20.23 21.34
C ARG D 101 -50.03 -20.06 20.55
N LEU D 102 -49.63 -18.81 20.32
CA LEU D 102 -48.37 -18.54 19.64
C LEU D 102 -47.17 -19.09 20.42
N LEU D 103 -47.14 -18.79 21.72
CA LEU D 103 -46.03 -19.24 22.55
C LEU D 103 -45.97 -20.76 22.58
N ARG D 104 -47.13 -21.40 22.73
CA ARG D 104 -47.15 -22.86 22.70
C ARG D 104 -46.59 -23.43 21.40
N ALA D 105 -46.93 -22.80 20.27
CA ALA D 105 -46.47 -23.28 18.96
C ALA D 105 -44.95 -23.15 18.75
N ILE D 106 -44.32 -22.20 19.41
CA ILE D 106 -42.86 -22.04 19.25
C ILE D 106 -42.05 -22.49 20.49
N TYR D 107 -42.74 -22.85 21.56
CA TYR D 107 -42.06 -23.16 22.83
C TYR D 107 -41.30 -24.49 22.82
N MET D 108 -40.04 -24.42 23.24
CA MET D 108 -39.22 -25.60 23.51
C MET D 108 -38.41 -25.25 24.74
N PRO D 109 -38.09 -26.24 25.56
CA PRO D 109 -37.37 -26.01 26.82
C PRO D 109 -35.98 -25.43 26.62
N GLN D 110 -35.35 -25.71 25.48
CA GLN D 110 -33.96 -25.27 25.30
C GLN D 110 -33.81 -23.83 24.78
N ASN D 111 -34.91 -23.22 24.36
CA ASN D 111 -34.87 -21.87 23.83
C ASN D 111 -35.14 -20.84 24.91
N PHE D 112 -35.21 -19.58 24.52
CA PHE D 112 -35.43 -18.47 25.45
C PHE D 112 -36.43 -17.50 24.86
N TYR D 113 -37.35 -17.03 25.69
CA TYR D 113 -38.46 -16.20 25.25
C TYR D 113 -38.57 -14.99 26.16
N CYS D 114 -38.34 -13.80 25.57
CA CYS D 114 -38.60 -12.54 26.27
C CYS D 114 -39.90 -11.96 25.72
N ILE D 115 -40.81 -11.61 26.62
CA ILE D 115 -42.06 -11.00 26.24
C ILE D 115 -42.08 -9.55 26.68
N HIS D 116 -42.13 -8.66 25.71
CA HIS D 116 -42.30 -7.27 26.00
C HIS D 116 -43.80 -6.94 25.98
N VAL D 117 -44.32 -6.53 27.12
CA VAL D 117 -45.72 -6.14 27.20
C VAL D 117 -45.84 -4.60 27.19
N ASP D 118 -46.60 -4.06 26.25
CA ASP D 118 -46.77 -2.61 26.18
C ASP D 118 -47.15 -2.01 27.53
N ARG D 119 -46.45 -0.96 27.94
CA ARG D 119 -46.74 -0.27 29.19
C ARG D 119 -48.21 0.20 29.27
N LYS D 120 -48.87 0.37 28.14
CA LYS D 120 -50.29 0.79 28.13
C LYS D 120 -51.29 -0.37 28.13
N ALA D 121 -50.80 -1.61 28.11
CA ALA D 121 -51.71 -2.75 28.14
C ALA D 121 -52.59 -2.70 29.38
N GLU D 122 -53.70 -3.42 29.38
CA GLU D 122 -54.46 -3.53 30.60
C GLU D 122 -53.61 -4.21 31.68
N GLU D 123 -53.78 -3.77 32.92
CA GLU D 123 -53.03 -4.32 34.05
C GLU D 123 -53.27 -5.82 34.23
N SER D 124 -54.46 -6.29 33.89
CA SER D 124 -54.74 -7.72 33.99
C SER D 124 -54.15 -8.52 32.82
N PHE D 125 -53.87 -7.86 31.71
CA PHE D 125 -53.16 -8.49 30.61
C PHE D 125 -51.72 -8.78 31.02
N LEU D 126 -51.03 -7.77 31.54
CA LEU D 126 -49.67 -7.95 32.03
C LEU D 126 -49.59 -9.05 33.10
N ALA D 127 -50.48 -8.98 34.10
CA ALA D 127 -50.53 -9.99 35.15
C ALA D 127 -50.74 -11.39 34.56
N ALA D 128 -51.57 -11.50 33.53
CA ALA D 128 -51.80 -12.78 32.86
C ALA D 128 -50.53 -13.26 32.15
N VAL D 129 -49.85 -12.34 31.48
CA VAL D 129 -48.57 -12.65 30.85
C VAL D 129 -47.53 -13.08 31.90
N GLN D 130 -47.50 -12.39 33.03
CA GLN D 130 -46.61 -12.79 34.11
C GLN D 130 -46.95 -14.21 34.56
N GLY D 131 -48.26 -14.50 34.58
CA GLY D 131 -48.74 -15.80 35.01
C GLY D 131 -48.25 -16.91 34.11
N ILE D 132 -48.41 -16.73 32.80
CA ILE D 132 -47.86 -17.69 31.84
C ILE D 132 -46.34 -17.76 31.98
N ALA D 133 -45.68 -16.60 31.97
CA ALA D 133 -44.23 -16.57 32.12
C ALA D 133 -43.70 -17.33 33.34
N SER D 134 -44.49 -17.39 34.41
CA SER D 134 -44.12 -18.07 35.66
C SER D 134 -44.01 -19.59 35.53
N CYS D 135 -44.81 -20.15 34.61
CA CYS D 135 -44.83 -21.57 34.42
C CYS D 135 -43.59 -22.11 33.71
N PHE D 136 -42.72 -21.21 33.21
CA PHE D 136 -41.51 -21.64 32.47
C PHE D 136 -40.29 -20.82 32.87
N ASP D 137 -39.20 -21.51 33.18
CA ASP D 137 -37.97 -20.85 33.57
C ASP D 137 -37.35 -20.08 32.41
N ASN D 138 -37.62 -20.48 31.18
CA ASN D 138 -37.01 -19.84 30.02
C ASN D 138 -37.90 -18.81 29.34
N VAL D 139 -39.00 -18.44 29.99
CA VAL D 139 -39.91 -17.44 29.47
C VAL D 139 -40.02 -16.37 30.52
N PHE D 140 -39.86 -15.11 30.12
CA PHE D 140 -39.98 -14.02 31.09
C PHE D 140 -40.50 -12.74 30.45
N VAL D 141 -40.95 -11.82 31.28
CA VAL D 141 -41.34 -10.47 30.82
C VAL D 141 -40.11 -9.57 30.85
N ALA D 142 -39.96 -8.70 29.83
CA ALA D 142 -38.79 -7.82 29.70
C ALA D 142 -38.57 -6.90 30.91
N SER D 143 -37.32 -6.63 31.24
CA SER D 143 -37.00 -5.88 32.46
C SER D 143 -37.35 -4.40 32.32
N GLN D 144 -37.57 -3.96 31.08
CA GLN D 144 -38.00 -2.60 30.82
C GLN D 144 -39.09 -2.58 29.76
N LEU D 145 -40.20 -1.93 30.09
CA LEU D 145 -41.38 -1.90 29.25
C LEU D 145 -41.61 -0.50 28.67
N GLU D 146 -41.86 -0.46 27.37
CA GLU D 146 -42.07 0.77 26.65
C GLU D 146 -43.55 1.02 26.48
N SER D 147 -43.91 2.28 26.27
CA SER D 147 -45.21 2.60 25.74
C SER D 147 -45.07 2.72 24.23
N VAL D 148 -45.59 1.71 23.51
CA VAL D 148 -45.32 1.62 22.09
C VAL D 148 -46.28 2.45 21.26
N VAL D 149 -45.72 3.40 20.51
CA VAL D 149 -46.48 4.33 19.70
C VAL D 149 -46.21 4.09 18.22
N TYR D 150 -47.27 4.16 17.42
CA TYR D 150 -47.18 3.87 16.01
C TYR D 150 -46.08 4.70 15.33
N ALA D 151 -45.25 4.02 14.54
CA ALA D 151 -44.21 4.67 13.71
C ALA D 151 -43.06 5.31 14.48
N SER D 152 -43.03 5.13 15.80
CA SER D 152 -42.01 5.77 16.60
C SER D 152 -40.91 4.81 17.05
N TRP D 153 -39.83 5.40 17.54
CA TRP D 153 -38.70 4.68 18.11
C TRP D 153 -39.08 3.64 19.18
N THR D 154 -40.19 3.83 19.88
CA THR D 154 -40.55 2.90 20.95
C THR D 154 -40.76 1.47 20.48
N ARG D 155 -41.20 1.31 19.23
CA ARG D 155 -41.33 -0.03 18.64
C ARG D 155 -39.97 -0.73 18.59
N VAL D 156 -38.94 -0.01 18.15
CA VAL D 156 -37.59 -0.53 18.11
C VAL D 156 -37.04 -0.78 19.50
N LYS D 157 -37.30 0.15 20.39
CA LYS D 157 -36.80 0.10 21.75
C LYS D 157 -37.35 -1.15 22.48
N ALA D 158 -38.58 -1.55 22.14
CA ALA D 158 -39.16 -2.75 22.70
C ALA D 158 -38.31 -3.98 22.37
N ASP D 159 -37.89 -4.10 21.11
CA ASP D 159 -36.98 -5.18 20.74
C ASP D 159 -35.59 -5.10 21.39
N LEU D 160 -35.04 -3.90 21.51
CA LEU D 160 -33.74 -3.71 22.15
C LEU D 160 -33.76 -4.09 23.62
N ASN D 161 -34.86 -3.77 24.30
CA ASN D 161 -35.02 -4.10 25.72
C ASN D 161 -34.91 -5.61 25.90
N CYS D 162 -35.66 -6.34 25.09
CA CYS D 162 -35.56 -7.79 25.10
C CYS D 162 -34.19 -8.32 24.72
N MET D 163 -33.55 -7.73 23.71
CA MET D 163 -32.21 -8.15 23.28
C MET D 163 -31.24 -8.09 24.43
N LYS D 164 -31.27 -6.98 25.15
CA LYS D 164 -30.36 -6.75 26.25
C LYS D 164 -30.52 -7.85 27.31
N ASP D 165 -31.77 -8.16 27.64
CA ASP D 165 -32.09 -9.22 28.60
C ASP D 165 -31.63 -10.62 28.12
N LEU D 166 -31.98 -10.97 26.89
CA LEU D 166 -31.63 -12.26 26.32
C LEU D 166 -30.12 -12.44 26.25
N TYR D 167 -29.43 -11.39 25.82
CA TYR D 167 -28.00 -11.46 25.70
C TYR D 167 -27.34 -11.77 27.05
N ARG D 168 -27.83 -11.08 28.09
CA ARG D 168 -27.31 -11.23 29.44
C ARG D 168 -27.69 -12.55 30.13
N MET D 169 -28.79 -13.18 29.72
CA MET D 169 -29.26 -14.34 30.46
C MET D 169 -28.57 -15.68 30.11
N ASN D 170 -28.14 -15.84 28.87
CA ASN D 170 -27.50 -17.07 28.41
C ASN D 170 -26.56 -16.72 27.28
N ALA D 171 -25.42 -17.40 27.23
CA ALA D 171 -24.35 -17.12 26.26
C ALA D 171 -24.36 -18.07 25.07
N ASN D 172 -25.25 -19.07 25.08
CA ASN D 172 -25.17 -20.14 24.10
C ASN D 172 -26.26 -20.18 23.03
N TRP D 173 -27.28 -19.34 23.14
CA TRP D 173 -28.26 -19.26 22.06
C TRP D 173 -27.60 -18.72 20.77
N LYS D 174 -28.13 -19.12 19.63
CA LYS D 174 -27.46 -18.90 18.34
C LYS D 174 -27.96 -17.67 17.59
N TYR D 175 -29.29 -17.56 17.54
CA TYR D 175 -29.94 -16.52 16.80
C TYR D 175 -31.10 -15.98 17.59
N LEU D 176 -31.46 -14.74 17.30
CA LEU D 176 -32.63 -14.13 17.86
C LEU D 176 -33.62 -13.85 16.73
N ILE D 177 -34.89 -14.15 16.99
CA ILE D 177 -36.00 -13.92 16.06
C ILE D 177 -37.03 -13.07 16.82
N ASN D 178 -37.46 -11.95 16.23
CA ASN D 178 -38.43 -11.09 16.87
C ASN D 178 -39.82 -11.30 16.30
N LEU D 179 -40.82 -11.26 17.16
CA LEU D 179 -42.18 -11.57 16.75
C LEU D 179 -43.14 -10.55 17.34
N SER D 180 -44.35 -10.56 16.80
CA SER D 180 -45.48 -9.83 17.37
C SER D 180 -46.63 -10.79 17.57
N GLY D 181 -47.67 -10.34 18.27
CA GLY D 181 -48.73 -11.22 18.70
C GLY D 181 -49.57 -11.86 17.60
N MET D 182 -49.62 -11.23 16.43
CA MET D 182 -50.37 -11.82 15.33
C MET D 182 -49.53 -12.59 14.29
N ASP D 183 -48.26 -12.85 14.63
CA ASP D 183 -47.40 -13.77 13.85
C ASP D 183 -47.77 -15.22 14.13
N PHE D 184 -47.26 -16.13 13.31
CA PHE D 184 -47.37 -17.55 13.59
C PHE D 184 -46.28 -18.27 12.78
N PRO D 185 -45.64 -19.29 13.37
CA PRO D 185 -44.64 -20.05 12.60
C PRO D 185 -45.28 -20.80 11.46
N ILE D 186 -44.56 -20.92 10.34
CA ILE D 186 -44.98 -21.88 9.33
C ILE D 186 -43.99 -23.06 9.23
N LYS D 187 -43.07 -23.13 10.19
CA LYS D 187 -42.10 -24.23 10.27
C LYS D 187 -42.03 -24.73 11.70
N THR D 188 -41.61 -25.98 11.88
CA THR D 188 -41.42 -26.55 13.19
C THR D 188 -40.10 -26.04 13.74
N ASN D 189 -39.85 -26.22 15.04
CA ASN D 189 -38.57 -25.81 15.61
C ASN D 189 -37.35 -26.41 14.93
N LEU D 190 -37.44 -27.68 14.54
CA LEU D 190 -36.35 -28.38 13.90
C LEU D 190 -36.05 -27.83 12.50
N GLU D 191 -37.11 -27.52 11.76
CA GLU D 191 -36.98 -26.86 10.46
C GLU D 191 -36.31 -25.47 10.57
N ILE D 192 -36.74 -24.70 11.57
CA ILE D 192 -36.16 -23.39 11.82
C ILE D 192 -34.67 -23.53 12.15
N VAL D 193 -34.37 -24.44 13.07
CA VAL D 193 -32.99 -24.76 13.43
C VAL D 193 -32.15 -25.08 12.19
N ARG D 194 -32.69 -25.88 11.28
CA ARG D 194 -31.96 -26.24 10.06
C ARG D 194 -31.76 -25.08 9.11
N LYS D 195 -32.79 -24.26 8.90
CA LYS D 195 -32.63 -23.12 8.02
C LYS D 195 -31.59 -22.20 8.61
N LEU D 196 -31.52 -22.13 9.93
CA LEU D 196 -30.56 -21.24 10.58
C LEU D 196 -29.12 -21.76 10.49
N LYS D 197 -28.96 -23.07 10.54
CA LYS D 197 -27.63 -23.66 10.33
C LYS D 197 -27.14 -23.36 8.92
N CYS D 198 -28.07 -23.39 7.98
CA CYS D 198 -27.84 -23.06 6.59
C CYS D 198 -27.36 -21.63 6.34
N SER D 199 -27.67 -20.72 7.27
CA SER D 199 -27.27 -19.33 7.17
C SER D 199 -25.80 -19.16 7.51
N THR D 200 -25.19 -20.17 8.09
CA THR D 200 -23.79 -20.16 8.52
C THR D 200 -23.34 -18.84 9.16
N GLY D 201 -23.97 -18.45 10.26
CA GLY D 201 -23.55 -17.24 11.00
C GLY D 201 -23.84 -15.90 10.35
N GLU D 202 -24.59 -15.89 9.25
CA GLU D 202 -25.07 -14.65 8.66
C GLU D 202 -26.46 -14.31 9.18
N ASN D 203 -26.77 -13.02 9.21
CA ASN D 203 -28.12 -12.61 9.59
C ASN D 203 -29.03 -12.71 8.39
N ASN D 204 -30.32 -12.58 8.60
CA ASN D 204 -31.21 -12.67 7.47
C ASN D 204 -32.37 -11.76 7.70
N LEU D 205 -32.49 -10.76 6.84
CA LEU D 205 -33.60 -9.83 6.96
C LEU D 205 -33.68 -9.06 5.65
N GLU D 206 -34.87 -8.55 5.35
CA GLU D 206 -35.06 -7.65 4.21
C GLU D 206 -34.13 -6.45 4.33
N THR D 207 -33.43 -6.15 3.26
CA THR D 207 -32.59 -4.97 3.24
C THR D 207 -32.31 -4.55 1.79
N GLU D 208 -32.89 -3.43 1.39
CA GLU D 208 -32.83 -3.01 0.01
C GLU D 208 -32.54 -1.54 -0.16
N LYS D 209 -32.00 -1.20 -1.32
CA LYS D 209 -31.77 0.18 -1.73
C LYS D 209 -32.95 1.05 -1.29
N MET D 210 -32.66 2.14 -0.59
CA MET D 210 -33.73 3.05 -0.14
C MET D 210 -34.46 3.67 -1.35
N PRO D 211 -35.79 3.57 -1.41
CA PRO D 211 -36.48 4.37 -2.45
C PRO D 211 -36.12 5.88 -2.36
N PRO D 212 -36.14 6.58 -3.51
CA PRO D 212 -35.74 8.01 -3.52
C PRO D 212 -36.82 8.98 -3.02
N ASN D 213 -37.91 8.47 -2.47
CA ASN D 213 -38.97 9.34 -1.99
C ASN D 213 -39.26 9.20 -0.50
N LYS D 214 -38.30 8.72 0.28
CA LYS D 214 -38.55 8.45 1.71
C LYS D 214 -37.84 9.40 2.65
N GLU D 215 -37.08 10.33 2.10
CA GLU D 215 -36.13 11.08 2.91
C GLU D 215 -36.78 11.96 3.99
N GLU D 216 -38.02 12.37 3.77
CA GLU D 216 -38.68 13.23 4.73
C GLU D 216 -38.88 12.55 6.09
N ARG D 217 -38.69 11.23 6.11
CA ARG D 217 -38.81 10.46 7.35
C ARG D 217 -37.58 10.61 8.23
N TRP D 218 -36.47 11.06 7.68
CA TRP D 218 -35.29 11.19 8.53
C TRP D 218 -34.59 12.54 8.39
N LYS D 219 -35.10 13.40 7.53
CA LYS D 219 -34.50 14.71 7.34
C LYS D 219 -35.11 15.75 8.27
N LYS D 220 -36.26 15.38 8.82
CA LYS D 220 -36.99 16.19 9.80
C LYS D 220 -37.12 15.44 11.11
N ARG D 221 -37.17 16.18 12.19
CA ARG D 221 -37.25 15.62 13.53
C ARG D 221 -38.72 15.39 13.86
N TYR D 222 -39.06 14.19 14.34
CA TYR D 222 -40.46 13.85 14.69
C TYR D 222 -40.62 13.69 16.20
N ALA D 223 -41.78 14.06 16.74
CA ALA D 223 -42.05 13.93 18.18
C ALA D 223 -43.47 13.48 18.46
N VAL D 224 -43.63 12.77 19.57
CA VAL D 224 -44.94 12.25 19.95
C VAL D 224 -45.71 13.35 20.63
N VAL D 225 -46.89 13.65 20.10
CA VAL D 225 -47.68 14.79 20.53
C VAL D 225 -49.14 14.35 20.57
N ASP D 226 -49.68 14.22 21.78
CA ASP D 226 -51.05 13.79 21.97
C ASP D 226 -51.16 12.33 21.54
N GLY D 227 -50.24 11.50 22.03
CA GLY D 227 -50.17 10.09 21.64
C GLY D 227 -49.90 9.80 20.16
N LYS D 228 -49.54 10.83 19.40
CA LYS D 228 -49.25 10.67 17.97
C LYS D 228 -47.91 11.25 17.52
N LEU D 229 -47.18 10.48 16.71
CA LEU D 229 -45.93 10.95 16.12
C LEU D 229 -46.18 11.98 15.02
N THR D 230 -45.63 13.18 15.19
CA THR D 230 -45.86 14.26 14.23
C THR D 230 -44.54 14.91 13.79
N ASN D 231 -44.55 15.49 12.60
CA ASN D 231 -43.39 16.22 12.11
C ASN D 231 -43.33 17.57 12.84
N THR D 232 -42.19 17.89 13.43
CA THR D 232 -42.02 19.13 14.19
C THR D 232 -41.60 20.31 13.31
N GLY D 233 -41.15 20.01 12.09
CA GLY D 233 -40.66 21.04 11.20
C GLY D 233 -39.16 21.29 11.31
N ILE D 234 -38.53 20.73 12.35
CA ILE D 234 -37.10 20.92 12.62
C ILE D 234 -36.20 19.98 11.80
N VAL D 235 -35.26 20.55 11.05
CA VAL D 235 -34.28 19.80 10.27
C VAL D 235 -33.36 18.92 11.15
N LYS D 236 -32.99 17.76 10.63
CA LYS D 236 -32.07 16.85 11.32
C LYS D 236 -30.68 16.85 10.66
N ALA D 237 -29.65 16.61 11.45
CA ALA D 237 -28.32 16.38 10.88
C ALA D 237 -28.36 15.14 9.99
N PRO D 238 -27.34 14.95 9.14
CA PRO D 238 -27.31 13.73 8.34
C PRO D 238 -27.06 12.53 9.24
N PRO D 239 -27.33 11.33 8.75
CA PRO D 239 -27.05 10.13 9.55
C PRO D 239 -25.56 10.08 9.82
N PRO D 240 -25.17 9.72 11.05
CA PRO D 240 -23.75 9.60 11.36
C PRO D 240 -23.18 8.26 10.87
N LEU D 241 -23.18 8.05 9.56
CA LEU D 241 -22.52 6.89 8.97
C LEU D 241 -22.08 7.13 7.52
N LYS D 242 -21.14 6.32 7.08
CA LYS D 242 -20.59 6.37 5.74
C LYS D 242 -21.50 5.58 4.77
N THR D 243 -22.01 4.46 5.27
CA THR D 243 -22.97 3.60 4.58
C THR D 243 -24.33 4.32 4.37
N PRO D 244 -25.00 4.08 3.24
CA PRO D 244 -26.35 4.66 3.06
C PRO D 244 -27.35 4.00 4.00
N LEU D 245 -28.52 4.63 4.18
CA LEU D 245 -29.63 3.96 4.83
C LEU D 245 -30.26 2.98 3.84
N PHE D 246 -30.74 1.84 4.35
CA PHE D 246 -31.40 0.83 3.54
C PHE D 246 -32.82 0.65 4.02
N SER D 247 -33.65 0.09 3.16
CA SER D 247 -35.06 -0.08 3.45
C SER D 247 -35.32 -1.57 3.76
N GLY D 248 -36.10 -1.82 4.80
CA GLY D 248 -36.43 -3.19 5.17
C GLY D 248 -37.71 -3.25 5.97
N SER D 249 -37.71 -4.03 7.04
CA SER D 249 -38.90 -4.14 7.89
C SER D 249 -38.50 -4.29 9.34
N ALA D 250 -39.49 -4.36 10.22
CA ALA D 250 -39.26 -4.50 11.64
C ALA D 250 -38.77 -5.91 12.06
N TYR D 251 -38.83 -6.86 11.13
CA TYR D 251 -38.64 -8.28 11.49
C TYR D 251 -37.30 -8.82 11.03
N PHE D 252 -36.56 -9.47 11.93
CA PHE D 252 -35.22 -9.92 11.59
C PHE D 252 -34.90 -11.28 12.18
N VAL D 253 -33.80 -11.87 11.68
CA VAL D 253 -33.22 -13.08 12.22
C VAL D 253 -31.75 -12.78 12.34
N VAL D 254 -31.24 -12.63 13.56
CA VAL D 254 -29.85 -12.23 13.77
C VAL D 254 -29.09 -13.12 14.75
N THR D 255 -27.77 -13.22 14.56
CA THR D 255 -26.92 -14.02 15.42
C THR D 255 -26.74 -13.34 16.77
N ARG D 256 -26.34 -14.12 17.77
CA ARG D 256 -26.04 -13.57 19.08
C ARG D 256 -24.89 -12.55 19.02
N GLU D 257 -23.90 -12.79 18.15
CA GLU D 257 -22.78 -11.88 18.00
C GLU D 257 -23.26 -10.52 17.47
N TYR D 258 -24.21 -10.54 16.57
CA TYR D 258 -24.78 -9.30 16.06
C TYR D 258 -25.37 -8.53 17.24
N VAL D 259 -26.23 -9.19 18.02
CA VAL D 259 -26.87 -8.55 19.18
C VAL D 259 -25.84 -7.96 20.15
N GLY D 260 -24.80 -8.72 20.49
CA GLY D 260 -23.75 -8.19 21.34
C GLY D 260 -23.14 -6.91 20.81
N TYR D 261 -22.89 -6.89 19.51
CA TYR D 261 -22.17 -5.82 18.87
C TYR D 261 -23.06 -4.59 18.85
N VAL D 262 -24.31 -4.81 18.53
CA VAL D 262 -25.29 -3.76 18.43
C VAL D 262 -25.54 -3.11 19.79
N LEU D 263 -25.47 -3.91 20.84
CA LEU D 263 -25.68 -3.39 22.21
C LEU D 263 -24.50 -2.59 22.71
N GLU D 264 -23.31 -2.92 22.21
CA GLU D 264 -22.06 -2.38 22.76
C GLU D 264 -21.34 -1.40 21.82
N ASN D 265 -21.45 -1.60 20.52
CA ASN D 265 -20.68 -0.76 19.61
C ASN D 265 -21.09 0.69 19.67
N GLU D 266 -20.11 1.58 19.78
CA GLU D 266 -20.33 3.00 19.96
C GLU D 266 -20.90 3.72 18.76
N ASN D 267 -20.42 3.36 17.57
CA ASN D 267 -20.97 3.92 16.33
C ASN D 267 -22.41 3.51 16.12
N ILE D 268 -22.73 2.23 16.36
CA ILE D 268 -24.11 1.77 16.28
C ILE D 268 -24.98 2.52 17.28
N GLN D 269 -24.44 2.78 18.46
CA GLN D 269 -25.15 3.56 19.47
C GLN D 269 -25.52 4.95 18.99
N LYS D 270 -24.57 5.64 18.35
CA LYS D 270 -24.82 6.98 17.83
C LYS D 270 -25.91 6.95 16.78
N LEU D 271 -25.79 6.02 15.82
CA LEU D 271 -26.81 5.86 14.79
C LEU D 271 -28.19 5.67 15.42
N MET D 272 -28.26 4.91 16.49
CA MET D 272 -29.51 4.64 17.15
C MET D 272 -30.08 5.86 17.86
N GLU D 273 -29.23 6.67 18.47
CA GLU D 273 -29.74 7.87 19.12
C GLU D 273 -30.12 8.96 18.11
N TRP D 274 -29.46 8.99 16.97
CA TRP D 274 -29.89 9.83 15.85
C TRP D 274 -31.26 9.36 15.33
N ALA D 275 -31.48 8.05 15.31
CA ALA D 275 -32.73 7.47 14.80
C ALA D 275 -33.98 7.68 15.66
N GLN D 276 -33.78 8.02 16.94
CA GLN D 276 -34.88 8.11 17.91
C GLN D 276 -36.02 9.02 17.51
N ASP D 277 -35.70 10.12 16.84
CA ASP D 277 -36.74 11.03 16.42
C ASP D 277 -36.97 11.02 14.89
N THR D 278 -36.92 9.83 14.30
CA THR D 278 -37.26 9.69 12.88
C THR D 278 -38.66 9.07 12.75
N TYR D 279 -39.19 9.03 11.54
CA TYR D 279 -40.46 8.38 11.28
C TYR D 279 -40.27 6.90 10.90
N SER D 280 -40.98 6.02 11.60
CA SER D 280 -40.89 4.58 11.32
C SER D 280 -39.46 4.03 11.22
N PRO D 281 -38.63 4.25 12.24
CA PRO D 281 -37.25 3.74 12.19
C PRO D 281 -37.12 2.21 12.17
N ASP D 282 -38.18 1.46 12.49
CA ASP D 282 -38.11 -0.02 12.42
C ASP D 282 -38.02 -0.47 10.96
N GLU D 283 -38.42 0.42 10.06
CA GLU D 283 -38.37 0.10 8.65
C GLU D 283 -37.05 0.44 7.99
N PHE D 284 -36.08 0.96 8.73
CA PHE D 284 -34.76 1.17 8.14
C PHE D 284 -33.56 0.82 9.02
N LEU D 285 -33.75 0.79 10.34
CA LEU D 285 -32.61 0.63 11.24
C LEU D 285 -31.91 -0.70 11.10
N TRP D 286 -32.67 -1.79 11.11
CA TRP D 286 -32.06 -3.10 11.02
C TRP D 286 -31.52 -3.32 9.63
N ALA D 287 -32.29 -2.88 8.63
CA ALA D 287 -31.92 -3.06 7.22
C ALA D 287 -30.60 -2.38 6.94
N THR D 288 -30.35 -1.29 7.65
CA THR D 288 -29.18 -0.43 7.44
C THR D 288 -27.97 -0.94 8.19
N ILE D 289 -28.19 -1.25 9.46
CA ILE D 289 -27.10 -1.80 10.28
C ILE D 289 -26.57 -3.07 9.68
N GLN D 290 -27.44 -3.80 8.98
CA GLN D 290 -27.08 -5.05 8.33
C GLN D 290 -26.05 -4.84 7.22
N ARG D 291 -25.81 -3.59 6.83
CA ARG D 291 -24.90 -3.29 5.70
C ARG D 291 -23.67 -2.48 6.14
N ILE D 292 -23.47 -2.40 7.44
CA ILE D 292 -22.34 -1.69 7.97
C ILE D 292 -21.19 -2.68 8.07
N PRO D 293 -20.01 -2.31 7.55
CA PRO D 293 -18.90 -3.25 7.60
C PRO D 293 -18.52 -3.53 9.07
N GLU D 294 -18.12 -4.76 9.36
CA GLU D 294 -17.68 -5.12 10.73
C GLU D 294 -18.82 -5.46 11.70
N VAL D 295 -20.06 -5.22 11.30
CA VAL D 295 -21.21 -5.80 11.97
C VAL D 295 -21.20 -7.33 11.69
N PRO D 296 -21.27 -8.15 12.76
CA PRO D 296 -21.24 -9.60 12.55
C PRO D 296 -22.46 -10.09 11.78
N GLY D 297 -22.21 -10.92 10.78
CA GLY D 297 -23.30 -11.41 9.93
C GLY D 297 -23.84 -10.42 8.89
N SER D 298 -23.19 -9.27 8.74
CA SER D 298 -23.60 -8.23 7.78
C SER D 298 -23.28 -8.59 6.31
N PHE D 299 -23.87 -7.87 5.36
CA PHE D 299 -23.56 -8.03 3.93
C PHE D 299 -22.89 -6.75 3.49
N PRO D 300 -22.04 -6.80 2.45
CA PRO D 300 -21.59 -5.50 1.94
C PRO D 300 -22.74 -4.63 1.44
N SER D 301 -22.51 -3.34 1.30
CA SER D 301 -23.61 -2.42 0.97
C SER D 301 -23.91 -2.32 -0.53
N SER D 302 -23.04 -2.87 -1.36
CA SER D 302 -23.34 -3.00 -2.78
C SER D 302 -24.75 -3.55 -2.96
N ASN D 303 -25.47 -3.10 -3.96
CA ASN D 303 -26.84 -3.52 -4.13
C ASN D 303 -27.03 -4.93 -4.67
N LYS D 304 -25.91 -5.57 -5.05
CA LYS D 304 -25.89 -7.00 -5.41
C LYS D 304 -26.30 -7.88 -4.24
N TYR D 305 -26.15 -7.36 -3.03
CA TYR D 305 -26.47 -8.12 -1.83
C TYR D 305 -27.85 -7.83 -1.26
N ASP D 306 -28.61 -6.98 -1.92
CA ASP D 306 -29.91 -6.60 -1.42
C ASP D 306 -30.78 -7.84 -1.25
N LEU D 307 -31.54 -7.90 -0.17
CA LEU D 307 -32.49 -9.00 0.07
C LEU D 307 -33.91 -8.46 0.13
N SER D 308 -34.77 -8.96 -0.75
CA SER D 308 -36.18 -8.56 -0.73
C SER D 308 -36.94 -9.34 0.33
N ASP D 309 -38.22 -8.98 0.54
CA ASP D 309 -39.02 -9.68 1.57
C ASP D 309 -39.26 -11.13 1.22
N MET D 310 -39.32 -11.41 -0.09
CA MET D 310 -39.50 -12.77 -0.61
C MET D 310 -38.20 -13.59 -0.54
N ASN D 311 -37.04 -12.96 -0.76
CA ASN D 311 -35.77 -13.72 -0.68
C ASN D 311 -35.22 -13.86 0.74
N ALA D 312 -35.58 -12.95 1.63
CA ALA D 312 -35.33 -13.12 3.06
C ALA D 312 -36.25 -14.20 3.60
N ILE D 313 -35.89 -14.79 4.74
CA ILE D 313 -36.68 -15.89 5.33
C ILE D 313 -37.40 -15.48 6.60
N ALA D 314 -37.26 -14.23 7.00
CA ALA D 314 -37.74 -13.79 8.31
C ALA D 314 -39.27 -13.79 8.39
N ARG D 315 -39.92 -13.11 7.45
CA ARG D 315 -41.39 -12.98 7.54
C ARG D 315 -42.11 -12.98 6.20
N PHE D 316 -43.07 -13.87 6.08
CA PHE D 316 -43.96 -13.90 4.92
C PHE D 316 -45.21 -13.03 5.17
N VAL D 317 -45.36 -12.00 4.35
CA VAL D 317 -46.47 -11.05 4.43
C VAL D 317 -46.98 -10.85 2.99
N LYS D 318 -48.29 -10.72 2.83
CA LYS D 318 -48.90 -10.42 1.53
C LYS D 318 -49.44 -9.00 1.51
N TRP D 319 -48.98 -8.17 0.59
CA TRP D 319 -49.56 -6.84 0.40
C TRP D 319 -50.62 -6.90 -0.68
N GLN D 320 -51.75 -6.27 -0.41
CA GLN D 320 -52.89 -6.27 -1.30
CA GLN D 320 -52.90 -6.26 -1.31
C GLN D 320 -52.53 -5.88 -2.74
N TYR D 321 -51.68 -4.87 -2.87
CA TYR D 321 -51.34 -4.36 -4.18
C TYR D 321 -50.35 -5.24 -4.96
N PHE D 322 -49.81 -6.28 -4.35
CA PHE D 322 -48.94 -7.17 -5.11
C PHE D 322 -49.63 -8.49 -5.44
N GLU D 323 -50.70 -8.83 -4.72
CA GLU D 323 -51.39 -10.11 -4.92
C GLU D 323 -51.87 -10.26 -6.36
N GLY D 324 -51.81 -11.48 -6.88
CA GLY D 324 -52.30 -11.74 -8.23
C GLY D 324 -51.98 -13.16 -8.67
N ASP D 325 -51.99 -13.36 -9.99
CA ASP D 325 -51.64 -14.63 -10.62
C ASP D 325 -50.11 -14.86 -10.51
N VAL D 326 -49.69 -15.80 -9.66
CA VAL D 326 -48.26 -16.07 -9.50
C VAL D 326 -47.62 -16.64 -10.79
N SER D 327 -48.42 -17.41 -11.55
CA SER D 327 -48.03 -17.91 -12.86
C SER D 327 -47.87 -16.78 -13.85
N ASN D 328 -48.27 -15.57 -13.45
CA ASN D 328 -48.26 -14.42 -14.34
C ASN D 328 -47.69 -13.13 -13.73
N GLY D 329 -46.63 -13.24 -12.94
CA GLY D 329 -45.93 -12.03 -12.50
C GLY D 329 -46.08 -11.59 -11.06
N ALA D 330 -47.10 -12.10 -10.37
CA ALA D 330 -47.32 -11.75 -8.96
C ALA D 330 -46.40 -12.55 -8.05
N PRO D 331 -46.00 -11.95 -6.91
CA PRO D 331 -45.14 -12.67 -5.98
C PRO D 331 -45.87 -13.73 -5.12
N TYR D 332 -47.19 -13.68 -5.10
CA TYR D 332 -48.00 -14.56 -4.25
C TYR D 332 -49.47 -14.33 -4.60
N PRO D 333 -50.33 -15.33 -4.36
CA PRO D 333 -51.75 -15.31 -4.71
C PRO D 333 -52.60 -14.35 -3.88
N PRO D 334 -53.82 -14.08 -4.34
CA PRO D 334 -54.77 -13.23 -3.61
C PRO D 334 -55.02 -13.71 -2.18
N CYS D 335 -55.31 -12.77 -1.28
CA CYS D 335 -55.71 -13.08 0.10
C CYS D 335 -57.02 -13.85 0.14
N SER D 336 -57.12 -14.87 1.00
CA SER D 336 -58.39 -15.57 1.22
C SER D 336 -59.01 -15.17 2.54
N GLY D 337 -58.47 -14.13 3.18
CA GLY D 337 -59.01 -13.61 4.41
C GLY D 337 -59.56 -12.22 4.18
N VAL D 338 -58.94 -11.22 4.81
CA VAL D 338 -59.34 -9.84 4.61
C VAL D 338 -58.11 -8.97 4.73
N HIS D 339 -58.13 -7.83 4.06
CA HIS D 339 -57.05 -6.87 4.20
C HIS D 339 -57.36 -5.87 5.29
N VAL D 340 -56.34 -5.57 6.08
CA VAL D 340 -56.39 -4.51 7.07
C VAL D 340 -55.20 -3.62 6.75
N ARG D 341 -55.47 -2.37 6.36
CA ARG D 341 -54.41 -1.45 5.94
C ARG D 341 -53.47 -2.10 4.94
N SER D 342 -54.04 -2.69 3.89
CA SER D 342 -53.27 -3.23 2.77
C SER D 342 -52.50 -4.52 3.05
N VAL D 343 -52.57 -5.02 4.28
CA VAL D 343 -51.89 -6.24 4.66
C VAL D 343 -52.90 -7.37 4.79
N CYS D 344 -52.56 -8.54 4.24
CA CYS D 344 -53.50 -9.65 4.26
C CYS D 344 -53.54 -10.33 5.63
N VAL D 345 -54.73 -10.49 6.18
CA VAL D 345 -54.92 -11.33 7.35
C VAL D 345 -55.39 -12.66 6.80
N PHE D 346 -54.61 -13.72 7.02
CA PHE D 346 -54.83 -15.00 6.34
C PHE D 346 -56.14 -15.72 6.65
N GLY D 347 -56.77 -16.25 5.59
CA GLY D 347 -57.86 -17.20 5.69
C GLY D 347 -57.30 -18.60 5.45
N ALA D 348 -58.10 -19.63 5.71
CA ALA D 348 -57.63 -21.00 5.56
C ALA D 348 -57.18 -21.26 4.12
N GLY D 349 -57.78 -20.55 3.17
CA GLY D 349 -57.43 -20.68 1.76
C GLY D 349 -56.01 -20.22 1.41
N ASP D 350 -55.32 -19.58 2.36
CA ASP D 350 -54.00 -19.03 2.09
C ASP D 350 -52.90 -20.03 2.40
N LEU D 351 -53.24 -21.01 3.22
CA LEU D 351 -52.27 -21.87 3.89
C LEU D 351 -51.44 -22.74 2.97
N SER D 352 -52.11 -23.33 1.98
CA SER D 352 -51.48 -24.32 1.14
C SER D 352 -50.26 -23.75 0.42
N TRP D 353 -50.47 -22.65 -0.27
CA TRP D 353 -49.38 -22.06 -1.03
C TRP D 353 -48.33 -21.57 -0.06
N MET D 354 -48.78 -21.01 1.05
CA MET D 354 -47.88 -20.40 2.04
C MET D 354 -46.88 -21.38 2.67
N LEU D 355 -47.34 -22.60 2.93
CA LEU D 355 -46.50 -23.61 3.56
C LEU D 355 -45.36 -24.13 2.69
N ARG D 356 -45.46 -23.88 1.38
CA ARG D 356 -44.40 -24.24 0.45
C ARG D 356 -43.27 -23.18 0.43
N GLN D 357 -43.52 -22.00 0.98
CA GLN D 357 -42.50 -20.94 1.01
C GLN D 357 -41.42 -21.24 2.06
N HIS D 358 -40.32 -20.49 1.99
CA HIS D 358 -39.14 -20.79 2.81
C HIS D 358 -39.08 -19.98 4.08
N HIS D 359 -39.98 -19.01 4.23
CA HIS D 359 -40.02 -18.16 5.42
C HIS D 359 -40.28 -18.94 6.73
N LEU D 360 -39.79 -18.40 7.84
CA LEU D 360 -39.93 -19.08 9.13
C LEU D 360 -41.28 -18.76 9.78
N PHE D 361 -41.72 -17.52 9.65
CA PHE D 361 -42.99 -17.10 10.22
C PHE D 361 -43.80 -16.37 9.17
N ALA D 362 -45.09 -16.23 9.41
CA ALA D 362 -45.99 -15.49 8.53
C ALA D 362 -46.81 -14.52 9.37
N ASN D 363 -47.32 -13.47 8.74
CA ASN D 363 -48.06 -12.40 9.40
C ASN D 363 -49.04 -11.85 8.36
N LYS D 364 -50.30 -11.56 8.70
CA LYS D 364 -50.85 -11.79 10.04
C LYS D 364 -52.05 -12.71 10.10
N PHE D 365 -52.29 -13.22 11.30
CA PHE D 365 -53.39 -14.14 11.55
C PHE D 365 -54.28 -13.49 12.59
N ASP D 366 -55.57 -13.84 12.58
CA ASP D 366 -56.52 -13.31 13.56
C ASP D 366 -57.67 -14.30 13.74
N MET D 367 -57.88 -14.74 14.97
CA MET D 367 -59.02 -15.61 15.29
C MET D 367 -60.39 -15.06 14.88
N ASP D 368 -60.58 -13.75 15.00
CA ASP D 368 -61.84 -13.13 14.58
C ASP D 368 -62.02 -13.15 13.06
N VAL D 369 -60.93 -13.28 12.33
CA VAL D 369 -60.99 -13.28 10.87
C VAL D 369 -61.12 -14.70 10.34
N ASP D 370 -60.16 -15.56 10.68
CA ASP D 370 -60.28 -16.96 10.30
C ASP D 370 -59.57 -17.81 11.32
N PRO D 371 -60.35 -18.33 12.28
CA PRO D 371 -59.79 -19.15 13.34
C PRO D 371 -59.15 -20.42 12.78
N PHE D 372 -59.65 -20.87 11.64
CA PHE D 372 -59.17 -22.12 11.05
C PHE D 372 -57.78 -22.03 10.42
N ALA D 373 -57.44 -20.87 9.89
CA ALA D 373 -56.08 -20.67 9.41
C ALA D 373 -55.11 -21.02 10.55
N ILE D 374 -55.38 -20.52 11.75
CA ILE D 374 -54.51 -20.81 12.88
C ILE D 374 -54.60 -22.29 13.30
N GLN D 375 -55.82 -22.76 13.52
CA GLN D 375 -56.04 -24.11 14.00
C GLN D 375 -55.38 -25.20 13.13
N CYS D 376 -55.61 -25.16 11.82
CA CYS D 376 -55.02 -26.15 10.90
C CYS D 376 -53.51 -26.09 10.87
N LEU D 377 -52.97 -24.88 10.88
CA LEU D 377 -51.52 -24.68 10.94
C LEU D 377 -50.95 -25.18 12.26
N ASP D 378 -51.60 -24.81 13.36
CA ASP D 378 -51.18 -25.24 14.68
C ASP D 378 -51.13 -26.78 14.79
N GLU D 379 -52.21 -27.44 14.44
CA GLU D 379 -52.26 -28.91 14.45
C GLU D 379 -51.26 -29.55 13.50
N HIS D 380 -51.14 -28.99 12.29
CA HIS D 380 -50.23 -29.51 11.29
C HIS D 380 -48.75 -29.51 11.74
N LEU D 381 -48.33 -28.40 12.34
CA LEU D 381 -46.94 -28.25 12.79
C LEU D 381 -46.62 -29.13 13.99
N ARG D 382 -47.55 -29.23 14.94
CA ARG D 382 -47.36 -30.10 16.09
C ARG D 382 -47.22 -31.54 15.62
N ARG D 383 -48.17 -31.99 14.80
CA ARG D 383 -48.14 -33.36 14.29
C ARG D 383 -46.85 -33.66 13.55
N LYS D 384 -46.41 -32.73 12.72
CA LYS D 384 -45.23 -32.93 11.90
C LYS D 384 -43.96 -32.89 12.76
N ALA D 385 -44.02 -32.18 13.88
CA ALA D 385 -42.90 -32.14 14.83
C ALA D 385 -42.81 -33.46 15.59
N LEU D 386 -43.96 -34.08 15.85
CA LEU D 386 -44.01 -35.34 16.61
C LEU D 386 -43.58 -36.51 15.75
N GLU D 387 -43.78 -36.40 14.44
CA GLU D 387 -43.14 -37.33 13.49
C GLU D 387 -41.63 -37.12 13.52
#